data_4L0U
#
_entry.id   4L0U
#
_cell.length_a   70.550
_cell.length_b   149.590
_cell.length_c   131.910
_cell.angle_alpha   90.00
_cell.angle_beta   104.88
_cell.angle_gamma   90.00
#
_symmetry.space_group_name_H-M   'P 1 21 1'
#
loop_
_entity.id
_entity.type
_entity.pdbx_description
1 polymer '2-Cys peroxiredoxin, putative'
2 non-polymer 'ACETATE ION'
3 water water
#
_entity_poly.entity_id   1
_entity_poly.type   'polypeptide(L)'
_entity_poly.pdbx_seq_one_letter_code
;MGSSHHHHHHSSGLVPRGSPTYVGKEAPFFKAEAVFGDNSFGEVNLTQFIGKKYVLLYFYPLDFTFVCPSEIIALDKALD
AFHERNVELLGCSVDSKYTHLAWKKTPLAKGGIGNIKHTLLSDITKSISKDYNVLFDDSVSLRAFVLIDMNGIVQHLLVN
NLAIGRSVDEILRIIDAIQHHEKYGDVCPANWQKGKVSMKPSEEGVAQYLSTL
;
_entity_poly.pdbx_strand_id   A,B,C,D,E,F,G,H,I,J
#
# COMPACT_ATOMS: atom_id res chain seq x y z
N PRO A 20 -14.99 2.29 22.94
CA PRO A 20 -16.34 2.85 23.18
C PRO A 20 -17.21 1.80 23.88
N THR A 21 -17.67 2.08 25.10
CA THR A 21 -18.46 1.11 25.84
C THR A 21 -19.83 0.82 25.24
N TYR A 22 -20.40 -0.31 25.67
CA TYR A 22 -21.73 -0.77 25.30
C TYR A 22 -22.80 -0.32 26.31
N VAL A 23 -22.42 0.34 27.43
CA VAL A 23 -23.36 0.79 28.45
C VAL A 23 -24.24 1.92 27.86
N GLY A 24 -25.55 1.70 27.91
CA GLY A 24 -26.53 2.61 27.32
C GLY A 24 -26.83 2.32 25.86
N LYS A 25 -26.10 1.36 25.28
CA LYS A 25 -26.24 0.91 23.90
C LYS A 25 -26.72 -0.56 23.95
N GLU A 26 -27.04 -1.15 22.79
CA GLU A 26 -27.44 -2.55 22.69
C GLU A 26 -26.31 -3.45 23.21
N ALA A 27 -26.69 -4.50 23.96
CA ALA A 27 -25.73 -5.41 24.55
C ALA A 27 -25.12 -6.31 23.48
N PRO A 28 -23.79 -6.60 23.52
CA PRO A 28 -23.21 -7.50 22.53
C PRO A 28 -23.91 -8.84 22.50
N PHE A 29 -24.15 -9.35 21.30
CA PHE A 29 -24.80 -10.63 21.13
C PHE A 29 -23.90 -11.77 21.59
N PHE A 30 -24.51 -12.83 22.12
CA PHE A 30 -23.86 -14.08 22.49
C PHE A 30 -24.84 -15.21 22.16
N LYS A 31 -24.28 -16.41 21.92
CA LYS A 31 -25.00 -17.65 21.62
C LYS A 31 -24.11 -18.75 22.18
N ALA A 32 -24.28 -19.06 23.46
CA ALA A 32 -23.43 -20.00 24.17
C ALA A 32 -24.10 -21.35 24.44
N GLU A 33 -23.26 -22.40 24.62
CA GLU A 33 -23.74 -23.69 25.10
C GLU A 33 -23.94 -23.45 26.61
N ALA A 34 -24.88 -24.18 27.23
CA ALA A 34 -25.17 -23.97 28.63
C ALA A 34 -25.66 -25.23 29.33
N VAL A 35 -25.60 -25.20 30.68
CA VAL A 35 -26.11 -26.25 31.54
C VAL A 35 -27.30 -25.68 32.27
N PHE A 36 -28.47 -26.28 32.07
CA PHE A 36 -29.73 -25.83 32.66
C PHE A 36 -29.90 -26.37 34.06
N GLY A 37 -30.88 -25.82 34.78
CA GLY A 37 -31.23 -26.18 36.16
C GLY A 37 -31.47 -27.67 36.36
N ASP A 38 -32.14 -28.30 35.37
CA ASP A 38 -32.42 -29.74 35.34
C ASP A 38 -31.19 -30.58 35.01
N ASN A 39 -30.02 -29.98 34.82
CA ASN A 39 -28.74 -30.61 34.51
C ASN A 39 -28.59 -31.09 33.09
N SER A 40 -29.47 -30.61 32.19
CA SER A 40 -29.40 -30.93 30.77
C SER A 40 -28.59 -29.88 30.06
N PHE A 41 -28.18 -30.21 28.83
CA PHE A 41 -27.43 -29.31 27.98
C PHE A 41 -28.35 -28.65 26.93
N GLY A 42 -27.91 -27.50 26.47
CA GLY A 42 -28.60 -26.73 25.44
C GLY A 42 -27.88 -25.45 25.09
N GLU A 43 -28.58 -24.55 24.40
CA GLU A 43 -28.02 -23.29 23.97
C GLU A 43 -28.87 -22.16 24.49
N VAL A 44 -28.23 -21.01 24.71
CA VAL A 44 -28.89 -19.79 25.12
C VAL A 44 -28.31 -18.72 24.25
N ASN A 45 -29.16 -17.83 23.73
CA ASN A 45 -28.69 -16.65 23.01
C ASN A 45 -29.44 -15.40 23.49
N LEU A 46 -28.76 -14.25 23.47
CA LEU A 46 -29.32 -12.96 23.93
C LEU A 46 -30.71 -12.64 23.36
N THR A 47 -30.90 -12.90 22.06
CA THR A 47 -32.14 -12.63 21.32
C THR A 47 -33.40 -13.31 21.89
N GLN A 48 -33.25 -14.42 22.65
CA GLN A 48 -34.36 -15.10 23.32
C GLN A 48 -35.13 -14.17 24.30
N PHE A 49 -34.40 -13.24 24.98
CA PHE A 49 -34.94 -12.39 26.05
C PHE A 49 -35.50 -11.03 25.65
N ILE A 50 -35.19 -10.52 24.45
CA ILE A 50 -35.68 -9.19 24.04
C ILE A 50 -37.22 -9.11 24.03
N GLY A 51 -37.74 -8.07 24.70
CA GLY A 51 -39.16 -7.83 24.85
C GLY A 51 -39.87 -8.87 25.72
N LYS A 52 -39.10 -9.61 26.54
CA LYS A 52 -39.62 -10.69 27.39
C LYS A 52 -39.07 -10.68 28.81
N LYS A 53 -37.75 -10.61 28.96
CA LYS A 53 -37.12 -10.63 30.28
C LYS A 53 -35.92 -9.68 30.39
N TYR A 54 -35.61 -9.27 31.62
CA TYR A 54 -34.40 -8.54 31.94
C TYR A 54 -33.39 -9.66 32.08
N VAL A 55 -32.13 -9.41 31.83
CA VAL A 55 -31.11 -10.43 32.00
C VAL A 55 -30.07 -9.90 32.96
N LEU A 56 -29.73 -10.69 33.98
CA LEU A 56 -28.60 -10.39 34.87
C LEU A 56 -27.54 -11.43 34.50
N LEU A 57 -26.56 -11.02 33.70
CA LEU A 57 -25.46 -11.89 33.26
C LEU A 57 -24.28 -11.65 34.17
N TYR A 58 -23.80 -12.68 34.88
CA TYR A 58 -22.60 -12.50 35.70
C TYR A 58 -21.45 -13.39 35.19
N PHE A 59 -20.24 -12.88 35.40
CA PHE A 59 -19.02 -13.57 34.98
C PHE A 59 -18.24 -13.89 36.24
N TYR A 60 -17.53 -15.01 36.24
CA TYR A 60 -16.65 -15.43 37.32
C TYR A 60 -15.55 -16.16 36.62
N PRO A 61 -14.33 -16.18 37.18
CA PRO A 61 -13.20 -16.75 36.43
C PRO A 61 -13.16 -18.24 36.15
N LEU A 62 -13.27 -19.04 37.20
CA LEU A 62 -13.10 -20.48 37.12
C LEU A 62 -13.96 -21.29 38.09
N ASP A 63 -14.34 -22.49 37.65
CA ASP A 63 -15.03 -23.52 38.42
C ASP A 63 -13.92 -24.29 39.17
N PHE A 64 -14.30 -25.02 40.20
CA PHE A 64 -13.45 -25.89 41.00
C PHE A 64 -12.31 -25.24 41.80
N THR A 65 -12.36 -23.91 42.04
CA THR A 65 -11.44 -23.18 42.94
C THR A 65 -12.19 -23.09 44.27
N PHE A 66 -11.51 -22.89 45.40
CA PHE A 66 -12.25 -22.74 46.67
C PHE A 66 -12.46 -21.27 47.04
N VAL A 67 -12.30 -20.39 46.05
CA VAL A 67 -12.53 -18.98 46.19
C VAL A 67 -13.97 -18.77 45.71
N CYS A 68 -14.83 -18.41 46.63
CA CYS A 68 -16.17 -17.95 46.31
C CYS A 68 -17.26 -18.80 45.61
N PRO A 69 -17.34 -20.10 45.80
CA PRO A 69 -18.53 -20.80 45.23
C PRO A 69 -19.84 -20.32 45.90
N SER A 70 -19.71 -19.77 47.11
CA SER A 70 -20.75 -19.17 47.94
C SER A 70 -21.55 -18.06 47.23
N GLU A 71 -20.91 -17.29 46.32
CA GLU A 71 -21.60 -16.22 45.57
C GLU A 71 -22.62 -16.85 44.61
N ILE A 72 -22.24 -17.91 43.91
CA ILE A 72 -23.13 -18.62 42.99
C ILE A 72 -24.28 -19.26 43.78
N ILE A 73 -23.95 -19.86 44.93
CA ILE A 73 -24.95 -20.52 45.76
C ILE A 73 -25.97 -19.52 46.33
N ALA A 74 -25.49 -18.35 46.76
CA ALA A 74 -26.30 -17.27 47.31
C ALA A 74 -27.23 -16.68 46.26
N LEU A 75 -26.72 -16.46 45.06
CA LEU A 75 -27.48 -15.96 43.92
C LEU A 75 -28.64 -16.89 43.58
N ASP A 76 -28.38 -18.23 43.61
CA ASP A 76 -29.43 -19.22 43.35
C ASP A 76 -30.47 -19.25 44.47
N LYS A 77 -30.06 -19.02 45.72
CA LYS A 77 -31.00 -18.94 46.82
C LYS A 77 -32.00 -17.79 46.61
N ALA A 78 -31.58 -16.70 45.95
CA ALA A 78 -32.42 -15.54 45.62
C ALA A 78 -33.17 -15.63 44.25
N LEU A 79 -33.26 -16.83 43.60
CA LEU A 79 -33.91 -16.93 42.28
C LEU A 79 -35.36 -16.45 42.23
N ASP A 80 -36.15 -16.72 43.28
CA ASP A 80 -37.54 -16.25 43.36
C ASP A 80 -37.58 -14.71 43.32
N ALA A 81 -36.66 -14.06 44.07
CA ALA A 81 -36.53 -12.60 44.06
C ALA A 81 -36.19 -12.12 42.67
N PHE A 82 -35.33 -12.84 41.95
CA PHE A 82 -35.00 -12.48 40.58
C PHE A 82 -36.21 -12.65 39.66
N HIS A 83 -36.93 -13.74 39.76
CA HIS A 83 -38.11 -13.97 38.93
C HIS A 83 -39.24 -12.99 39.19
N GLU A 84 -39.40 -12.57 40.43
CA GLU A 84 -40.39 -11.55 40.80
C GLU A 84 -40.17 -10.25 40.02
N ARG A 85 -38.90 -9.86 39.75
CA ARG A 85 -38.56 -8.65 38.97
C ARG A 85 -38.49 -8.97 37.47
N ASN A 86 -38.85 -10.21 37.05
CA ASN A 86 -38.77 -10.66 35.66
C ASN A 86 -37.33 -10.59 35.14
N VAL A 87 -36.35 -11.11 35.93
CA VAL A 87 -34.96 -11.16 35.49
C VAL A 87 -34.51 -12.62 35.41
N GLU A 88 -33.80 -12.92 34.32
CA GLU A 88 -33.18 -14.19 34.04
C GLU A 88 -31.76 -14.08 34.56
N LEU A 89 -31.34 -15.01 35.43
CA LEU A 89 -30.00 -15.02 35.99
C LEU A 89 -29.18 -16.03 35.18
N LEU A 90 -28.09 -15.57 34.54
CA LEU A 90 -27.23 -16.41 33.74
C LEU A 90 -25.83 -16.23 34.22
N GLY A 91 -25.16 -17.31 34.61
CA GLY A 91 -23.78 -17.27 35.07
C GLY A 91 -22.91 -17.60 33.89
N CYS A 92 -21.64 -17.22 33.93
CA CYS A 92 -20.77 -17.49 32.77
C CYS A 92 -19.31 -17.55 33.12
N SER A 93 -18.63 -18.56 32.60
CA SER A 93 -17.18 -18.68 32.71
C SER A 93 -16.65 -19.37 31.49
N VAL A 94 -15.32 -19.32 31.35
CA VAL A 94 -14.65 -19.93 30.20
C VAL A 94 -14.54 -21.46 30.29
N ASP A 95 -15.05 -22.08 31.36
CA ASP A 95 -15.02 -23.53 31.51
C ASP A 95 -16.02 -24.16 30.55
N SER A 96 -15.79 -25.42 30.17
CA SER A 96 -16.74 -26.16 29.33
C SER A 96 -18.05 -26.46 30.07
N LYS A 97 -19.06 -26.88 29.33
CA LYS A 97 -20.34 -27.28 29.90
C LYS A 97 -20.18 -28.55 30.76
N TYR A 98 -19.26 -29.43 30.36
CA TYR A 98 -18.94 -30.65 31.11
C TYR A 98 -18.36 -30.32 32.48
N THR A 99 -17.56 -29.24 32.57
CA THR A 99 -16.97 -28.79 33.83
C THR A 99 -18.05 -28.18 34.70
N HIS A 100 -18.95 -27.39 34.10
CA HIS A 100 -20.10 -26.82 34.81
C HIS A 100 -20.94 -27.92 35.42
N LEU A 101 -21.34 -28.91 34.63
CA LEU A 101 -22.14 -30.05 35.12
C LEU A 101 -21.42 -30.79 36.25
N ALA A 102 -20.16 -31.09 36.07
CA ALA A 102 -19.37 -31.77 37.10
C ALA A 102 -19.35 -30.98 38.41
N TRP A 103 -19.31 -29.63 38.33
CA TRP A 103 -19.24 -28.78 39.51
C TRP A 103 -20.53 -28.80 40.31
N LYS A 104 -21.67 -28.93 39.61
CA LYS A 104 -23.00 -29.05 40.21
C LYS A 104 -23.16 -30.41 40.87
N LYS A 105 -22.56 -31.45 40.28
CA LYS A 105 -22.59 -32.82 40.80
C LYS A 105 -21.59 -33.06 41.96
N THR A 106 -20.76 -32.06 42.31
CA THR A 106 -19.80 -32.17 43.39
C THR A 106 -20.47 -31.72 44.69
N PRO A 107 -20.29 -32.46 45.80
CA PRO A 107 -20.89 -32.02 47.07
C PRO A 107 -20.30 -30.70 47.55
N LEU A 108 -21.14 -29.92 48.26
CA LEU A 108 -20.81 -28.59 48.76
C LEU A 108 -19.59 -28.60 49.65
N ALA A 109 -19.39 -29.67 50.41
CA ALA A 109 -18.27 -29.84 51.33
C ALA A 109 -16.94 -30.10 50.62
N LYS A 110 -16.97 -30.47 49.33
CA LYS A 110 -15.78 -30.70 48.53
C LYS A 110 -15.57 -29.50 47.59
N GLY A 111 -16.29 -28.41 47.80
CA GLY A 111 -16.18 -27.21 46.98
C GLY A 111 -17.16 -27.04 45.83
N GLY A 112 -18.10 -27.97 45.68
CA GLY A 112 -19.09 -27.89 44.61
C GLY A 112 -20.17 -26.84 44.82
N ILE A 113 -20.98 -26.56 43.78
CA ILE A 113 -22.05 -25.55 43.84
C ILE A 113 -23.44 -26.17 44.04
N GLY A 114 -23.55 -27.48 43.90
CA GLY A 114 -24.84 -28.16 44.04
C GLY A 114 -25.74 -27.96 42.85
N ASN A 115 -26.97 -28.44 42.97
CA ASN A 115 -27.93 -28.39 41.89
C ASN A 115 -28.67 -27.07 41.83
N ILE A 116 -27.94 -26.02 41.40
CA ILE A 116 -28.50 -24.69 41.19
C ILE A 116 -29.53 -24.73 40.07
N LYS A 117 -30.64 -24.01 40.25
CA LYS A 117 -31.70 -23.95 39.24
C LYS A 117 -31.41 -22.96 38.11
N HIS A 118 -30.56 -21.93 38.31
CA HIS A 118 -30.25 -20.99 37.23
C HIS A 118 -29.25 -21.61 36.22
N THR A 119 -29.17 -21.02 35.02
CA THR A 119 -28.36 -21.50 33.92
C THR A 119 -26.91 -20.99 33.95
N LEU A 120 -25.95 -21.87 33.58
CA LEU A 120 -24.51 -21.55 33.50
C LEU A 120 -24.07 -21.70 32.07
N LEU A 121 -23.60 -20.61 31.49
CA LEU A 121 -23.13 -20.57 30.13
C LEU A 121 -21.66 -20.94 30.12
N SER A 122 -21.27 -21.66 29.07
CA SER A 122 -19.91 -22.06 28.80
C SER A 122 -19.36 -21.09 27.75
N ASP A 123 -18.31 -20.34 28.11
CA ASP A 123 -17.66 -19.40 27.20
C ASP A 123 -16.33 -20.03 26.77
N ILE A 124 -16.40 -21.26 26.27
CA ILE A 124 -15.22 -22.08 25.89
C ILE A 124 -14.28 -21.40 24.86
N THR A 125 -14.81 -20.59 23.94
CA THR A 125 -13.97 -19.87 22.96
C THR A 125 -13.37 -18.57 23.55
N LYS A 126 -13.96 -18.05 24.66
CA LYS A 126 -13.64 -16.81 25.36
C LYS A 126 -14.18 -15.57 24.62
N SER A 127 -15.05 -15.75 23.64
CA SER A 127 -15.58 -14.66 22.83
C SER A 127 -16.59 -13.82 23.57
N ILE A 128 -17.33 -14.42 24.50
CA ILE A 128 -18.32 -13.69 25.28
C ILE A 128 -17.61 -12.75 26.27
N SER A 129 -16.60 -13.23 27.00
CA SER A 129 -15.81 -12.39 27.92
C SER A 129 -15.07 -11.27 27.15
N LYS A 130 -14.57 -11.57 25.93
CA LYS A 130 -13.89 -10.57 25.07
C LYS A 130 -14.85 -9.45 24.62
N ASP A 131 -16.05 -9.83 24.15
CA ASP A 131 -17.09 -8.88 23.70
C ASP A 131 -17.65 -8.05 24.87
N TYR A 132 -17.70 -8.61 26.09
CA TYR A 132 -18.15 -7.86 27.25
C TYR A 132 -17.00 -7.10 27.94
N ASN A 133 -15.75 -7.19 27.42
CA ASN A 133 -14.57 -6.50 27.93
C ASN A 133 -14.30 -6.83 29.38
N VAL A 134 -14.39 -8.12 29.70
CA VAL A 134 -14.12 -8.67 31.03
C VAL A 134 -13.07 -9.80 31.00
N LEU A 135 -12.47 -10.13 29.84
CA LEU A 135 -11.44 -11.15 29.77
C LEU A 135 -10.10 -10.56 30.22
N PHE A 136 -9.45 -11.22 31.18
CA PHE A 136 -8.15 -10.85 31.72
C PHE A 136 -7.08 -11.75 31.14
N ASP A 137 -5.98 -11.18 30.62
CA ASP A 137 -4.79 -11.90 30.07
C ASP A 137 -5.11 -13.07 29.15
N ASP A 138 -6.15 -12.92 28.31
CA ASP A 138 -6.56 -13.95 27.34
C ASP A 138 -6.71 -15.33 27.97
N SER A 139 -7.17 -15.40 29.23
CA SER A 139 -7.30 -16.65 29.98
C SER A 139 -8.69 -16.81 30.60
N VAL A 140 -9.01 -16.00 31.61
CA VAL A 140 -10.25 -16.11 32.36
C VAL A 140 -10.91 -14.74 32.48
N SER A 141 -12.22 -14.73 32.73
CA SER A 141 -12.96 -13.49 32.93
C SER A 141 -12.75 -12.98 34.35
N LEU A 142 -12.97 -11.68 34.55
CA LEU A 142 -12.91 -11.07 35.87
C LEU A 142 -14.34 -11.25 36.41
N ARG A 143 -14.53 -10.97 37.70
CA ARG A 143 -15.85 -11.09 38.34
C ARG A 143 -16.68 -9.87 37.95
N ALA A 144 -17.76 -10.09 37.17
CA ALA A 144 -18.57 -9.00 36.65
C ALA A 144 -20.05 -9.27 36.66
N PHE A 145 -20.83 -8.19 36.64
CA PHE A 145 -22.30 -8.22 36.57
C PHE A 145 -22.77 -7.30 35.48
N VAL A 146 -23.64 -7.78 34.59
CA VAL A 146 -24.20 -6.96 33.52
C VAL A 146 -25.71 -7.07 33.54
N LEU A 147 -26.42 -5.93 33.72
CA LEU A 147 -27.88 -5.93 33.70
C LEU A 147 -28.33 -5.41 32.38
N ILE A 148 -29.17 -6.20 31.70
CA ILE A 148 -29.75 -5.86 30.40
C ILE A 148 -31.27 -5.75 30.55
N ASP A 149 -31.84 -4.64 30.07
CA ASP A 149 -33.29 -4.41 30.11
C ASP A 149 -34.03 -5.18 29.01
N MET A 150 -35.37 -5.10 29.00
CA MET A 150 -36.21 -5.80 28.01
C MET A 150 -36.07 -5.31 26.57
N ASN A 151 -35.48 -4.13 26.35
CA ASN A 151 -35.19 -3.63 25.00
C ASN A 151 -33.74 -3.97 24.61
N GLY A 152 -33.05 -4.79 25.39
CA GLY A 152 -31.70 -5.23 25.10
C GLY A 152 -30.57 -4.24 25.31
N ILE A 153 -30.81 -3.18 26.12
CA ILE A 153 -29.80 -2.16 26.40
C ILE A 153 -29.14 -2.40 27.74
N VAL A 154 -27.79 -2.26 27.79
CA VAL A 154 -27.03 -2.43 29.03
C VAL A 154 -27.23 -1.20 29.89
N GLN A 155 -27.85 -1.36 31.06
CA GLN A 155 -28.12 -0.23 31.97
C GLN A 155 -27.14 -0.15 33.11
N HIS A 156 -26.47 -1.28 33.45
CA HIS A 156 -25.53 -1.33 34.56
C HIS A 156 -24.42 -2.34 34.31
N LEU A 157 -23.21 -1.98 34.67
CA LEU A 157 -22.05 -2.82 34.55
C LEU A 157 -21.21 -2.74 35.82
N LEU A 158 -20.81 -3.89 36.37
CA LEU A 158 -19.88 -3.93 37.51
C LEU A 158 -18.75 -4.90 37.21
N VAL A 159 -17.51 -4.49 37.43
CA VAL A 159 -16.32 -5.33 37.20
C VAL A 159 -15.41 -5.21 38.42
N ASN A 160 -15.10 -6.35 39.06
CA ASN A 160 -14.18 -6.41 40.21
C ASN A 160 -12.95 -7.26 39.88
N ASN A 161 -11.76 -6.74 40.13
CA ASN A 161 -10.53 -7.50 39.92
C ASN A 161 -10.30 -8.50 41.07
N LEU A 162 -10.87 -8.22 42.24
CA LEU A 162 -10.71 -9.08 43.41
C LEU A 162 -11.99 -9.84 43.74
N ALA A 163 -11.82 -10.89 44.56
CA ALA A 163 -12.88 -11.78 44.99
C ALA A 163 -13.49 -11.26 46.30
N ILE A 164 -14.02 -10.03 46.27
CA ILE A 164 -14.65 -9.39 47.42
C ILE A 164 -16.14 -9.77 47.53
N GLY A 165 -16.69 -10.32 46.45
CA GLY A 165 -18.08 -10.73 46.42
C GLY A 165 -19.05 -9.58 46.32
N ARG A 166 -20.35 -9.91 46.19
CA ARG A 166 -21.42 -8.92 46.10
C ARG A 166 -22.72 -9.42 46.71
N SER A 167 -23.30 -8.69 47.67
CA SER A 167 -24.56 -9.10 48.31
C SER A 167 -25.70 -9.18 47.31
N VAL A 168 -26.64 -10.13 47.51
CA VAL A 168 -27.83 -10.20 46.67
C VAL A 168 -28.70 -8.96 46.93
N ASP A 169 -28.65 -8.44 48.16
CA ASP A 169 -29.38 -7.23 48.56
C ASP A 169 -28.97 -6.03 47.71
N GLU A 170 -27.66 -5.85 47.50
CA GLU A 170 -27.10 -4.78 46.67
C GLU A 170 -27.59 -4.94 45.20
N ILE A 171 -27.51 -6.15 44.67
CA ILE A 171 -27.93 -6.45 43.29
C ILE A 171 -29.42 -6.14 43.08
N LEU A 172 -30.26 -6.59 44.00
CA LEU A 172 -31.70 -6.39 43.92
C LEU A 172 -32.08 -4.93 44.11
N ARG A 173 -31.28 -4.15 44.88
CA ARG A 173 -31.52 -2.71 45.04
C ARG A 173 -31.35 -2.00 43.69
N ILE A 174 -30.28 -2.36 42.96
CA ILE A 174 -29.94 -1.76 41.65
C ILE A 174 -31.05 -2.06 40.66
N ILE A 175 -31.49 -3.31 40.60
CA ILE A 175 -32.56 -3.75 39.71
C ILE A 175 -33.84 -2.97 40.01
N ASP A 176 -34.21 -2.89 41.28
CA ASP A 176 -35.40 -2.14 41.69
C ASP A 176 -35.30 -0.68 41.29
N ALA A 177 -34.12 -0.06 41.53
CA ALA A 177 -33.87 1.34 41.18
C ALA A 177 -33.92 1.56 39.67
N ILE A 178 -33.36 0.62 38.88
CA ILE A 178 -33.37 0.74 37.41
C ILE A 178 -34.79 0.60 36.87
N GLN A 179 -35.53 -0.40 37.35
CA GLN A 179 -36.92 -0.63 36.94
C GLN A 179 -37.85 0.52 37.36
N HIS A 180 -37.59 1.14 38.53
CA HIS A 180 -38.37 2.28 39.01
C HIS A 180 -38.09 3.49 38.12
N HIS A 181 -36.80 3.74 37.83
CA HIS A 181 -36.40 4.84 36.97
C HIS A 181 -36.97 4.68 35.55
N GLU A 182 -37.07 3.44 35.06
CA GLU A 182 -37.63 3.15 33.72
C GLU A 182 -39.14 3.44 33.67
N LYS A 183 -39.84 3.37 34.81
CA LYS A 183 -41.28 3.62 34.91
C LYS A 183 -41.62 5.08 35.17
N TYR A 184 -40.89 5.75 36.12
CA TYR A 184 -41.14 7.13 36.56
C TYR A 184 -40.08 8.20 36.22
N GLY A 185 -39.02 7.86 35.49
CA GLY A 185 -37.96 8.82 35.17
C GLY A 185 -37.12 9.15 36.39
N ASP A 186 -36.36 10.25 36.34
CA ASP A 186 -35.48 10.63 37.48
C ASP A 186 -36.19 11.61 38.43
N VAL A 187 -36.46 11.15 39.69
CA VAL A 187 -37.10 11.95 40.72
C VAL A 187 -36.50 11.61 42.10
N PRO B 20 -8.97 -3.93 25.08
CA PRO B 20 -8.93 -4.72 26.33
C PRO B 20 -9.13 -3.86 27.56
N THR B 21 -9.74 -4.43 28.60
CA THR B 21 -10.02 -3.69 29.83
C THR B 21 -8.77 -3.32 30.60
N TYR B 22 -8.85 -2.24 31.38
CA TYR B 22 -7.75 -1.78 32.23
C TYR B 22 -7.97 -2.27 33.65
N VAL B 23 -9.08 -3.00 33.93
CA VAL B 23 -9.36 -3.52 35.28
C VAL B 23 -8.34 -4.61 35.56
N GLY B 24 -7.69 -4.51 36.71
CA GLY B 24 -6.60 -5.41 37.11
C GLY B 24 -5.26 -5.08 36.48
N LYS B 25 -5.19 -4.01 35.68
CA LYS B 25 -3.99 -3.54 35.00
C LYS B 25 -3.81 -2.08 35.42
N GLU B 26 -2.70 -1.43 34.99
CA GLU B 26 -2.43 -0.04 35.39
C GLU B 26 -3.48 0.95 34.86
N ALA B 27 -3.88 1.90 35.71
CA ALA B 27 -4.91 2.87 35.36
C ALA B 27 -4.44 3.84 34.28
N PRO B 28 -5.29 4.10 33.24
CA PRO B 28 -4.90 5.08 32.22
C PRO B 28 -4.51 6.40 32.86
N PHE B 29 -3.42 7.00 32.38
CA PHE B 29 -2.95 8.26 32.92
C PHE B 29 -3.89 9.42 32.55
N PHE B 30 -4.02 10.39 33.48
CA PHE B 30 -4.78 11.61 33.26
C PHE B 30 -4.08 12.83 33.86
N LYS B 31 -4.36 13.99 33.28
CA LYS B 31 -3.95 15.30 33.75
C LYS B 31 -5.10 16.24 33.38
N ALA B 32 -5.70 16.87 34.36
CA ALA B 32 -6.83 17.77 34.11
C ALA B 32 -6.72 18.99 34.96
N GLU B 33 -7.30 20.08 34.46
CA GLU B 33 -7.45 21.30 35.21
C GLU B 33 -8.56 20.99 36.24
N ALA B 34 -8.45 21.54 37.44
CA ALA B 34 -9.42 21.24 38.49
C ALA B 34 -9.82 22.46 39.30
N VAL B 35 -10.97 22.33 39.98
CA VAL B 35 -11.52 23.33 40.90
C VAL B 35 -11.40 22.71 42.27
N PHE B 36 -10.53 23.27 43.14
CA PHE B 36 -10.35 22.75 44.49
C PHE B 36 -11.43 23.23 45.44
N GLY B 37 -11.45 22.65 46.64
CA GLY B 37 -12.38 22.97 47.72
C GLY B 37 -12.46 24.44 48.09
N ASP B 38 -11.32 25.16 47.98
CA ASP B 38 -11.26 26.61 48.25
C ASP B 38 -11.65 27.49 47.04
N ASN B 39 -12.25 26.87 45.98
CA ASN B 39 -12.71 27.50 44.75
C ASN B 39 -11.58 28.04 43.85
N SER B 40 -10.33 27.59 44.08
CA SER B 40 -9.19 28.00 43.27
C SER B 40 -8.98 27.02 42.14
N PHE B 41 -8.30 27.48 41.10
CA PHE B 41 -8.03 26.68 39.92
C PHE B 41 -6.62 26.09 39.99
N GLY B 42 -6.48 24.89 39.50
CA GLY B 42 -5.19 24.22 39.47
C GLY B 42 -5.18 23.04 38.52
N GLU B 43 -4.41 22.03 38.87
CA GLU B 43 -4.24 20.87 38.03
C GLU B 43 -3.96 19.62 38.89
N VAL B 44 -4.55 18.48 38.50
CA VAL B 44 -4.38 17.20 39.17
C VAL B 44 -3.94 16.20 38.12
N ASN B 45 -2.87 15.44 38.38
CA ASN B 45 -2.42 14.38 37.48
C ASN B 45 -2.41 13.07 38.27
N LEU B 46 -2.63 11.94 37.59
CA LEU B 46 -2.67 10.64 38.24
C LEU B 46 -1.41 10.23 39.02
N THR B 47 -0.21 10.51 38.48
CA THR B 47 1.03 10.09 39.16
C THR B 47 1.35 10.78 40.52
N GLN B 48 0.64 11.88 40.88
CA GLN B 48 0.87 12.53 42.18
C GLN B 48 0.41 11.71 43.40
N PHE B 49 -0.49 10.73 43.17
CA PHE B 49 -1.05 9.83 44.19
C PHE B 49 -0.36 8.45 44.24
N ILE B 50 0.35 8.04 43.14
CA ILE B 50 0.98 6.72 43.05
C ILE B 50 2.05 6.52 44.15
N GLY B 51 1.82 5.49 44.98
CA GLY B 51 2.63 5.14 46.13
C GLY B 51 2.25 5.89 47.39
N LYS B 52 1.23 6.77 47.31
CA LYS B 52 0.84 7.64 48.42
C LYS B 52 -0.61 7.46 48.82
N LYS B 53 -1.56 7.56 47.87
CA LYS B 53 -2.99 7.41 48.16
C LYS B 53 -3.69 6.48 47.18
N TYR B 54 -4.87 5.96 47.58
CA TYR B 54 -5.80 5.24 46.69
C TYR B 54 -6.60 6.39 46.04
N VAL B 55 -7.14 6.18 44.84
CA VAL B 55 -7.93 7.23 44.19
C VAL B 55 -9.29 6.70 43.88
N LEU B 56 -10.34 7.40 44.32
CA LEU B 56 -11.69 7.08 43.94
C LEU B 56 -12.10 8.14 42.91
N LEU B 57 -11.96 7.80 41.62
CA LEU B 57 -12.34 8.69 40.53
C LEU B 57 -13.80 8.42 40.17
N TYR B 58 -14.63 9.45 40.17
CA TYR B 58 -16.03 9.27 39.81
C TYR B 58 -16.39 10.26 38.69
N PHE B 59 -17.28 9.81 37.81
CA PHE B 59 -17.73 10.51 36.64
C PHE B 59 -19.18 10.73 36.71
N TYR B 60 -19.63 11.88 36.20
CA TYR B 60 -21.06 12.18 36.10
C TYR B 60 -21.23 12.92 34.81
N PRO B 61 -22.42 12.86 34.18
CA PRO B 61 -22.56 13.49 32.85
C PRO B 61 -22.40 14.99 32.79
N LEU B 62 -23.26 15.74 33.44
CA LEU B 62 -23.20 17.21 33.35
C LEU B 62 -23.54 17.95 34.65
N ASP B 63 -23.05 19.20 34.72
CA ASP B 63 -23.35 20.22 35.71
C ASP B 63 -24.62 20.88 35.26
N PHE B 64 -25.36 21.50 36.20
CA PHE B 64 -26.56 22.28 35.94
C PHE B 64 -27.77 21.52 35.32
N THR B 65 -27.81 20.21 35.44
CA THR B 65 -28.96 19.45 34.91
C THR B 65 -30.14 19.45 35.88
N PHE B 66 -31.29 18.98 35.41
CA PHE B 66 -32.50 18.88 36.24
C PHE B 66 -32.47 17.70 37.23
N VAL B 67 -31.49 16.78 37.13
CA VAL B 67 -31.29 15.68 38.09
C VAL B 67 -30.53 16.30 39.25
N CYS B 68 -31.06 16.19 40.46
CA CYS B 68 -30.42 16.79 41.63
C CYS B 68 -29.04 16.14 41.95
N PRO B 69 -28.03 16.92 42.39
CA PRO B 69 -26.71 16.32 42.66
C PRO B 69 -26.58 15.74 44.05
N SER B 70 -27.52 14.85 44.43
CA SER B 70 -27.53 14.21 45.75
C SER B 70 -26.32 13.30 45.96
N GLU B 71 -25.77 12.72 44.88
CA GLU B 71 -24.60 11.85 44.97
C GLU B 71 -23.35 12.65 45.31
N ILE B 72 -23.07 13.74 44.54
CA ILE B 72 -21.90 14.59 44.79
C ILE B 72 -21.95 15.10 46.24
N ILE B 73 -23.14 15.49 46.71
CA ILE B 73 -23.34 16.02 48.06
C ILE B 73 -23.19 14.93 49.13
N ALA B 74 -23.73 13.72 48.86
CA ALA B 74 -23.58 12.55 49.73
C ALA B 74 -22.10 12.19 49.85
N LEU B 75 -21.40 12.12 48.72
CA LEU B 75 -19.97 11.81 48.68
C LEU B 75 -19.14 12.87 49.44
N ASP B 76 -19.43 14.16 49.25
CA ASP B 76 -18.69 15.21 49.96
C ASP B 76 -18.89 15.17 51.49
N LYS B 77 -20.08 14.72 51.98
CA LYS B 77 -20.34 14.58 53.42
C LYS B 77 -19.50 13.42 54.02
N ALA B 78 -19.17 12.42 53.19
CA ALA B 78 -18.36 11.25 53.56
C ALA B 78 -16.86 11.49 53.35
N LEU B 79 -16.43 12.72 52.99
CA LEU B 79 -15.03 13.00 52.70
C LEU B 79 -14.05 12.57 53.80
N ASP B 80 -14.42 12.71 55.08
CA ASP B 80 -13.51 12.31 56.15
C ASP B 80 -13.40 10.78 56.23
N ALA B 81 -14.47 10.04 55.89
CA ALA B 81 -14.47 8.57 55.86
C ALA B 81 -13.46 8.08 54.80
N PHE B 82 -13.41 8.77 53.65
CA PHE B 82 -12.48 8.47 52.57
C PHE B 82 -11.03 8.78 52.97
N HIS B 83 -10.79 9.94 53.60
CA HIS B 83 -9.46 10.35 54.11
C HIS B 83 -8.93 9.39 55.19
N GLU B 84 -9.81 8.85 56.04
CA GLU B 84 -9.42 7.86 57.05
C GLU B 84 -8.90 6.60 56.37
N ARG B 85 -9.41 6.28 55.17
CA ARG B 85 -9.00 5.11 54.37
C ARG B 85 -7.84 5.44 53.41
N ASN B 86 -7.30 6.66 53.46
CA ASN B 86 -6.23 7.14 52.59
C ASN B 86 -6.64 7.10 51.11
N VAL B 87 -7.87 7.53 50.80
CA VAL B 87 -8.30 7.63 49.41
C VAL B 87 -8.61 9.10 49.05
N GLU B 88 -8.24 9.53 47.82
CA GLU B 88 -8.57 10.88 47.31
C GLU B 88 -9.80 10.75 46.44
N LEU B 89 -10.85 11.51 46.79
CA LEU B 89 -12.13 11.53 46.06
C LEU B 89 -12.04 12.62 44.97
N LEU B 90 -12.08 12.22 43.70
CA LEU B 90 -12.06 13.16 42.57
C LEU B 90 -13.33 12.96 41.76
N GLY B 91 -14.01 14.05 41.45
CA GLY B 91 -15.23 14.08 40.65
C GLY B 91 -14.84 14.56 39.29
N CYS B 92 -15.59 14.18 38.25
CA CYS B 92 -15.19 14.55 36.90
C CYS B 92 -16.33 14.61 35.92
N SER B 93 -16.33 15.64 35.08
CA SER B 93 -17.26 15.75 33.95
C SER B 93 -16.55 16.43 32.81
N VAL B 94 -17.19 16.40 31.65
CA VAL B 94 -16.68 17.05 30.44
C VAL B 94 -16.83 18.60 30.48
N ASP B 95 -17.51 19.14 31.51
CA ASP B 95 -17.68 20.57 31.67
C ASP B 95 -16.35 21.26 31.99
N SER B 96 -16.26 22.55 31.65
CA SER B 96 -15.07 23.37 31.93
C SER B 96 -14.97 23.70 33.43
N LYS B 97 -13.77 24.11 33.88
CA LYS B 97 -13.51 24.54 35.26
C LYS B 97 -14.38 25.74 35.66
N TYR B 98 -14.75 26.59 34.71
CA TYR B 98 -15.62 27.74 34.94
C TYR B 98 -17.03 27.33 35.27
N THR B 99 -17.54 26.29 34.58
CA THR B 99 -18.88 25.77 34.85
C THR B 99 -18.88 25.10 36.23
N HIS B 100 -17.81 24.34 36.56
CA HIS B 100 -17.68 23.72 37.89
C HIS B 100 -17.73 24.80 39.00
N LEU B 101 -16.98 25.88 38.82
CA LEU B 101 -16.96 26.98 39.80
C LEU B 101 -18.33 27.64 39.87
N ALA B 102 -18.91 27.93 38.72
CA ALA B 102 -20.25 28.51 38.65
C ALA B 102 -21.27 27.62 39.37
N TRP B 103 -21.21 26.28 39.17
CA TRP B 103 -22.11 25.33 39.85
C TRP B 103 -21.91 25.34 41.40
N LYS B 104 -20.66 25.46 41.86
CA LYS B 104 -20.35 25.58 43.30
C LYS B 104 -20.88 26.91 43.90
N LYS B 105 -20.79 28.01 43.12
CA LYS B 105 -21.28 29.34 43.52
C LYS B 105 -22.82 29.44 43.48
N THR B 106 -23.51 28.42 42.94
CA THR B 106 -24.97 28.34 42.86
C THR B 106 -25.47 27.63 44.10
N PRO B 107 -26.47 28.20 44.81
CA PRO B 107 -26.98 27.52 46.03
C PRO B 107 -27.80 26.28 45.70
N LEU B 108 -27.84 25.33 46.65
CA LEU B 108 -28.53 24.04 46.47
C LEU B 108 -30.01 24.21 46.11
N ALA B 109 -30.70 25.19 46.73
CA ALA B 109 -32.10 25.51 46.44
C ALA B 109 -32.34 25.94 44.96
N LYS B 110 -31.30 26.49 44.30
CA LYS B 110 -31.36 26.89 42.89
C LYS B 110 -30.74 25.83 41.94
N GLY B 111 -30.52 24.61 42.44
CA GLY B 111 -29.98 23.49 41.65
C GLY B 111 -28.47 23.41 41.51
N GLY B 112 -27.75 23.89 42.52
CA GLY B 112 -26.30 23.89 42.53
C GLY B 112 -25.77 22.87 43.51
N ILE B 113 -24.44 22.77 43.61
CA ILE B 113 -23.79 21.83 44.56
C ILE B 113 -23.19 22.52 45.80
N GLY B 114 -23.14 23.84 45.83
CA GLY B 114 -22.58 24.55 46.97
C GLY B 114 -21.08 24.38 47.10
N ASN B 115 -20.50 24.84 48.24
CA ASN B 115 -19.06 24.82 48.45
C ASN B 115 -18.54 23.46 48.93
N ILE B 116 -18.48 22.48 48.00
CA ILE B 116 -17.99 21.14 48.29
C ILE B 116 -16.47 21.21 48.56
N LYS B 117 -15.96 20.33 49.44
CA LYS B 117 -14.56 20.30 49.89
C LYS B 117 -13.63 19.49 48.98
N HIS B 118 -14.17 18.45 48.29
CA HIS B 118 -13.40 17.63 47.37
C HIS B 118 -13.28 18.29 45.98
N THR B 119 -12.22 17.90 45.25
CA THR B 119 -11.84 18.42 43.94
C THR B 119 -12.72 17.90 42.77
N LEU B 120 -13.01 18.78 41.79
CA LEU B 120 -13.74 18.47 40.55
C LEU B 120 -12.78 18.68 39.35
N LEU B 121 -12.58 17.64 38.53
CA LEU B 121 -11.73 17.72 37.35
C LEU B 121 -12.54 18.10 36.15
N SER B 122 -11.92 18.85 35.22
CA SER B 122 -12.57 19.27 33.99
C SER B 122 -11.98 18.41 32.89
N ASP B 123 -12.83 17.57 32.24
CA ASP B 123 -12.42 16.72 31.11
C ASP B 123 -12.95 17.35 29.80
N ILE B 124 -12.62 18.64 29.60
CA ILE B 124 -13.03 19.47 28.46
C ILE B 124 -12.74 18.83 27.10
N THR B 125 -11.57 18.19 26.95
CA THR B 125 -11.20 17.52 25.70
C THR B 125 -11.92 16.18 25.52
N LYS B 126 -12.50 15.62 26.59
CA LYS B 126 -13.17 14.32 26.63
C LYS B 126 -12.22 13.10 26.71
N SER B 127 -10.88 13.31 26.63
CA SER B 127 -9.87 12.23 26.63
C SER B 127 -9.87 11.29 27.84
N ILE B 128 -10.16 11.81 29.04
CA ILE B 128 -10.22 10.99 30.27
C ILE B 128 -11.40 10.04 30.20
N SER B 129 -12.58 10.55 29.88
CA SER B 129 -13.78 9.73 29.73
C SER B 129 -13.57 8.68 28.63
N LYS B 130 -12.84 9.05 27.54
CA LYS B 130 -12.52 8.12 26.46
C LYS B 130 -11.58 7.02 26.97
N ASP B 131 -10.53 7.39 27.70
CA ASP B 131 -9.54 6.44 28.24
C ASP B 131 -10.12 5.52 29.30
N TYR B 132 -11.04 6.05 30.13
CA TYR B 132 -11.73 5.25 31.14
C TYR B 132 -12.95 4.49 30.59
N ASN B 133 -13.28 4.63 29.29
CA ASN B 133 -14.36 3.87 28.65
C ASN B 133 -15.74 4.15 29.21
N VAL B 134 -15.98 5.40 29.51
CA VAL B 134 -17.23 5.88 30.06
C VAL B 134 -17.85 7.03 29.23
N LEU B 135 -17.26 7.37 28.04
CA LEU B 135 -17.82 8.43 27.22
C LEU B 135 -19.01 7.89 26.38
N PHE B 136 -20.14 8.60 26.44
CA PHE B 136 -21.36 8.21 25.75
C PHE B 136 -21.63 9.14 24.57
N ASP B 137 -21.89 8.56 23.36
CA ASP B 137 -22.20 9.28 22.11
C ASP B 137 -21.21 10.41 21.79
N ASP B 138 -19.92 10.23 22.14
CA ASP B 138 -18.88 11.24 21.95
C ASP B 138 -19.27 12.63 22.57
N SER B 139 -20.11 12.66 23.62
CA SER B 139 -20.65 13.88 24.21
C SER B 139 -20.37 14.04 25.69
N VAL B 140 -20.87 13.13 26.51
CA VAL B 140 -20.76 13.23 27.95
C VAL B 140 -20.44 11.89 28.56
N SER B 141 -19.93 11.90 29.78
CA SER B 141 -19.60 10.67 30.47
C SER B 141 -20.87 10.04 31.04
N LEU B 142 -20.78 8.75 31.37
CA LEU B 142 -21.86 8.03 32.03
C LEU B 142 -21.57 8.16 33.51
N ARG B 143 -22.53 7.80 34.35
CA ARG B 143 -22.29 7.81 35.80
C ARG B 143 -21.39 6.61 36.12
N ALA B 144 -20.25 6.84 36.76
CA ALA B 144 -19.30 5.78 37.02
C ALA B 144 -18.34 6.04 38.17
N PHE B 145 -17.78 4.95 38.74
CA PHE B 145 -16.82 4.97 39.83
C PHE B 145 -15.65 4.08 39.48
N VAL B 146 -14.46 4.54 39.77
CA VAL B 146 -13.24 3.77 39.52
C VAL B 146 -12.35 3.84 40.78
N LEU B 147 -11.96 2.68 41.36
CA LEU B 147 -11.05 2.67 42.49
C LEU B 147 -9.68 2.23 41.99
N ILE B 148 -8.68 3.12 42.12
CA ILE B 148 -7.28 2.90 41.76
C ILE B 148 -6.51 2.72 43.07
N ASP B 149 -5.66 1.70 43.15
CA ASP B 149 -4.90 1.43 44.38
C ASP B 149 -3.57 2.24 44.41
N MET B 150 -2.74 2.05 45.44
CA MET B 150 -1.47 2.79 45.56
C MET B 150 -0.38 2.39 44.58
N ASN B 151 -0.55 1.26 43.88
CA ASN B 151 0.35 0.83 42.82
C ASN B 151 -0.16 1.35 41.46
N GLY B 152 -1.29 2.06 41.46
CA GLY B 152 -1.89 2.59 40.24
C GLY B 152 -2.69 1.58 39.44
N ILE B 153 -3.10 0.44 40.07
CA ILE B 153 -3.89 -0.62 39.44
C ILE B 153 -5.40 -0.42 39.71
N VAL B 154 -6.24 -0.55 38.65
CA VAL B 154 -7.69 -0.42 38.81
C VAL B 154 -8.25 -1.72 39.38
N GLN B 155 -8.88 -1.67 40.57
CA GLN B 155 -9.42 -2.86 41.22
C GLN B 155 -10.93 -3.02 41.10
N HIS B 156 -11.63 -1.93 40.74
CA HIS B 156 -13.07 -1.92 40.71
C HIS B 156 -13.54 -0.85 39.71
N LEU B 157 -14.61 -1.16 38.99
CA LEU B 157 -15.23 -0.27 38.04
C LEU B 157 -16.75 -0.47 38.11
N LEU B 158 -17.49 0.60 38.28
CA LEU B 158 -18.92 0.53 38.18
C LEU B 158 -19.45 1.61 37.23
N VAL B 159 -20.29 1.20 36.29
CA VAL B 159 -20.83 2.09 35.27
C VAL B 159 -22.35 1.96 35.26
N ASN B 160 -23.03 3.08 35.46
CA ASN B 160 -24.50 3.15 35.43
C ASN B 160 -24.91 4.03 34.28
N ASN B 161 -26.00 3.66 33.62
CA ASN B 161 -26.54 4.46 32.51
C ASN B 161 -27.57 5.48 33.00
N LEU B 162 -28.33 5.14 34.05
CA LEU B 162 -29.38 5.99 34.62
C LEU B 162 -28.93 6.62 35.93
N ALA B 163 -29.68 7.63 36.40
CA ALA B 163 -29.40 8.35 37.64
C ALA B 163 -29.98 7.60 38.82
N ILE B 164 -29.35 6.49 39.19
CA ILE B 164 -29.84 5.65 40.31
C ILE B 164 -29.05 5.85 41.61
N GLY B 165 -27.88 6.49 41.52
CA GLY B 165 -27.07 6.76 42.70
C GLY B 165 -26.34 5.55 43.21
N ARG B 166 -25.60 5.73 44.31
CA ARG B 166 -24.83 4.67 44.93
C ARG B 166 -24.55 5.04 46.39
N SER B 167 -24.89 4.14 47.32
CA SER B 167 -24.72 4.42 48.75
C SER B 167 -23.25 4.58 49.10
N VAL B 168 -22.91 5.50 50.01
CA VAL B 168 -21.53 5.67 50.42
C VAL B 168 -21.12 4.48 51.27
N ASP B 169 -22.07 3.86 51.98
CA ASP B 169 -21.75 2.67 52.78
C ASP B 169 -21.28 1.50 51.92
N GLU B 170 -21.84 1.36 50.70
CA GLU B 170 -21.43 0.31 49.75
C GLU B 170 -20.06 0.66 49.19
N ILE B 171 -19.82 1.95 48.90
CA ILE B 171 -18.53 2.41 48.38
C ILE B 171 -17.46 2.14 49.42
N LEU B 172 -17.72 2.51 50.68
CA LEU B 172 -16.76 2.32 51.75
C LEU B 172 -16.50 0.86 52.06
N ARG B 173 -17.53 0.01 51.91
CA ARG B 173 -17.44 -1.44 52.08
C ARG B 173 -16.54 -2.07 51.01
N ILE B 174 -16.62 -1.59 49.77
CA ILE B 174 -15.81 -2.09 48.65
C ILE B 174 -14.35 -1.72 48.87
N ILE B 175 -14.12 -0.47 49.25
CA ILE B 175 -12.78 0.07 49.54
C ILE B 175 -12.16 -0.75 50.67
N ASP B 176 -12.91 -0.99 51.72
CA ASP B 176 -12.40 -1.76 52.86
C ASP B 176 -12.07 -3.21 52.49
N ALA B 177 -12.92 -3.83 51.68
CA ALA B 177 -12.72 -5.19 51.20
C ALA B 177 -11.52 -5.25 50.27
N ILE B 178 -11.31 -4.21 49.47
CA ILE B 178 -10.16 -4.16 48.56
C ILE B 178 -8.90 -4.00 49.37
N GLN B 179 -8.90 -3.10 50.34
CA GLN B 179 -7.74 -2.87 51.21
C GLN B 179 -7.38 -4.08 52.04
N HIS B 180 -8.38 -4.85 52.47
CA HIS B 180 -8.16 -6.08 53.22
C HIS B 180 -7.61 -7.17 52.31
N HIS B 181 -8.18 -7.33 51.09
CA HIS B 181 -7.76 -8.38 50.15
C HIS B 181 -6.35 -8.16 49.63
N GLU B 182 -5.94 -6.90 49.45
CA GLU B 182 -4.58 -6.59 49.01
C GLU B 182 -3.47 -7.20 49.90
N LYS B 183 -3.66 -7.21 51.23
CA LYS B 183 -2.67 -7.70 52.19
C LYS B 183 -2.99 -9.03 52.91
N TYR B 184 -4.28 -9.37 53.14
CA TYR B 184 -4.64 -10.59 53.90
C TYR B 184 -5.42 -11.60 53.09
N GLY B 185 -4.95 -11.88 51.89
CA GLY B 185 -5.57 -12.90 51.04
C GLY B 185 -6.86 -12.51 50.35
N ASP B 186 -6.99 -12.97 49.10
CA ASP B 186 -8.13 -12.67 48.24
C ASP B 186 -9.17 -13.81 48.27
N VAL B 187 -9.85 -13.97 49.43
CA VAL B 187 -10.90 -14.99 49.63
C VAL B 187 -12.16 -14.30 50.14
N CYS B 188 -13.32 -14.62 49.60
CA CYS B 188 -14.53 -13.97 50.07
C CYS B 188 -15.25 -14.77 51.14
N PRO B 189 -16.32 -14.26 51.71
CA PRO B 189 -16.97 -14.98 52.82
C PRO B 189 -18.22 -15.75 52.41
N ALA B 190 -18.63 -16.72 53.25
CA ALA B 190 -19.83 -17.54 53.00
C ALA B 190 -21.08 -16.86 53.58
N SER C 19 -3.39 -20.67 10.80
CA SER C 19 -3.57 -21.65 9.72
C SER C 19 -3.78 -23.06 10.31
N PRO C 20 -4.99 -23.32 10.90
CA PRO C 20 -5.23 -24.64 11.54
C PRO C 20 -5.12 -25.90 10.67
N THR C 21 -5.11 -27.05 11.36
CA THR C 21 -5.00 -28.35 10.73
C THR C 21 -6.25 -28.72 9.96
N TYR C 22 -6.05 -29.57 8.94
CA TYR C 22 -7.12 -30.15 8.12
C TYR C 22 -7.73 -31.39 8.77
N VAL C 23 -7.16 -31.88 9.93
CA VAL C 23 -7.73 -33.05 10.64
C VAL C 23 -9.11 -32.62 11.15
N GLY C 24 -10.10 -33.44 10.83
CA GLY C 24 -11.50 -33.16 11.15
C GLY C 24 -12.15 -32.20 10.15
N LYS C 25 -11.46 -31.91 9.03
CA LYS C 25 -11.95 -31.01 7.99
C LYS C 25 -11.69 -31.66 6.66
N GLU C 26 -12.18 -31.03 5.58
CA GLU C 26 -12.01 -31.51 4.20
C GLU C 26 -10.53 -31.68 3.89
N ALA C 27 -10.19 -32.84 3.35
CA ALA C 27 -8.85 -33.16 2.90
C ALA C 27 -8.54 -32.27 1.69
N PRO C 28 -7.37 -31.60 1.67
CA PRO C 28 -7.03 -30.79 0.51
C PRO C 28 -7.04 -31.59 -0.80
N PHE C 29 -7.62 -31.01 -1.85
CA PHE C 29 -7.71 -31.62 -3.17
C PHE C 29 -6.31 -31.88 -3.73
N PHE C 30 -6.16 -32.97 -4.50
CA PHE C 30 -4.93 -33.34 -5.18
C PHE C 30 -5.28 -33.96 -6.51
N LYS C 31 -4.39 -33.77 -7.48
CA LYS C 31 -4.46 -34.33 -8.84
C LYS C 31 -3.02 -34.66 -9.19
N ALA C 32 -2.72 -35.90 -9.46
CA ALA C 32 -1.35 -36.27 -9.77
C ALA C 32 -1.28 -37.33 -10.83
N GLU C 33 -0.16 -37.32 -11.58
CA GLU C 33 0.13 -38.40 -12.50
C GLU C 33 0.54 -39.58 -11.61
N ALA C 34 0.22 -40.80 -12.05
CA ALA C 34 0.42 -42.00 -11.26
C ALA C 34 0.92 -43.20 -12.07
N VAL C 35 1.54 -44.20 -11.36
CA VAL C 35 1.92 -45.50 -11.93
C VAL C 35 0.97 -46.53 -11.28
N PHE C 36 0.08 -47.11 -12.07
CA PHE C 36 -0.86 -48.10 -11.57
C PHE C 36 -0.21 -49.45 -11.37
N GLY C 37 -0.92 -50.34 -10.69
CA GLY C 37 -0.48 -51.69 -10.39
C GLY C 37 -0.07 -52.46 -11.63
N ASP C 38 -0.76 -52.17 -12.74
CA ASP C 38 -0.48 -52.76 -14.03
C ASP C 38 0.75 -52.17 -14.75
N ASN C 39 1.40 -51.16 -14.15
CA ASN C 39 2.55 -50.45 -14.69
C ASN C 39 2.25 -49.40 -15.80
N SER C 40 0.97 -49.21 -16.18
CA SER C 40 0.59 -48.16 -17.11
C SER C 40 0.66 -46.82 -16.40
N PHE C 41 0.80 -45.71 -17.14
CA PHE C 41 0.74 -44.37 -16.54
C PHE C 41 -0.70 -43.85 -16.60
N GLY C 42 -1.08 -43.07 -15.60
CA GLY C 42 -2.40 -42.47 -15.56
C GLY C 42 -2.45 -41.26 -14.67
N GLU C 43 -3.66 -40.97 -14.19
CA GLU C 43 -3.90 -39.84 -13.31
C GLU C 43 -4.94 -40.20 -12.27
N VAL C 44 -4.76 -39.65 -11.08
CA VAL C 44 -5.66 -39.87 -9.94
C VAL C 44 -5.98 -38.51 -9.36
N ASN C 45 -7.21 -38.32 -8.90
CA ASN C 45 -7.61 -37.12 -8.18
C ASN C 45 -8.50 -37.52 -7.02
N LEU C 46 -8.47 -36.73 -5.97
CA LEU C 46 -9.22 -37.06 -4.75
C LEU C 46 -10.74 -37.18 -4.94
N THR C 47 -11.31 -36.35 -5.80
CA THR C 47 -12.76 -36.34 -6.00
C THR C 47 -13.31 -37.63 -6.60
N GLN C 48 -12.48 -38.45 -7.28
CA GLN C 48 -12.97 -39.72 -7.86
C GLN C 48 -13.38 -40.78 -6.80
N PHE C 49 -12.94 -40.59 -5.53
CA PHE C 49 -13.20 -41.49 -4.42
C PHE C 49 -14.36 -41.01 -3.53
N ILE C 50 -14.71 -39.72 -3.57
CA ILE C 50 -15.75 -39.20 -2.69
C ILE C 50 -17.10 -39.87 -2.96
N GLY C 51 -17.71 -40.39 -1.89
CA GLY C 51 -18.96 -41.13 -1.95
C GLY C 51 -18.78 -42.59 -2.28
N LYS C 52 -17.54 -43.00 -2.64
CA LYS C 52 -17.25 -44.36 -3.08
C LYS C 52 -16.28 -45.10 -2.17
N LYS C 53 -15.13 -44.51 -1.82
CA LYS C 53 -14.11 -45.19 -0.99
C LYS C 53 -13.45 -44.34 0.06
N TYR C 54 -12.87 -45.03 1.04
CA TYR C 54 -11.98 -44.42 2.03
C TYR C 54 -10.60 -44.33 1.32
N VAL C 55 -9.74 -43.36 1.68
CA VAL C 55 -8.41 -43.25 1.04
C VAL C 55 -7.35 -43.29 2.11
N LEU C 56 -6.37 -44.19 2.01
CA LEU C 56 -5.23 -44.20 2.91
C LEU C 56 -4.08 -43.72 2.04
N LEU C 57 -3.75 -42.43 2.20
CA LEU C 57 -2.71 -41.75 1.45
C LEU C 57 -1.45 -41.75 2.29
N TYR C 58 -0.39 -42.43 1.85
CA TYR C 58 0.86 -42.43 2.60
C TYR C 58 1.92 -41.76 1.77
N PHE C 59 2.80 -40.99 2.43
CA PHE C 59 3.90 -40.27 1.81
C PHE C 59 5.18 -40.85 2.36
N TYR C 60 6.23 -40.74 1.58
CA TYR C 60 7.59 -41.16 1.93
C TYR C 60 8.53 -40.28 1.12
N PRO C 61 9.77 -40.09 1.56
CA PRO C 61 10.59 -39.06 0.89
C PRO C 61 10.99 -39.28 -0.53
N LEU C 62 11.60 -40.44 -0.78
CA LEU C 62 12.22 -40.78 -2.04
C LEU C 62 12.31 -42.27 -2.37
N ASP C 63 12.40 -42.56 -3.65
CA ASP C 63 12.69 -43.87 -4.17
C ASP C 63 14.23 -44.04 -4.17
N PHE C 64 14.68 -45.29 -4.23
CA PHE C 64 16.08 -45.68 -4.36
C PHE C 64 17.01 -45.15 -3.24
N THR C 65 16.48 -44.91 -2.04
CA THR C 65 17.34 -44.51 -0.93
C THR C 65 17.98 -45.76 -0.32
N PHE C 66 18.90 -45.53 0.64
CA PHE C 66 19.56 -46.61 1.37
C PHE C 66 18.63 -47.21 2.45
N VAL C 67 17.43 -46.61 2.64
CA VAL C 67 16.41 -47.13 3.54
C VAL C 67 15.61 -48.22 2.80
N CYS C 68 15.69 -49.41 3.34
CA CYS C 68 14.79 -50.34 2.66
CA CYS C 68 14.76 -50.47 2.89
C CYS C 68 13.21 -50.34 2.84
N PRO C 69 12.79 -50.57 1.61
CA PRO C 69 11.35 -50.23 1.45
C PRO C 69 10.36 -51.24 2.04
N SER C 70 10.62 -51.74 3.23
CA SER C 70 9.80 -52.74 3.90
C SER C 70 8.33 -52.35 4.12
N GLU C 71 8.05 -51.06 4.36
CA GLU C 71 6.69 -50.59 4.58
C GLU C 71 5.85 -50.70 3.31
N ILE C 72 6.41 -50.30 2.15
CA ILE C 72 5.71 -50.41 0.85
C ILE C 72 5.41 -51.87 0.53
N ILE C 73 6.33 -52.77 0.84
CA ILE C 73 6.12 -54.22 0.60
C ILE C 73 5.04 -54.78 1.52
N ALA C 74 5.07 -54.39 2.80
CA ALA C 74 4.11 -54.86 3.81
C ALA C 74 2.70 -54.41 3.47
N LEU C 75 2.53 -53.15 3.08
CA LEU C 75 1.23 -52.61 2.69
C LEU C 75 0.65 -53.33 1.47
N ASP C 76 1.51 -53.68 0.49
CA ASP C 76 1.02 -54.36 -0.71
C ASP C 76 0.57 -55.80 -0.48
N LYS C 77 1.19 -56.53 0.46
CA LYS C 77 0.75 -57.89 0.83
C LYS C 77 -0.64 -57.86 1.52
N ALA C 78 -0.98 -56.75 2.21
CA ALA C 78 -2.27 -56.56 2.86
C ALA C 78 -3.33 -55.83 2.00
N LEU C 79 -3.12 -55.71 0.66
CA LEU C 79 -4.07 -55.00 -0.23
C LEU C 79 -5.48 -55.54 -0.18
N ASP C 80 -5.65 -56.84 0.00
CA ASP C 80 -6.97 -57.45 0.06
C ASP C 80 -7.70 -57.01 1.32
N ALA C 81 -6.98 -56.86 2.46
CA ALA C 81 -7.60 -56.36 3.70
C ALA C 81 -8.07 -54.93 3.51
N PHE C 82 -7.32 -54.10 2.77
CA PHE C 82 -7.72 -52.72 2.48
C PHE C 82 -8.98 -52.68 1.55
N HIS C 83 -8.98 -53.52 0.50
CA HIS C 83 -10.12 -53.64 -0.41
C HIS C 83 -11.35 -54.18 0.31
N GLU C 84 -11.17 -55.11 1.27
CA GLU C 84 -12.24 -55.68 2.10
C GLU C 84 -12.96 -54.60 2.87
N ARG C 85 -12.22 -53.57 3.32
CA ARG C 85 -12.83 -52.48 4.09
C ARG C 85 -12.98 -51.17 3.28
N ASN C 86 -13.04 -51.32 1.95
CA ASN C 86 -13.29 -50.27 0.99
C ASN C 86 -12.35 -49.08 1.06
N VAL C 87 -11.03 -49.34 1.23
CA VAL C 87 -10.06 -48.27 1.22
C VAL C 87 -9.10 -48.42 0.01
N GLU C 88 -8.86 -47.29 -0.69
CA GLU C 88 -7.91 -47.20 -1.78
C GLU C 88 -6.55 -46.82 -1.14
N LEU C 89 -5.54 -47.67 -1.33
CA LEU C 89 -4.20 -47.42 -0.81
C LEU C 89 -3.46 -46.63 -1.85
N LEU C 90 -2.93 -45.45 -1.48
CA LEU C 90 -2.22 -44.57 -2.40
C LEU C 90 -0.89 -44.20 -1.80
N GLY C 91 0.19 -44.46 -2.53
CA GLY C 91 1.54 -44.10 -2.13
C GLY C 91 1.92 -42.77 -2.76
N CYS C 92 2.76 -41.96 -2.11
CA CYS C 92 3.13 -40.68 -2.72
C CYS C 92 4.49 -40.18 -2.33
N SER C 93 5.28 -39.81 -3.32
CA SER C 93 6.54 -39.13 -3.12
C SER C 93 6.71 -38.08 -4.22
N VAL C 94 7.73 -37.31 -4.03
CA VAL C 94 8.15 -36.20 -4.86
C VAL C 94 8.87 -36.62 -6.18
N ASP C 95 9.06 -37.92 -6.39
CA ASP C 95 9.72 -38.43 -7.58
C ASP C 95 8.75 -38.48 -8.75
N SER C 96 9.32 -38.60 -9.99
CA SER C 96 8.54 -38.73 -11.22
C SER C 96 7.95 -40.13 -11.31
N LYS C 97 6.92 -40.25 -12.10
CA LYS C 97 6.28 -41.51 -12.43
C LYS C 97 7.31 -42.49 -13.06
N TYR C 98 8.31 -41.98 -13.78
CA TYR C 98 9.35 -42.82 -14.40
C TYR C 98 10.25 -43.46 -13.36
N THR C 99 10.60 -42.72 -12.32
CA THR C 99 11.42 -43.25 -11.23
C THR C 99 10.65 -44.32 -10.44
N HIS C 100 9.34 -44.11 -10.24
CA HIS C 100 8.45 -45.05 -9.57
C HIS C 100 8.45 -46.38 -10.34
N LEU C 101 8.25 -46.32 -11.65
CA LEU C 101 8.27 -47.51 -12.54
C LEU C 101 9.63 -48.18 -12.54
N ALA C 102 10.71 -47.41 -12.55
CA ALA C 102 12.06 -48.00 -12.54
C ALA C 102 12.36 -48.69 -11.24
N TRP C 103 11.72 -48.22 -10.11
CA TRP C 103 11.84 -48.84 -8.79
C TRP C 103 10.99 -50.13 -8.66
N LYS C 104 9.82 -50.17 -9.30
CA LYS C 104 9.03 -51.40 -9.43
C LYS C 104 9.78 -52.43 -10.31
N LYS C 105 10.51 -51.95 -11.31
CA LYS C 105 11.32 -52.81 -12.20
C LYS C 105 12.64 -53.26 -11.56
N THR C 106 13.00 -52.73 -10.38
CA THR C 106 14.19 -53.15 -9.66
C THR C 106 13.80 -54.32 -8.74
N PRO C 107 14.54 -55.45 -8.80
CA PRO C 107 14.20 -56.57 -7.89
C PRO C 107 14.37 -56.23 -6.40
N LEU C 108 13.74 -57.04 -5.55
CA LEU C 108 13.80 -56.78 -4.11
C LEU C 108 15.21 -57.01 -3.59
N ALA C 109 15.96 -57.95 -4.22
CA ALA C 109 17.37 -58.23 -3.90
C ALA C 109 18.32 -57.02 -4.16
N LYS C 110 17.92 -56.08 -5.03
CA LYS C 110 18.70 -54.89 -5.35
C LYS C 110 18.09 -53.62 -4.71
N GLY C 111 17.21 -53.81 -3.72
CA GLY C 111 16.56 -52.73 -2.99
C GLY C 111 15.38 -52.09 -3.67
N GLY C 112 14.70 -52.84 -4.54
CA GLY C 112 13.52 -52.36 -5.24
C GLY C 112 12.24 -52.75 -4.54
N ILE C 113 11.12 -52.28 -5.07
CA ILE C 113 9.81 -52.62 -4.54
C ILE C 113 9.10 -53.73 -5.35
N GLY C 114 9.61 -54.08 -6.52
CA GLY C 114 8.97 -55.09 -7.34
C GLY C 114 7.61 -54.70 -7.87
N ASN C 115 6.85 -55.68 -8.37
CA ASN C 115 5.57 -55.46 -9.00
C ASN C 115 4.40 -55.28 -8.03
N ILE C 116 4.44 -54.18 -7.28
CA ILE C 116 3.37 -53.82 -6.35
C ILE C 116 2.06 -53.51 -7.13
N LYS C 117 0.92 -53.85 -6.53
CA LYS C 117 -0.40 -53.70 -7.13
C LYS C 117 -1.14 -52.43 -6.80
N HIS C 118 -0.71 -51.68 -5.78
CA HIS C 118 -1.35 -50.40 -5.47
C HIS C 118 -0.66 -49.26 -6.20
N THR C 119 -1.41 -48.19 -6.41
CA THR C 119 -0.96 -46.98 -7.11
C THR C 119 0.06 -46.13 -6.35
N LEU C 120 1.02 -45.60 -7.11
CA LEU C 120 2.04 -44.68 -6.63
C LEU C 120 1.87 -43.37 -7.39
N LEU C 121 1.63 -42.29 -6.66
CA LEU C 121 1.47 -40.96 -7.23
C LEU C 121 2.79 -40.22 -7.25
N SER C 122 2.99 -39.43 -8.29
CA SER C 122 4.16 -38.59 -8.43
C SER C 122 3.76 -37.16 -8.05
N ASP C 123 4.38 -36.63 -7.00
CA ASP C 123 4.17 -35.25 -6.57
C ASP C 123 5.34 -34.43 -7.11
N ILE C 124 5.47 -34.42 -8.42
CA ILE C 124 6.58 -33.78 -9.11
C ILE C 124 6.67 -32.25 -8.88
N THR C 125 5.54 -31.56 -8.64
CA THR C 125 5.56 -30.12 -8.35
C THR C 125 5.75 -29.82 -6.86
N LYS C 126 5.75 -30.87 -6.01
CA LYS C 126 5.83 -30.81 -4.55
C LYS C 126 4.58 -30.16 -3.90
N SER C 127 3.48 -30.00 -4.67
CA SER C 127 2.27 -29.33 -4.20
C SER C 127 1.39 -30.18 -3.29
N ILE C 128 1.33 -31.51 -3.51
CA ILE C 128 0.54 -32.43 -2.67
C ILE C 128 1.18 -32.39 -1.27
N SER C 129 2.49 -32.57 -1.18
CA SER C 129 3.23 -32.53 0.09
C SER C 129 3.05 -31.19 0.82
N LYS C 130 3.05 -30.08 0.06
CA LYS C 130 2.85 -28.73 0.60
C LYS C 130 1.44 -28.57 1.16
N ASP C 131 0.43 -28.95 0.39
CA ASP C 131 -0.97 -28.81 0.84
C ASP C 131 -1.27 -29.71 2.04
N TYR C 132 -0.55 -30.83 2.15
CA TYR C 132 -0.73 -31.76 3.27
C TYR C 132 0.22 -31.48 4.45
N ASN C 133 1.09 -30.46 4.36
CA ASN C 133 2.03 -30.01 5.40
C ASN C 133 3.03 -31.09 5.82
N VAL C 134 3.57 -31.80 4.83
CA VAL C 134 4.55 -32.86 5.04
C VAL C 134 5.84 -32.64 4.20
N LEU C 135 5.97 -31.49 3.49
CA LEU C 135 7.17 -31.18 2.74
C LEU C 135 8.24 -30.70 3.69
N PHE C 136 9.47 -31.13 3.48
CA PHE C 136 10.62 -30.78 4.30
C PHE C 136 11.64 -30.05 3.45
N ASP C 137 12.03 -28.82 3.86
CA ASP C 137 13.04 -27.98 3.20
C ASP C 137 12.82 -27.83 1.70
N ASP C 138 11.55 -27.59 1.31
CA ASP C 138 11.11 -27.43 -0.09
C ASP C 138 11.73 -28.49 -1.03
N SER C 139 11.91 -29.73 -0.54
CA SER C 139 12.63 -30.78 -1.26
C SER C 139 11.86 -32.08 -1.35
N VAL C 140 11.75 -32.77 -0.21
CA VAL C 140 11.11 -34.08 -0.09
C VAL C 140 10.10 -34.10 1.06
N SER C 141 9.14 -34.99 0.98
CA SER C 141 8.16 -35.15 2.02
C SER C 141 8.74 -35.97 3.18
N LEU C 142 8.08 -35.86 4.34
CA LEU C 142 8.37 -36.70 5.50
C LEU C 142 7.54 -37.99 5.31
N ARG C 143 7.69 -38.98 6.19
CA ARG C 143 6.86 -40.22 6.12
C ARG C 143 5.54 -39.90 6.85
N ALA C 144 4.40 -40.12 6.18
CA ALA C 144 3.11 -39.77 6.75
C ALA C 144 1.97 -40.67 6.27
N PHE C 145 0.91 -40.78 7.07
CA PHE C 145 -0.29 -41.54 6.73
C PHE C 145 -1.49 -40.67 6.98
N VAL C 146 -2.39 -40.55 6.00
CA VAL C 146 -3.60 -39.77 6.09
C VAL C 146 -4.77 -40.65 5.73
N LEU C 147 -5.77 -40.76 6.63
CA LEU C 147 -6.98 -41.53 6.32
C LEU C 147 -8.10 -40.55 6.03
N ILE C 148 -8.67 -40.65 4.83
CA ILE C 148 -9.75 -39.80 4.36
C ILE C 148 -11.02 -40.67 4.24
N ASP C 149 -12.11 -40.24 4.91
CA ASP C 149 -13.38 -40.96 4.89
C ASP C 149 -14.14 -40.75 3.55
N MET C 150 -15.34 -41.35 3.40
CA MET C 150 -16.12 -41.26 2.17
C MET C 150 -16.71 -39.88 1.91
N ASN C 151 -16.77 -39.02 2.94
CA ASN C 151 -17.24 -37.64 2.82
C ASN C 151 -16.06 -36.69 2.58
N GLY C 152 -14.85 -37.23 2.36
CA GLY C 152 -13.66 -36.44 2.12
C GLY C 152 -13.07 -35.77 3.34
N ILE C 153 -13.44 -36.21 4.56
CA ILE C 153 -12.94 -35.67 5.84
C ILE C 153 -11.74 -36.46 6.31
N VAL C 154 -10.71 -35.75 6.82
CA VAL C 154 -9.50 -36.38 7.34
C VAL C 154 -9.79 -36.78 8.79
N GLN C 155 -9.69 -38.08 9.09
CA GLN C 155 -9.95 -38.62 10.42
C GLN C 155 -8.69 -38.93 11.21
N HIS C 156 -7.57 -39.18 10.53
CA HIS C 156 -6.34 -39.61 11.13
C HIS C 156 -5.12 -39.07 10.36
N LEU C 157 -4.08 -38.63 11.06
CA LEU C 157 -2.84 -38.12 10.48
C LEU C 157 -1.67 -38.60 11.36
N LEU C 158 -0.72 -39.33 10.75
CA LEU C 158 0.48 -39.80 11.43
C LEU C 158 1.65 -39.27 10.67
N VAL C 159 2.60 -38.63 11.32
CA VAL C 159 3.78 -38.08 10.66
C VAL C 159 5.03 -38.50 11.44
N ASN C 160 5.96 -39.19 10.78
CA ASN C 160 7.23 -39.63 11.33
C ASN C 160 8.38 -38.94 10.61
N ASN C 161 9.42 -38.61 11.35
CA ASN C 161 10.62 -38.00 10.81
C ASN C 161 11.64 -39.06 10.35
N LEU C 162 11.67 -40.22 11.02
CA LEU C 162 12.61 -41.31 10.80
C LEU C 162 11.87 -42.50 10.21
N ALA C 163 12.65 -43.42 9.63
CA ALA C 163 12.15 -44.65 9.02
C ALA C 163 11.95 -45.70 10.11
N ILE C 164 10.80 -45.65 10.80
CA ILE C 164 10.50 -46.56 11.91
C ILE C 164 9.37 -47.56 11.64
N GLY C 165 8.73 -47.46 10.49
CA GLY C 165 7.67 -48.39 10.11
C GLY C 165 6.37 -48.22 10.86
N ARG C 166 5.36 -48.99 10.41
CA ARG C 166 4.01 -48.99 10.96
C ARG C 166 3.34 -50.31 10.57
N SER C 167 3.06 -51.20 11.54
CA SER C 167 2.46 -52.49 11.18
C SER C 167 1.09 -52.35 10.51
N VAL C 168 0.82 -53.20 9.51
CA VAL C 168 -0.48 -53.17 8.82
C VAL C 168 -1.56 -53.56 9.81
N ASP C 169 -1.25 -54.41 10.80
CA ASP C 169 -2.24 -54.77 11.82
C ASP C 169 -2.71 -53.50 12.56
N GLU C 170 -1.76 -52.57 12.85
CA GLU C 170 -2.08 -51.32 13.54
C GLU C 170 -2.93 -50.43 12.67
N ILE C 171 -2.58 -50.28 11.41
CA ILE C 171 -3.33 -49.49 10.42
C ILE C 171 -4.77 -50.03 10.28
N LEU C 172 -4.92 -51.37 10.16
CA LEU C 172 -6.22 -52.00 9.97
C LEU C 172 -7.09 -51.87 11.20
N ARG C 173 -6.48 -51.84 12.39
CA ARG C 173 -7.16 -51.64 13.70
C ARG C 173 -7.73 -50.21 13.78
N ILE C 174 -6.95 -49.23 13.34
CA ILE C 174 -7.34 -47.83 13.28
C ILE C 174 -8.47 -47.63 12.27
N ILE C 175 -8.35 -48.19 11.05
CA ILE C 175 -9.39 -48.07 10.01
C ILE C 175 -10.70 -48.63 10.51
N ASP C 176 -10.63 -49.85 11.07
CA ASP C 176 -11.80 -50.52 11.64
C ASP C 176 -12.47 -49.69 12.73
N ALA C 177 -11.65 -49.09 13.61
CA ALA C 177 -12.12 -48.23 14.69
C ALA C 177 -12.80 -46.95 14.18
N ILE C 178 -12.27 -46.37 13.09
CA ILE C 178 -12.88 -45.17 12.51
C ILE C 178 -14.21 -45.54 11.87
N GLN C 179 -14.18 -46.56 11.03
CA GLN C 179 -15.38 -47.07 10.34
C GLN C 179 -16.50 -47.50 11.32
N HIS C 180 -16.10 -48.07 12.47
CA HIS C 180 -17.05 -48.48 13.50
C HIS C 180 -17.68 -47.24 14.15
N HIS C 181 -16.84 -46.24 14.48
CA HIS C 181 -17.29 -45.00 15.10
C HIS C 181 -18.25 -44.24 14.17
N GLU C 182 -17.94 -44.21 12.87
CA GLU C 182 -18.76 -43.51 11.89
C GLU C 182 -20.16 -44.09 11.74
N LYS C 183 -20.34 -45.42 11.85
CA LYS C 183 -21.66 -46.04 11.77
C LYS C 183 -22.38 -46.04 13.11
N TYR C 184 -21.70 -46.48 14.17
CA TYR C 184 -22.32 -46.70 15.49
C TYR C 184 -22.05 -45.67 16.60
N GLY C 185 -21.23 -44.67 16.34
CA GLY C 185 -20.88 -43.67 17.34
C GLY C 185 -19.89 -44.18 18.37
N ASP C 186 -19.73 -43.45 19.46
CA ASP C 186 -18.79 -43.79 20.51
C ASP C 186 -19.08 -45.09 21.23
N VAL C 187 -18.07 -45.91 21.38
CA VAL C 187 -18.18 -47.08 22.21
C VAL C 187 -17.00 -47.12 23.16
N CYS C 188 -17.26 -47.55 24.39
CA CYS C 188 -16.20 -47.71 25.36
C CYS C 188 -15.63 -49.09 25.21
N PRO C 189 -14.24 -49.16 25.39
CA PRO C 189 -13.74 -50.54 25.38
C PRO C 189 -14.29 -51.43 26.50
N ALA C 190 -14.08 -52.74 26.37
CA ALA C 190 -14.46 -53.74 27.38
C ALA C 190 -14.26 -53.30 28.85
N PRO D 20 4.11 -24.77 7.36
CA PRO D 20 5.06 -25.89 7.41
C PRO D 20 5.08 -26.57 8.79
N THR D 21 5.15 -27.92 8.81
CA THR D 21 5.17 -28.65 10.08
C THR D 21 6.49 -28.48 10.87
N TYR D 22 6.40 -28.80 12.16
CA TYR D 22 7.50 -28.79 13.12
C TYR D 22 8.14 -30.19 13.25
N VAL D 23 7.59 -31.22 12.54
CA VAL D 23 8.14 -32.58 12.62
C VAL D 23 9.51 -32.55 11.93
N GLY D 24 10.52 -33.04 12.63
CA GLY D 24 11.90 -33.01 12.18
C GLY D 24 12.61 -31.71 12.52
N LYS D 25 11.90 -30.79 13.19
CA LYS D 25 12.40 -29.49 13.62
C LYS D 25 12.19 -29.36 15.11
N GLU D 26 12.73 -28.29 15.68
CA GLU D 26 12.59 -27.97 17.11
C GLU D 26 11.13 -27.78 17.50
N ALA D 27 10.72 -28.48 18.57
CA ALA D 27 9.33 -28.45 19.03
C ALA D 27 8.94 -27.09 19.54
N PRO D 28 7.72 -26.58 19.20
CA PRO D 28 7.31 -25.27 19.75
C PRO D 28 7.43 -25.17 21.26
N PHE D 29 7.94 -24.05 21.77
CA PHE D 29 8.12 -23.84 23.21
C PHE D 29 6.77 -23.73 23.91
N PHE D 30 6.69 -24.26 25.13
CA PHE D 30 5.51 -24.14 25.99
C PHE D 30 5.99 -23.95 27.43
N LYS D 31 5.18 -23.25 28.22
CA LYS D 31 5.36 -22.99 29.65
C LYS D 31 3.93 -23.10 30.19
N ALA D 32 3.66 -24.02 31.13
CA ALA D 32 2.29 -24.21 31.59
C ALA D 32 2.17 -24.51 33.06
N GLU D 33 1.03 -24.10 33.64
CA GLU D 33 0.69 -24.44 35.01
C GLU D 33 0.32 -25.93 34.95
N ALA D 34 0.68 -26.67 36.00
CA ALA D 34 0.55 -28.12 35.97
C ALA D 34 0.11 -28.70 37.32
N VAL D 35 -0.55 -29.88 37.26
CA VAL D 35 -1.00 -30.68 38.41
C VAL D 35 -0.07 -31.89 38.39
N PHE D 36 0.81 -32.03 39.38
CA PHE D 36 1.74 -33.16 39.41
C PHE D 36 1.04 -34.37 40.04
N GLY D 37 1.66 -35.54 39.86
CA GLY D 37 1.17 -36.82 40.38
C GLY D 37 0.75 -36.82 41.85
N ASP D 38 1.41 -35.97 42.67
CA ASP D 38 1.12 -35.82 44.10
C ASP D 38 -0.02 -34.81 44.38
N ASN D 39 -0.78 -34.40 43.35
CA ASN D 39 -1.88 -33.44 43.45
C ASN D 39 -1.43 -32.01 43.86
N SER D 40 -0.14 -31.68 43.69
CA SER D 40 0.37 -30.34 43.98
C SER D 40 0.40 -29.56 42.69
N PHE D 41 0.38 -28.23 42.77
CA PHE D 41 0.46 -27.35 41.61
C PHE D 41 1.92 -26.92 41.37
N GLY D 42 2.18 -26.56 40.13
CA GLY D 42 3.49 -26.05 39.72
C GLY D 42 3.51 -25.64 38.28
N GLU D 43 4.73 -25.58 37.71
CA GLU D 43 4.96 -25.17 36.34
C GLU D 43 5.89 -26.14 35.62
N VAL D 44 5.66 -26.27 34.30
CA VAL D 44 6.46 -27.11 33.42
C VAL D 44 6.75 -26.29 32.19
N ASN D 45 8.02 -26.26 31.79
CA ASN D 45 8.43 -25.61 30.54
C ASN D 45 9.19 -26.64 29.72
N LEU D 46 9.13 -26.52 28.41
CA LEU D 46 9.78 -27.47 27.52
C LEU D 46 11.29 -27.59 27.75
N THR D 47 11.98 -26.47 27.93
CA THR D 47 13.45 -26.43 28.07
C THR D 47 14.04 -27.14 29.30
N GLN D 48 13.23 -27.47 30.33
CA GLN D 48 13.73 -28.22 31.49
C GLN D 48 14.08 -29.68 31.14
N PHE D 49 13.61 -30.19 29.99
CA PHE D 49 13.89 -31.54 29.57
C PHE D 49 15.00 -31.62 28.52
N ILE D 50 15.43 -30.47 27.94
CA ILE D 50 16.45 -30.51 26.89
C ILE D 50 17.79 -30.95 27.43
N GLY D 51 18.27 -32.09 26.93
CA GLY D 51 19.52 -32.71 27.33
C GLY D 51 19.36 -33.69 28.47
N LYS D 52 18.17 -33.70 29.12
CA LYS D 52 17.85 -34.55 30.26
C LYS D 52 16.99 -35.73 29.81
N LYS D 53 15.85 -35.45 29.15
CA LYS D 53 14.97 -36.56 28.74
C LYS D 53 14.03 -36.33 27.57
N TYR D 54 13.46 -37.47 27.09
CA TYR D 54 12.48 -37.53 26.01
C TYR D 54 11.14 -37.06 26.57
N VAL D 55 10.25 -36.57 25.72
CA VAL D 55 8.96 -36.04 26.17
C VAL D 55 7.87 -36.59 25.29
N LEU D 56 6.94 -37.34 25.88
CA LEU D 56 5.75 -37.77 25.18
C LEU D 56 4.68 -36.83 25.66
N LEU D 57 4.26 -35.89 24.81
CA LEU D 57 3.23 -34.91 25.10
C LEU D 57 1.97 -35.36 24.41
N TYR D 58 0.87 -35.53 25.15
CA TYR D 58 -0.39 -35.95 24.53
C TYR D 58 -1.48 -34.94 24.83
N PHE D 59 -2.36 -34.75 23.84
CA PHE D 59 -3.48 -33.81 23.92
C PHE D 59 -4.79 -34.56 23.92
N TYR D 60 -5.79 -34.03 24.63
CA TYR D 60 -7.13 -34.57 24.68
C TYR D 60 -8.11 -33.42 24.86
N PRO D 61 -9.36 -33.54 24.39
CA PRO D 61 -10.23 -32.36 24.41
C PRO D 61 -10.56 -31.72 25.74
N LEU D 62 -11.16 -32.51 26.63
CA LEU D 62 -11.70 -32.02 27.90
C LEU D 62 -11.73 -33.04 29.02
N ASP D 63 -11.76 -32.54 30.26
CA ASP D 63 -12.00 -33.31 31.47
C ASP D 63 -13.52 -33.40 31.65
N PHE D 64 -13.95 -34.40 32.42
CA PHE D 64 -15.35 -34.63 32.83
C PHE D 64 -16.35 -34.89 31.74
N THR D 65 -15.89 -35.43 30.61
CA THR D 65 -16.82 -35.80 29.54
C THR D 65 -17.38 -37.20 29.80
N PHE D 66 -18.33 -37.60 28.95
CA PHE D 66 -18.98 -38.92 29.05
C PHE D 66 -18.19 -40.00 28.28
N VAL D 67 -17.10 -39.61 27.60
CA VAL D 67 -16.17 -40.53 26.94
C VAL D 67 -15.28 -41.04 28.06
N CYS D 68 -15.24 -42.35 28.25
CA CYS D 68 -14.41 -42.90 29.31
CA CYS D 68 -14.40 -42.95 29.29
C CYS D 68 -12.93 -42.54 29.08
N PRO D 69 -12.20 -42.14 30.15
CA PRO D 69 -10.79 -41.76 29.97
C PRO D 69 -9.82 -42.94 29.98
N SER D 70 -10.16 -44.01 29.25
CA SER D 70 -9.39 -45.27 29.16
C SER D 70 -7.92 -45.09 28.76
N GLU D 71 -7.66 -44.15 27.84
CA GLU D 71 -6.30 -43.88 27.35
C GLU D 71 -5.39 -43.32 28.44
N ILE D 72 -5.91 -42.40 29.26
CA ILE D 72 -5.13 -41.78 30.34
C ILE D 72 -4.79 -42.80 31.41
N ILE D 73 -5.75 -43.68 31.71
CA ILE D 73 -5.58 -44.72 32.73
C ILE D 73 -4.61 -45.76 32.21
N ALA D 74 -4.74 -46.16 30.94
CA ALA D 74 -3.81 -47.08 30.28
C ALA D 74 -2.40 -46.52 30.27
N LEU D 75 -2.26 -45.25 29.85
CA LEU D 75 -0.97 -44.55 29.84
C LEU D 75 -0.29 -44.52 31.23
N ASP D 76 -1.06 -44.20 32.29
CA ASP D 76 -0.53 -44.16 33.65
C ASP D 76 -0.10 -45.55 34.20
N LYS D 77 -0.74 -46.64 33.74
CA LYS D 77 -0.39 -48.00 34.19
C LYS D 77 1.04 -48.36 33.72
N ALA D 78 1.43 -47.85 32.53
CA ALA D 78 2.76 -48.08 31.95
C ALA D 78 3.74 -46.94 32.28
N LEU D 79 3.52 -46.19 33.35
CA LEU D 79 4.42 -45.09 33.65
C LEU D 79 5.86 -45.54 33.91
N ASP D 80 6.04 -46.71 34.53
CA ASP D 80 7.36 -47.28 34.79
C ASP D 80 8.04 -47.66 33.48
N ALA D 81 7.24 -48.06 32.46
CA ALA D 81 7.77 -48.36 31.12
C ALA D 81 8.24 -47.07 30.43
N PHE D 82 7.55 -45.93 30.66
CA PHE D 82 8.00 -44.64 30.15
C PHE D 82 9.30 -44.21 30.88
N HIS D 83 9.38 -44.46 32.22
CA HIS D 83 10.60 -44.12 32.99
C HIS D 83 11.82 -44.96 32.58
N GLU D 84 11.63 -46.25 32.25
CA GLU D 84 12.70 -47.12 31.75
C GLU D 84 13.35 -46.57 30.44
N ARG D 85 12.57 -45.84 29.59
CA ARG D 85 13.05 -45.25 28.34
C ARG D 85 13.41 -43.76 28.47
N ASN D 86 13.49 -43.23 29.70
CA ASN D 86 13.83 -41.84 29.97
C ASN D 86 12.87 -40.85 29.28
N VAL D 87 11.55 -41.07 29.42
CA VAL D 87 10.56 -40.17 28.82
C VAL D 87 9.59 -39.65 29.87
N GLU D 88 9.31 -38.33 29.80
CA GLU D 88 8.37 -37.62 30.64
C GLU D 88 7.05 -37.66 29.94
N LEU D 89 6.05 -38.27 30.58
CA LEU D 89 4.68 -38.35 30.08
C LEU D 89 3.97 -37.09 30.53
N LEU D 90 3.43 -36.28 29.58
CA LEU D 90 2.74 -35.03 29.89
C LEU D 90 1.38 -34.99 29.23
N GLY D 91 0.31 -34.89 30.01
CA GLY D 91 -1.06 -34.78 29.50
C GLY D 91 -1.41 -33.33 29.27
N CYS D 92 -2.32 -33.02 28.34
CA CYS D 92 -2.67 -31.62 28.11
C CYS D 92 -4.07 -31.41 27.56
N SER D 93 -4.81 -30.48 28.18
CA SER D 93 -6.11 -30.02 27.67
C SER D 93 -6.26 -28.51 27.90
N VAL D 94 -7.35 -27.94 27.35
CA VAL D 94 -7.65 -26.50 27.46
C VAL D 94 -8.27 -26.16 28.83
N ASP D 95 -8.46 -27.17 29.69
CA ASP D 95 -9.03 -26.96 31.01
C ASP D 95 -8.02 -26.34 31.98
N SER D 96 -8.54 -25.72 33.04
CA SER D 96 -7.72 -25.15 34.11
C SER D 96 -7.11 -26.26 34.97
N LYS D 97 -6.05 -25.91 35.68
CA LYS D 97 -5.39 -26.80 36.65
C LYS D 97 -6.37 -27.17 37.79
N TYR D 98 -7.27 -26.25 38.16
CA TYR D 98 -8.28 -26.51 39.19
C TYR D 98 -9.24 -27.64 38.75
N THR D 99 -9.60 -27.65 37.47
CA THR D 99 -10.47 -28.69 36.89
C THR D 99 -9.70 -30.03 36.82
N HIS D 100 -8.42 -30.00 36.42
CA HIS D 100 -7.57 -31.20 36.39
C HIS D 100 -7.48 -31.83 37.78
N LEU D 101 -7.18 -31.02 38.81
CA LEU D 101 -7.11 -31.54 40.18
C LEU D 101 -8.47 -32.12 40.62
N ALA D 102 -9.57 -31.47 40.26
CA ALA D 102 -10.90 -31.97 40.62
C ALA D 102 -11.23 -33.27 39.90
N TRP D 103 -10.69 -33.46 38.70
CA TRP D 103 -10.91 -34.66 37.91
C TRP D 103 -10.14 -35.83 38.51
N LYS D 104 -8.96 -35.55 39.11
CA LYS D 104 -8.17 -36.56 39.81
C LYS D 104 -8.81 -36.95 41.11
N LYS D 105 -9.53 -36.01 41.76
CA LYS D 105 -10.23 -36.25 43.04
C LYS D 105 -11.62 -36.87 42.83
N THR D 106 -12.02 -37.13 41.60
CA THR D 106 -13.30 -37.80 41.31
C THR D 106 -13.00 -39.28 41.03
N PRO D 107 -13.75 -40.23 41.62
CA PRO D 107 -13.48 -41.65 41.34
C PRO D 107 -13.83 -42.05 39.94
N LEU D 108 -13.25 -43.17 39.48
CA LEU D 108 -13.50 -43.68 38.14
C LEU D 108 -14.99 -43.98 37.95
N ALA D 109 -15.65 -44.59 38.95
CA ALA D 109 -17.09 -44.86 38.90
C ALA D 109 -17.93 -43.63 38.56
N LYS D 110 -17.54 -42.43 39.05
CA LYS D 110 -18.27 -41.17 38.78
C LYS D 110 -17.69 -40.37 37.60
N GLY D 111 -16.92 -41.00 36.72
CA GLY D 111 -16.36 -40.36 35.53
C GLY D 111 -15.11 -39.51 35.72
N GLY D 112 -14.25 -39.94 36.64
CA GLY D 112 -12.98 -39.28 36.92
C GLY D 112 -11.81 -40.10 36.45
N ILE D 113 -10.61 -39.70 36.81
CA ILE D 113 -9.37 -40.42 36.48
C ILE D 113 -8.60 -40.96 37.70
N GLY D 114 -8.97 -40.53 38.92
CA GLY D 114 -8.28 -40.97 40.13
C GLY D 114 -6.90 -40.38 40.24
N ASN D 115 -6.16 -40.75 41.30
CA ASN D 115 -4.83 -40.20 41.55
C ASN D 115 -3.75 -40.76 40.58
N ILE D 116 -3.71 -40.20 39.37
CA ILE D 116 -2.70 -40.59 38.38
C ILE D 116 -1.36 -40.03 38.82
N LYS D 117 -0.28 -40.76 38.51
CA LYS D 117 1.09 -40.39 38.88
C LYS D 117 1.76 -39.41 37.94
N HIS D 118 1.26 -39.25 36.70
CA HIS D 118 1.87 -38.34 35.72
C HIS D 118 1.25 -36.95 35.68
N THR D 119 2.03 -36.00 35.17
CA THR D 119 1.66 -34.59 35.10
C THR D 119 0.64 -34.25 34.01
N LEU D 120 -0.33 -33.41 34.36
CA LEU D 120 -1.34 -32.88 33.47
C LEU D 120 -1.09 -31.37 33.39
N LEU D 121 -0.97 -30.84 32.17
CA LEU D 121 -0.74 -29.43 31.91
C LEU D 121 -2.04 -28.74 31.56
N SER D 122 -2.14 -27.47 31.91
CA SER D 122 -3.31 -26.69 31.65
C SER D 122 -3.00 -25.74 30.50
N ASP D 123 -3.81 -25.78 29.43
CA ASP D 123 -3.67 -24.89 28.29
C ASP D 123 -4.84 -23.91 28.28
N ILE D 124 -4.95 -23.12 29.35
CA ILE D 124 -6.04 -22.17 29.58
C ILE D 124 -6.10 -21.07 28.51
N THR D 125 -4.94 -20.60 28.05
CA THR D 125 -4.89 -19.60 26.98
C THR D 125 -5.18 -20.21 25.60
N LYS D 126 -5.04 -21.55 25.46
CA LYS D 126 -5.18 -22.37 24.24
C LYS D 126 -3.95 -22.26 23.33
N SER D 127 -2.89 -21.56 23.75
CA SER D 127 -1.72 -21.27 22.91
C SER D 127 -0.87 -22.46 22.59
N ILE D 128 -0.84 -23.47 23.47
CA ILE D 128 -0.06 -24.70 23.26
C ILE D 128 -0.71 -25.52 22.18
N SER D 129 -2.04 -25.70 22.26
CA SER D 129 -2.82 -26.41 21.22
C SER D 129 -2.71 -25.67 19.86
N LYS D 130 -2.68 -24.31 19.88
CA LYS D 130 -2.49 -23.52 18.67
C LYS D 130 -1.08 -23.70 18.08
N ASP D 131 -0.05 -23.68 18.95
CA ASP D 131 1.34 -23.86 18.53
C ASP D 131 1.62 -25.25 17.93
N TYR D 132 1.00 -26.31 18.51
CA TYR D 132 1.16 -27.69 18.05
C TYR D 132 0.15 -28.05 16.96
N ASN D 133 -0.71 -27.07 16.54
CA ASN D 133 -1.69 -27.19 15.46
C ASN D 133 -2.67 -28.33 15.71
N VAL D 134 -3.22 -28.37 16.93
CA VAL D 134 -4.20 -29.38 17.33
C VAL D 134 -5.47 -28.74 17.91
N LEU D 135 -5.64 -27.42 17.80
CA LEU D 135 -6.85 -26.80 18.32
C LEU D 135 -7.97 -26.93 17.29
N PHE D 136 -9.18 -27.31 17.74
CA PHE D 136 -10.34 -27.45 16.90
C PHE D 136 -11.37 -26.36 17.24
N ASP D 137 -11.77 -25.59 16.20
CA ASP D 137 -12.78 -24.55 16.24
C ASP D 137 -12.64 -23.57 17.41
N ASP D 138 -11.40 -23.05 17.58
CA ASP D 138 -11.03 -22.04 18.59
C ASP D 138 -11.53 -22.40 20.01
N SER D 139 -11.58 -23.70 20.34
CA SER D 139 -12.20 -24.19 21.57
C SER D 139 -11.37 -25.21 22.29
N VAL D 140 -11.29 -26.47 21.75
CA VAL D 140 -10.61 -27.58 22.41
C VAL D 140 -9.65 -28.24 21.47
N SER D 141 -8.66 -28.95 22.03
CA SER D 141 -7.69 -29.70 21.26
C SER D 141 -8.27 -31.01 20.67
N LEU D 142 -7.62 -31.51 19.63
CA LEU D 142 -7.92 -32.79 19.02
C LEU D 142 -7.07 -33.78 19.81
N ARG D 143 -7.33 -35.08 19.67
CA ARG D 143 -6.53 -36.09 20.36
C ARG D 143 -5.19 -36.24 19.60
N ALA D 144 -4.09 -36.01 20.28
CA ALA D 144 -2.80 -36.05 19.63
C ALA D 144 -1.68 -36.57 20.51
N PHE D 145 -0.59 -37.02 19.89
CA PHE D 145 0.62 -37.48 20.57
C PHE D 145 1.82 -36.87 19.88
N VAL D 146 2.74 -36.28 20.65
CA VAL D 146 3.99 -35.68 20.13
C VAL D 146 5.20 -36.24 20.89
N LEU D 147 6.17 -36.85 20.17
CA LEU D 147 7.41 -37.33 20.80
C LEU D 147 8.57 -36.39 20.46
N ILE D 148 9.18 -35.80 21.50
CA ILE D 148 10.26 -34.81 21.42
C ILE D 148 11.55 -35.47 21.94
N ASP D 149 12.64 -35.34 21.18
CA ASP D 149 14.00 -35.85 21.52
C ASP D 149 14.61 -35.14 22.72
N MET D 150 15.79 -35.61 23.15
CA MET D 150 16.58 -34.92 24.18
C MET D 150 17.20 -33.61 23.60
N ASN D 151 17.23 -33.46 22.25
CA ASN D 151 17.70 -32.26 21.56
C ASN D 151 16.55 -31.27 21.26
N GLY D 152 15.32 -31.64 21.61
CA GLY D 152 14.14 -30.81 21.43
C GLY D 152 13.49 -30.91 20.08
N ILE D 153 13.88 -31.89 19.26
CA ILE D 153 13.33 -32.11 17.93
C ILE D 153 12.11 -33.05 17.99
N VAL D 154 11.07 -32.72 17.21
CA VAL D 154 9.89 -33.57 17.12
C VAL D 154 10.18 -34.69 16.11
N GLN D 155 10.08 -35.94 16.55
CA GLN D 155 10.31 -37.12 15.74
C GLN D 155 9.03 -37.79 15.34
N HIS D 156 7.91 -37.58 16.05
CA HIS D 156 6.67 -38.28 15.75
C HIS D 156 5.45 -37.47 16.18
N LEU D 157 4.43 -37.41 15.30
CA LEU D 157 3.18 -36.72 15.54
C LEU D 157 2.06 -37.63 15.10
N LEU D 158 1.07 -37.80 15.95
CA LEU D 158 -0.12 -38.56 15.64
C LEU D 158 -1.32 -37.71 16.03
N VAL D 159 -2.29 -37.53 15.10
CA VAL D 159 -3.49 -36.75 15.36
C VAL D 159 -4.72 -37.59 14.98
N ASN D 160 -5.70 -37.64 15.90
CA ASN D 160 -6.93 -38.36 15.74
C ASN D 160 -8.11 -37.44 15.95
N ASN D 161 -9.03 -37.43 15.00
CA ASN D 161 -10.26 -36.67 15.08
C ASN D 161 -11.31 -37.36 15.98
N LEU D 162 -11.21 -38.68 16.17
CA LEU D 162 -12.18 -39.46 16.90
C LEU D 162 -11.60 -40.09 18.16
N ALA D 163 -12.48 -40.48 19.09
CA ALA D 163 -12.11 -41.08 20.37
C ALA D 163 -11.91 -42.56 20.13
N ILE D 164 -10.81 -42.92 19.43
CA ILE D 164 -10.55 -44.32 19.06
C ILE D 164 -9.43 -45.04 19.83
N GLY D 165 -8.71 -44.32 20.67
CA GLY D 165 -7.67 -44.93 21.46
C GLY D 165 -6.40 -45.26 20.72
N ARG D 166 -5.32 -45.45 21.49
CA ARG D 166 -4.00 -45.79 21.01
C ARG D 166 -3.35 -46.83 21.93
N SER D 167 -2.77 -47.89 21.35
CA SER D 167 -2.15 -48.95 22.14
C SER D 167 -0.88 -48.43 22.80
N VAL D 168 -0.76 -48.61 24.12
CA VAL D 168 0.45 -48.21 24.85
C VAL D 168 1.67 -49.01 24.33
N ASP D 169 1.44 -50.25 23.89
CA ASP D 169 2.49 -51.08 23.32
C ASP D 169 3.06 -50.46 22.04
N GLU D 170 2.17 -49.93 21.17
CA GLU D 170 2.53 -49.25 19.93
C GLU D 170 3.32 -47.97 20.24
N ILE D 171 2.90 -47.22 21.28
CA ILE D 171 3.58 -45.99 21.70
C ILE D 171 5.04 -46.33 22.10
N LEU D 172 5.18 -47.38 22.93
CA LEU D 172 6.47 -47.90 23.44
C LEU D 172 7.37 -48.46 22.33
N ARG D 173 6.77 -49.18 21.38
CA ARG D 173 7.47 -49.73 20.22
C ARG D 173 8.04 -48.59 19.33
N ILE D 174 7.28 -47.48 19.19
CA ILE D 174 7.71 -46.28 18.43
C ILE D 174 8.88 -45.57 19.13
N ILE D 175 8.78 -45.35 20.42
CA ILE D 175 9.84 -44.72 21.23
C ILE D 175 11.09 -45.57 21.11
N ASP D 176 10.93 -46.89 21.24
CA ASP D 176 12.04 -47.82 21.13
C ASP D 176 12.73 -47.73 19.80
N ALA D 177 11.95 -47.54 18.73
CA ALA D 177 12.46 -47.45 17.37
C ALA D 177 13.27 -46.17 17.16
N ILE D 178 12.76 -45.05 17.68
CA ILE D 178 13.42 -43.76 17.57
C ILE D 178 14.76 -43.79 18.34
N GLN D 179 14.73 -44.39 19.53
CA GLN D 179 15.92 -44.55 20.36
C GLN D 179 16.91 -45.52 19.69
N HIS D 180 16.39 -46.57 19.03
CA HIS D 180 17.25 -47.51 18.33
C HIS D 180 17.92 -46.82 17.13
N HIS D 181 17.12 -46.09 16.33
CA HIS D 181 17.58 -45.35 15.16
C HIS D 181 18.68 -44.34 15.53
N GLU D 182 18.47 -43.59 16.60
CA GLU D 182 19.44 -42.61 17.07
C GLU D 182 20.81 -43.17 17.41
N LYS D 183 20.91 -44.48 17.74
CA LYS D 183 22.17 -45.14 18.07
C LYS D 183 22.73 -45.85 16.86
N TYR D 184 21.88 -46.64 16.18
CA TYR D 184 22.27 -47.53 15.08
C TYR D 184 21.99 -47.05 13.65
N GLY D 185 21.21 -45.99 13.52
CA GLY D 185 20.82 -45.48 12.21
C GLY D 185 19.76 -46.37 11.58
N ASP D 186 19.62 -46.28 10.27
CA ASP D 186 18.62 -47.08 9.55
C ASP D 186 19.11 -48.54 9.36
N VAL D 187 18.24 -49.48 9.70
CA VAL D 187 18.40 -50.91 9.49
C VAL D 187 17.07 -51.62 9.25
N CYS D 188 17.05 -52.70 8.48
CA CYS D 188 15.80 -53.44 8.19
C CYS D 188 15.84 -54.84 8.75
N PRO D 189 14.73 -55.59 8.72
CA PRO D 189 13.46 -55.24 8.07
C PRO D 189 12.69 -54.12 8.77
N ALA D 190 11.39 -54.27 9.05
CA ALA D 190 10.56 -55.46 8.90
C ALA D 190 9.65 -55.45 7.68
N PRO E 20 -10.74 23.92 0.01
CA PRO E 20 -10.05 24.23 1.27
C PRO E 20 -10.91 25.16 2.16
N THR E 21 -11.03 26.46 1.78
CA THR E 21 -11.90 27.38 2.51
C THR E 21 -13.34 27.13 2.08
N TYR E 22 -14.29 27.29 3.02
CA TYR E 22 -15.73 27.19 2.74
C TYR E 22 -16.32 28.55 2.33
N VAL E 23 -15.53 29.66 2.40
CA VAL E 23 -16.00 30.99 2.00
C VAL E 23 -16.22 30.98 0.47
N GLY E 24 -17.44 31.33 0.08
CA GLY E 24 -17.87 31.31 -1.32
C GLY E 24 -18.43 29.96 -1.77
N LYS E 25 -18.44 28.95 -0.85
CA LYS E 25 -18.95 27.58 -1.04
C LYS E 25 -20.05 27.30 -0.02
N GLU E 26 -20.65 26.11 -0.10
CA GLU E 26 -21.68 25.63 0.84
C GLU E 26 -21.14 25.49 2.26
N ALA E 27 -21.86 26.07 3.22
CA ALA E 27 -21.53 26.01 4.62
C ALA E 27 -21.65 24.58 5.15
N PRO E 28 -20.66 24.09 5.94
CA PRO E 28 -20.79 22.74 6.49
C PRO E 28 -22.08 22.55 7.27
N PHE E 29 -22.80 21.46 7.00
CA PHE E 29 -24.05 21.14 7.68
C PHE E 29 -23.83 21.09 9.20
N PHE E 30 -24.85 21.48 9.97
CA PHE E 30 -24.78 21.39 11.42
C PHE E 30 -26.16 21.04 11.94
N LYS E 31 -26.19 20.37 13.09
CA LYS E 31 -27.38 19.98 13.81
C LYS E 31 -26.98 20.06 15.29
N ALA E 32 -27.75 20.79 16.10
CA ALA E 32 -27.41 20.94 17.51
C ALA E 32 -28.61 21.09 18.37
N GLU E 33 -28.45 20.76 19.66
CA GLU E 33 -29.48 21.04 20.67
C GLU E 33 -29.29 22.49 20.98
N ALA E 34 -30.36 23.13 21.42
CA ALA E 34 -30.35 24.57 21.62
C ALA E 34 -31.24 25.05 22.74
N VAL E 35 -30.93 26.25 23.26
CA VAL E 35 -31.74 26.94 24.25
C VAL E 35 -32.29 28.13 23.50
N PHE E 36 -33.60 28.14 23.28
CA PHE E 36 -34.27 29.21 22.59
C PHE E 36 -34.43 30.39 23.53
N GLY E 37 -34.82 31.54 22.97
CA GLY E 37 -35.00 32.77 23.74
C GLY E 37 -35.92 32.66 24.94
N ASP E 38 -36.97 31.83 24.80
CA ASP E 38 -37.96 31.57 25.85
C ASP E 38 -37.51 30.47 26.85
N ASN E 39 -36.20 30.08 26.83
CA ASN E 39 -35.62 29.06 27.70
C ASN E 39 -36.10 27.61 27.46
N SER E 40 -36.82 27.42 26.37
CA SER E 40 -37.31 26.13 25.93
C SER E 40 -36.11 25.43 25.28
N PHE E 41 -36.10 24.10 25.33
CA PHE E 41 -35.04 23.31 24.72
C PHE E 41 -35.59 22.75 23.44
N GLY E 42 -34.73 22.68 22.44
CA GLY E 42 -35.09 22.15 21.12
C GLY E 42 -33.86 21.79 20.33
N GLU E 43 -34.05 21.69 19.02
CA GLU E 43 -32.99 21.34 18.09
C GLU E 43 -32.98 22.29 16.89
N VAL E 44 -31.77 22.58 16.37
CA VAL E 44 -31.59 23.44 15.20
C VAL E 44 -30.64 22.75 14.24
N ASN E 45 -30.93 22.83 12.95
CA ASN E 45 -30.05 22.35 11.90
C ASN E 45 -30.02 23.38 10.76
N LEU E 46 -28.92 23.38 10.02
CA LEU E 46 -28.70 24.30 8.90
C LEU E 46 -29.78 24.25 7.84
N THR E 47 -30.23 23.05 7.49
CA THR E 47 -31.18 22.86 6.39
C THR E 47 -32.56 23.51 6.58
N GLN E 48 -32.97 23.83 7.83
CA GLN E 48 -34.26 24.48 8.10
C GLN E 48 -34.31 25.95 7.65
N PHE E 49 -33.13 26.58 7.47
CA PHE E 49 -32.99 27.96 7.03
C PHE E 49 -32.80 28.09 5.51
N ILE E 50 -32.35 27.00 4.83
CA ILE E 50 -32.03 27.06 3.39
C ILE E 50 -33.27 27.41 2.57
N GLY E 51 -33.14 28.51 1.82
CA GLY E 51 -34.18 29.08 0.98
C GLY E 51 -35.22 29.89 1.73
N LYS E 52 -34.92 30.27 2.98
CA LYS E 52 -35.85 30.96 3.86
C LYS E 52 -35.18 32.11 4.61
N LYS E 53 -34.21 31.82 5.49
CA LYS E 53 -33.50 32.82 6.29
C LYS E 53 -32.01 32.83 5.95
N TYR E 54 -31.37 34.02 6.17
CA TYR E 54 -29.92 34.23 6.20
C TYR E 54 -29.51 33.77 7.61
N VAL E 55 -28.28 33.33 7.80
CA VAL E 55 -27.85 32.83 9.11
C VAL E 55 -26.58 33.51 9.55
N LEU E 56 -26.62 34.13 10.73
CA LEU E 56 -25.42 34.69 11.34
C LEU E 56 -25.03 33.75 12.49
N LEU E 57 -24.03 32.90 12.24
CA LEU E 57 -23.56 31.93 13.21
C LEU E 57 -22.30 32.46 13.83
N TYR E 58 -22.35 32.77 15.13
CA TYR E 58 -21.18 33.22 15.87
C TYR E 58 -20.75 32.17 16.89
N PHE E 59 -19.46 32.13 17.15
CA PHE E 59 -18.81 31.22 18.08
C PHE E 59 -18.13 31.99 19.21
N TYR E 60 -18.07 31.37 20.38
CA TYR E 60 -17.36 31.93 21.53
C TYR E 60 -16.83 30.77 22.38
N PRO E 61 -15.69 30.93 23.09
CA PRO E 61 -15.10 29.76 23.78
C PRO E 61 -15.95 29.08 24.84
N LEU E 62 -16.33 29.84 25.88
CA LEU E 62 -17.06 29.28 27.01
C LEU E 62 -18.01 30.23 27.70
N ASP E 63 -18.94 29.62 28.45
CA ASP E 63 -19.85 30.28 29.37
C ASP E 63 -19.12 30.38 30.71
N PHE E 64 -19.67 31.22 31.57
CA PHE E 64 -19.21 31.43 32.93
C PHE E 64 -17.74 31.87 33.15
N THR E 65 -17.03 32.38 32.12
CA THR E 65 -15.64 32.84 32.32
C THR E 65 -15.62 34.25 32.96
N PHE E 66 -14.40 34.80 33.18
CA PHE E 66 -14.18 36.12 33.77
C PHE E 66 -14.06 37.23 32.70
N VAL E 67 -14.06 36.85 31.41
CA VAL E 67 -14.11 37.78 30.29
C VAL E 67 -15.60 38.12 30.17
N CYS E 68 -15.96 39.41 30.19
CA CYS E 68 -17.36 39.83 30.15
C CYS E 68 -18.02 39.50 28.80
N PRO E 69 -19.31 39.09 28.80
CA PRO E 69 -19.99 38.74 27.53
C PRO E 69 -20.66 39.92 26.84
N SER E 70 -19.98 41.07 26.76
CA SER E 70 -20.52 42.27 26.11
C SER E 70 -20.99 42.02 24.68
N GLU E 71 -20.25 41.24 23.89
CA GLU E 71 -20.60 40.96 22.49
C GLU E 71 -21.97 40.27 22.36
N ILE E 72 -22.21 39.17 23.12
CA ILE E 72 -23.51 38.47 23.12
C ILE E 72 -24.63 39.46 23.51
N ILE E 73 -24.33 40.37 24.44
CA ILE E 73 -25.31 41.37 24.90
C ILE E 73 -25.56 42.45 23.85
N ALA E 74 -24.50 42.88 23.17
CA ALA E 74 -24.55 43.86 22.09
C ALA E 74 -25.35 43.29 20.92
N LEU E 75 -25.11 42.00 20.59
CA LEU E 75 -25.82 41.32 19.51
C LEU E 75 -27.29 41.15 19.84
N ASP E 76 -27.62 40.83 21.10
CA ASP E 76 -29.02 40.70 21.53
C ASP E 76 -29.79 42.01 21.48
N LYS E 77 -29.15 43.13 21.85
CA LYS E 77 -29.73 44.48 21.75
C LYS E 77 -30.19 44.76 20.32
N ALA E 78 -29.38 44.31 19.35
CA ALA E 78 -29.63 44.47 17.92
C ALA E 78 -30.52 43.37 17.29
N LEU E 79 -31.25 42.55 18.07
CA LEU E 79 -32.04 41.45 17.49
C LEU E 79 -33.15 41.83 16.51
N ASP E 80 -33.79 42.99 16.67
CA ASP E 80 -34.84 43.43 15.73
C ASP E 80 -34.23 43.82 14.39
N ALA E 81 -33.02 44.44 14.43
CA ALA E 81 -32.28 44.76 13.22
C ALA E 81 -32.01 43.49 12.43
N PHE E 82 -31.59 42.41 13.10
CA PHE E 82 -31.35 41.11 12.45
C PHE E 82 -32.66 40.53 11.88
N HIS E 83 -33.70 40.53 12.67
CA HIS E 83 -35.00 40.06 12.22
C HIS E 83 -35.55 40.79 11.01
N GLU E 84 -35.40 42.10 11.00
CA GLU E 84 -35.76 43.00 9.88
C GLU E 84 -35.10 42.59 8.57
N ARG E 85 -33.83 42.17 8.62
CA ARG E 85 -33.07 41.73 7.44
C ARG E 85 -33.26 40.21 7.15
N ASN E 86 -34.24 39.50 7.78
CA ASN E 86 -34.46 38.06 7.57
C ASN E 86 -33.22 37.25 8.00
N VAL E 87 -32.59 37.63 9.11
CA VAL E 87 -31.39 36.96 9.62
C VAL E 87 -31.75 36.23 10.91
N GLU E 88 -31.32 34.95 11.00
CA GLU E 88 -31.44 34.14 12.21
C GLU E 88 -30.08 34.24 12.95
N LEU E 89 -30.05 34.84 14.15
CA LEU E 89 -28.80 34.95 14.92
C LEU E 89 -28.60 33.71 15.80
N LEU E 90 -27.48 32.98 15.60
CA LEU E 90 -27.14 31.76 16.36
C LEU E 90 -25.81 31.85 17.09
N GLY E 91 -25.85 31.76 18.41
CA GLY E 91 -24.66 31.72 19.26
C GLY E 91 -24.25 30.28 19.47
N CYS E 92 -22.96 30.02 19.57
CA CYS E 92 -22.51 28.64 19.70
C CYS E 92 -21.30 28.50 20.59
N SER E 93 -21.35 27.52 21.45
CA SER E 93 -20.26 27.17 22.33
C SER E 93 -20.24 25.66 22.46
N VAL E 94 -19.18 25.22 23.07
CA VAL E 94 -18.85 23.84 23.35
C VAL E 94 -19.54 23.31 24.64
N ASP E 95 -20.15 24.23 25.39
CA ASP E 95 -20.88 23.92 26.61
C ASP E 95 -22.19 23.22 26.30
N SER E 96 -22.79 22.60 27.32
CA SER E 96 -24.04 21.89 27.16
C SER E 96 -25.18 22.88 27.19
N LYS E 97 -26.35 22.44 26.71
CA LYS E 97 -27.56 23.25 26.73
C LYS E 97 -27.94 23.65 28.17
N TYR E 98 -27.60 22.79 29.15
CA TYR E 98 -27.86 23.02 30.58
C TYR E 98 -27.01 24.14 31.14
N THR E 99 -25.79 24.29 30.65
CA THR E 99 -24.89 25.38 31.05
C THR E 99 -25.43 26.71 30.50
N HIS E 100 -25.87 26.71 29.24
CA HIS E 100 -26.43 27.87 28.58
C HIS E 100 -27.60 28.42 29.35
N LEU E 101 -28.58 27.58 29.66
CA LEU E 101 -29.77 27.97 30.44
C LEU E 101 -29.36 28.52 31.79
N ALA E 102 -28.44 27.84 32.48
CA ALA E 102 -27.86 28.28 33.75
C ALA E 102 -27.18 29.67 33.64
N TRP E 103 -26.53 29.96 32.50
CA TRP E 103 -25.89 31.25 32.24
C TRP E 103 -26.94 32.35 32.00
N LYS E 104 -28.08 31.99 31.38
CA LYS E 104 -29.18 32.91 31.15
C LYS E 104 -29.92 33.24 32.46
N LYS E 105 -29.97 32.26 33.38
CA LYS E 105 -30.58 32.45 34.72
C LYS E 105 -29.65 33.19 35.69
N THR E 106 -28.40 33.50 35.25
CA THR E 106 -27.43 34.28 36.04
C THR E 106 -27.48 35.75 35.60
N PRO E 107 -27.65 36.70 36.52
CA PRO E 107 -27.68 38.12 36.11
C PRO E 107 -26.33 38.66 35.67
N LEU E 108 -26.32 39.79 34.92
CA LEU E 108 -25.09 40.39 34.40
C LEU E 108 -24.09 40.76 35.49
N ALA E 109 -24.58 41.35 36.59
CA ALA E 109 -23.73 41.71 37.73
C ALA E 109 -22.98 40.50 38.29
N LYS E 110 -23.60 39.29 38.23
CA LYS E 110 -23.00 38.03 38.69
C LYS E 110 -22.28 37.26 37.55
N GLY E 111 -21.85 37.97 36.51
CA GLY E 111 -21.12 37.39 35.39
C GLY E 111 -21.92 36.53 34.44
N GLY E 112 -23.23 36.72 34.41
CA GLY E 112 -24.12 35.97 33.53
C GLY E 112 -24.48 36.79 32.32
N ILE E 113 -25.40 36.25 31.49
CA ILE E 113 -25.88 36.92 30.27
C ILE E 113 -27.35 37.34 30.37
N GLY E 114 -28.07 36.85 31.37
CA GLY E 114 -29.47 37.19 31.54
C GLY E 114 -30.35 36.60 30.46
N ASN E 115 -31.63 36.97 30.44
CA ASN E 115 -32.58 36.40 29.50
C ASN E 115 -32.43 36.97 28.09
N ILE E 116 -31.44 36.46 27.33
CA ILE E 116 -31.27 36.87 25.94
C ILE E 116 -32.38 36.20 25.08
N LYS E 117 -32.83 36.90 24.04
CA LYS E 117 -33.91 36.46 23.16
C LYS E 117 -33.43 35.63 21.99
N HIS E 118 -32.13 35.67 21.61
CA HIS E 118 -31.66 34.83 20.51
C HIS E 118 -31.22 33.46 21.00
N THR E 119 -31.11 32.52 20.06
CA THR E 119 -30.81 31.11 20.32
C THR E 119 -29.32 30.79 20.56
N LEU E 120 -29.05 29.94 21.57
CA LEU E 120 -27.70 29.45 21.86
C LEU E 120 -27.65 27.96 21.54
N LEU E 121 -26.73 27.56 20.66
CA LEU E 121 -26.51 26.18 20.27
C LEU E 121 -25.46 25.51 21.17
N SER E 122 -25.64 24.20 21.40
CA SER E 122 -24.71 23.38 22.19
C SER E 122 -23.88 22.47 21.26
N ASP E 123 -22.56 22.76 21.16
CA ASP E 123 -21.60 21.99 20.37
C ASP E 123 -20.89 21.01 21.32
N ILE E 124 -21.72 20.15 21.92
CA ILE E 124 -21.32 19.20 22.95
C ILE E 124 -20.31 18.19 22.45
N THR E 125 -20.34 17.88 21.14
CA THR E 125 -19.39 16.93 20.54
C THR E 125 -18.17 17.62 19.94
N LYS E 126 -18.20 18.96 19.83
CA LYS E 126 -17.18 19.85 19.25
C LYS E 126 -17.10 19.77 17.70
N SER E 127 -18.05 19.08 17.04
CA SER E 127 -18.08 18.86 15.58
C SER E 127 -18.32 20.13 14.79
N ILE E 128 -19.22 20.99 15.26
CA ILE E 128 -19.53 22.23 14.53
C ILE E 128 -18.25 23.06 14.51
N SER E 129 -17.61 23.23 15.67
CA SER E 129 -16.34 23.96 15.80
C SER E 129 -15.24 23.35 14.93
N LYS E 130 -15.20 22.03 14.83
CA LYS E 130 -14.25 21.34 13.96
C LYS E 130 -14.57 21.60 12.48
N ASP E 131 -15.86 21.43 12.10
CA ASP E 131 -16.30 21.61 10.70
C ASP E 131 -16.17 23.05 10.20
N TYR E 132 -16.23 24.02 11.10
CA TYR E 132 -16.08 25.41 10.73
C TYR E 132 -14.63 25.87 10.92
N ASN E 133 -13.71 24.95 11.28
CA ASN E 133 -12.27 25.19 11.46
C ASN E 133 -11.97 26.25 12.52
N VAL E 134 -12.80 26.30 13.57
CA VAL E 134 -12.65 27.27 14.66
C VAL E 134 -12.37 26.59 16.01
N LEU E 135 -12.10 25.28 16.07
CA LEU E 135 -11.76 24.65 17.34
C LEU E 135 -10.29 24.88 17.70
N PHE E 136 -10.02 25.47 18.88
CA PHE E 136 -8.66 25.73 19.34
C PHE E 136 -8.26 24.56 20.23
N ASP E 137 -7.14 23.88 19.91
CA ASP E 137 -6.72 22.65 20.58
C ASP E 137 -7.90 21.66 20.30
N ASP E 138 -8.28 20.84 21.27
CA ASP E 138 -9.42 19.97 21.06
C ASP E 138 -10.34 20.21 22.25
N SER E 139 -10.49 21.51 22.60
CA SER E 139 -11.22 21.95 23.78
C SER E 139 -12.37 22.89 23.48
N VAL E 140 -12.08 24.11 23.09
CA VAL E 140 -13.08 25.15 22.94
C VAL E 140 -12.82 25.84 21.65
N SER E 141 -13.81 26.56 21.14
CA SER E 141 -13.62 27.29 19.91
C SER E 141 -13.09 28.70 20.08
N LEU E 142 -12.76 29.33 18.99
CA LEU E 142 -12.24 30.67 19.02
C LEU E 142 -13.39 31.60 18.89
N ARG E 143 -13.15 32.89 18.91
CA ARG E 143 -14.25 33.83 18.66
C ARG E 143 -14.42 33.99 17.12
N ALA E 144 -15.62 33.74 16.61
CA ALA E 144 -15.87 33.80 15.17
C ALA E 144 -17.30 34.16 14.80
N PHE E 145 -17.47 34.65 13.57
CA PHE E 145 -18.76 35.02 12.96
C PHE E 145 -18.77 34.41 11.57
N VAL E 146 -19.89 33.79 11.17
CA VAL E 146 -20.05 33.17 9.85
C VAL E 146 -21.42 33.57 9.31
N LEU E 147 -21.44 34.38 8.23
CA LEU E 147 -22.66 34.79 7.56
C LEU E 147 -22.90 33.86 6.34
N ILE E 148 -23.98 33.09 6.43
CA ILE E 148 -24.46 32.12 5.45
C ILE E 148 -25.68 32.76 4.80
N ASP E 149 -25.77 32.76 3.45
CA ASP E 149 -26.93 33.36 2.76
C ASP E 149 -28.10 32.39 2.67
N MET E 150 -29.20 32.82 2.03
CA MET E 150 -30.39 31.97 1.82
C MET E 150 -30.14 30.68 0.94
N ASN E 151 -29.04 30.62 0.14
CA ASN E 151 -28.69 29.42 -0.65
C ASN E 151 -27.73 28.52 0.11
N GLY E 152 -27.42 28.85 1.34
CA GLY E 152 -26.51 28.07 2.16
C GLY E 152 -25.04 28.31 1.86
N ILE E 153 -24.72 29.42 1.14
CA ILE E 153 -23.34 29.77 0.78
C ILE E 153 -22.77 30.73 1.84
N VAL E 154 -21.54 30.47 2.31
CA VAL E 154 -20.82 31.34 3.25
C VAL E 154 -20.30 32.55 2.45
N GLN E 155 -20.71 33.77 2.87
CA GLN E 155 -20.33 35.02 2.22
C GLN E 155 -19.32 35.85 3.02
N HIS E 156 -19.11 35.50 4.28
CA HIS E 156 -18.25 36.26 5.16
C HIS E 156 -17.83 35.39 6.33
N LEU E 157 -16.55 35.49 6.70
CA LEU E 157 -15.96 34.77 7.83
C LEU E 157 -15.03 35.74 8.55
N LEU E 158 -15.20 35.89 9.87
CA LEU E 158 -14.30 36.67 10.71
C LEU E 158 -13.89 35.81 11.91
N VAL E 159 -12.57 35.65 12.12
CA VAL E 159 -12.02 34.87 13.23
C VAL E 159 -11.05 35.74 14.03
N ASN E 160 -11.22 35.72 15.35
CA ASN E 160 -10.42 36.46 16.31
C ASN E 160 -9.85 35.52 17.35
N ASN E 161 -8.59 35.71 17.69
CA ASN E 161 -7.91 34.94 18.71
C ASN E 161 -8.16 35.51 20.13
N LEU E 162 -8.44 36.82 20.22
CA LEU E 162 -8.62 37.53 21.48
C LEU E 162 -10.05 38.05 21.60
N ALA E 163 -10.38 38.50 22.81
CA ALA E 163 -11.71 39.01 23.14
C ALA E 163 -11.78 40.49 22.86
N ILE E 164 -11.61 40.86 21.61
CA ILE E 164 -11.62 42.26 21.21
C ILE E 164 -13.02 42.78 20.84
N GLY E 165 -13.89 41.89 20.40
CA GLY E 165 -15.25 42.27 20.04
C GLY E 165 -15.41 42.75 18.62
N ARG E 166 -16.65 42.75 18.15
CA ARG E 166 -16.99 43.18 16.80
C ARG E 166 -18.14 44.17 16.84
N SER E 167 -18.03 45.25 16.04
CA SER E 167 -19.08 46.27 15.99
C SER E 167 -20.33 45.68 15.39
N VAL E 168 -21.47 45.90 16.06
CA VAL E 168 -22.78 45.43 15.59
C VAL E 168 -23.11 46.17 14.28
N ASP E 169 -22.70 47.46 14.18
CA ASP E 169 -22.90 48.30 13.01
C ASP E 169 -22.17 47.74 11.80
N GLU E 170 -20.95 47.20 11.96
CA GLU E 170 -20.21 46.60 10.83
C GLU E 170 -20.94 45.38 10.34
N ILE E 171 -21.36 44.50 11.26
CA ILE E 171 -22.10 43.27 10.93
C ILE E 171 -23.35 43.65 10.07
N LEU E 172 -24.16 44.61 10.51
CA LEU E 172 -25.36 45.04 9.78
C LEU E 172 -25.03 45.65 8.43
N ARG E 173 -23.90 46.37 8.34
CA ARG E 173 -23.41 46.97 7.10
C ARG E 173 -22.95 45.87 6.12
N ILE E 174 -22.33 44.77 6.62
CA ILE E 174 -21.94 43.63 5.78
C ILE E 174 -23.22 43.01 5.21
N ILE E 175 -24.21 42.74 6.09
CA ILE E 175 -25.49 42.12 5.72
C ILE E 175 -26.16 42.92 4.63
N ASP E 176 -26.15 44.25 4.75
CA ASP E 176 -26.76 45.16 3.77
C ASP E 176 -26.03 45.19 2.43
N ALA E 177 -24.69 45.02 2.41
CA ALA E 177 -23.92 44.99 1.15
C ALA E 177 -24.24 43.71 0.37
N ILE E 178 -24.49 42.64 1.08
CA ILE E 178 -24.86 41.33 0.53
C ILE E 178 -26.28 41.37 0.04
N GLN E 179 -27.15 42.05 0.77
CA GLN E 179 -28.55 42.15 0.37
C GLN E 179 -28.79 43.18 -0.74
N HIS E 180 -27.90 44.18 -0.91
CA HIS E 180 -27.99 45.19 -1.98
C HIS E 180 -26.90 44.83 -2.97
N HIS E 181 -27.28 44.11 -4.03
CA HIS E 181 -26.37 43.59 -5.06
C HIS E 181 -25.76 44.71 -5.91
N PRO F 20 -6.80 22.92 9.69
CA PRO F 20 -6.52 23.58 10.98
C PRO F 20 -6.21 25.05 10.80
N THR F 21 -6.97 25.92 11.47
CA THR F 21 -6.76 27.37 11.32
C THR F 21 -5.40 27.79 11.88
N TYR F 22 -4.74 28.73 11.19
CA TYR F 22 -3.48 29.32 11.63
C TYR F 22 -3.72 30.46 12.62
N VAL F 23 -4.99 30.78 12.92
CA VAL F 23 -5.36 31.83 13.85
C VAL F 23 -4.97 31.41 15.29
N GLY F 24 -4.19 32.28 15.92
CA GLY F 24 -3.58 32.05 17.23
C GLY F 24 -2.32 31.23 17.14
N LYS F 25 -1.89 30.91 15.90
CA LYS F 25 -0.70 30.12 15.62
C LYS F 25 0.21 30.94 14.75
N GLU F 26 1.40 30.41 14.47
CA GLU F 26 2.37 31.11 13.64
C GLU F 26 1.82 31.33 12.25
N ALA F 27 2.05 32.50 11.68
CA ALA F 27 1.57 32.83 10.36
C ALA F 27 2.41 32.09 9.29
N PRO F 28 1.76 31.50 8.25
CA PRO F 28 2.55 30.84 7.18
C PRO F 28 3.56 31.78 6.55
N PHE F 29 4.79 31.31 6.38
CA PHE F 29 5.86 32.11 5.78
C PHE F 29 5.57 32.42 4.33
N PHE F 30 6.01 33.61 3.86
CA PHE F 30 5.91 34.05 2.48
C PHE F 30 7.14 34.87 2.06
N LYS F 31 7.49 34.77 0.78
CA LYS F 31 8.58 35.52 0.13
C LYS F 31 7.94 35.92 -1.17
N ALA F 32 8.00 37.21 -1.55
CA ALA F 32 7.34 37.67 -2.77
C ALA F 32 7.99 38.88 -3.38
N GLU F 33 7.87 39.00 -4.72
CA GLU F 33 8.36 40.16 -5.45
C GLU F 33 7.32 41.25 -5.19
N ALA F 34 7.75 42.51 -5.10
CA ALA F 34 6.86 43.59 -4.74
C ALA F 34 7.17 44.90 -5.44
N VAL F 35 6.18 45.82 -5.44
CA VAL F 35 6.28 47.18 -5.94
C VAL F 35 6.16 48.07 -4.71
N PHE F 36 7.20 48.80 -4.40
CA PHE F 36 7.22 49.71 -3.28
C PHE F 36 6.62 51.06 -3.67
N GLY F 37 6.40 51.92 -2.69
CA GLY F 37 5.86 53.27 -2.87
C GLY F 37 6.60 54.13 -3.88
N ASP F 38 7.93 54.01 -3.91
CA ASP F 38 8.77 54.73 -4.88
C ASP F 38 8.78 54.06 -6.26
N ASN F 39 7.90 53.06 -6.50
CA ASN F 39 7.73 52.33 -7.74
C ASN F 39 8.90 51.45 -8.17
N SER F 40 9.81 51.13 -7.24
CA SER F 40 10.91 50.23 -7.52
C SER F 40 10.45 48.80 -7.16
N PHE F 41 11.14 47.82 -7.73
CA PHE F 41 10.80 46.44 -7.47
C PHE F 41 11.74 45.87 -6.40
N GLY F 42 11.23 44.92 -5.63
CA GLY F 42 12.02 44.26 -4.60
C GLY F 42 11.41 42.98 -4.08
N GLU F 43 11.87 42.53 -2.93
CA GLU F 43 11.34 41.34 -2.30
C GLU F 43 10.99 41.62 -0.84
N VAL F 44 9.81 41.15 -0.43
CA VAL F 44 9.33 41.25 0.94
C VAL F 44 9.27 39.81 1.45
N ASN F 45 9.79 39.62 2.65
CA ASN F 45 9.90 38.39 3.39
C ASN F 45 9.10 38.61 4.70
N LEU F 46 8.31 37.63 5.14
CA LEU F 46 7.58 37.77 6.40
C LEU F 46 8.56 37.85 7.57
N THR F 47 9.67 37.08 7.54
CA THR F 47 10.62 37.11 8.65
C THR F 47 11.33 38.45 8.83
N GLN F 48 11.34 39.34 7.82
CA GLN F 48 11.94 40.65 8.00
C GLN F 48 11.18 41.55 8.99
N PHE F 49 9.96 41.14 9.43
CA PHE F 49 9.15 41.90 10.37
C PHE F 49 9.10 41.27 11.76
N ILE F 50 9.50 39.98 11.94
CA ILE F 50 9.38 39.31 13.25
C ILE F 50 10.25 40.01 14.29
N GLY F 51 9.60 40.40 15.40
CA GLY F 51 10.21 41.11 16.51
C GLY F 51 10.41 42.60 16.29
N LYS F 52 9.90 43.12 15.16
CA LYS F 52 10.12 44.50 14.75
C LYS F 52 8.84 45.29 14.38
N LYS F 53 7.88 44.66 13.69
CA LYS F 53 6.66 45.33 13.23
C LYS F 53 5.48 44.36 13.19
N TYR F 54 4.25 44.92 13.33
CA TYR F 54 2.98 44.20 13.15
C TYR F 54 2.76 44.22 11.63
N VAL F 55 2.06 43.23 11.07
CA VAL F 55 1.82 43.18 9.62
C VAL F 55 0.35 42.99 9.36
N LEU F 56 -0.21 43.90 8.54
CA LEU F 56 -1.59 43.77 8.09
C LEU F 56 -1.46 43.35 6.67
N LEU F 57 -1.57 42.05 6.44
CA LEU F 57 -1.54 41.47 5.11
C LEU F 57 -2.98 41.41 4.61
N TYR F 58 -3.29 42.14 3.53
CA TYR F 58 -4.61 42.11 2.91
C TYR F 58 -4.52 41.54 1.48
N PHE F 59 -5.56 40.83 1.08
CA PHE F 59 -5.70 40.14 -0.20
C PHE F 59 -6.88 40.71 -0.94
N TYR F 60 -6.79 40.71 -2.25
CA TYR F 60 -7.90 41.11 -3.12
C TYR F 60 -7.70 40.34 -4.43
N PRO F 61 -8.78 40.07 -5.17
CA PRO F 61 -8.64 39.20 -6.35
C PRO F 61 -7.75 39.65 -7.49
N LEU F 62 -8.06 40.81 -8.10
CA LEU F 62 -7.35 41.22 -9.30
C LEU F 62 -7.30 42.71 -9.47
N ASP F 63 -6.28 43.16 -10.20
CA ASP F 63 -6.09 44.53 -10.63
C ASP F 63 -6.91 44.71 -11.91
N PHE F 64 -7.18 45.97 -12.25
CA PHE F 64 -7.86 46.40 -13.48
C PHE F 64 -9.28 45.84 -13.69
N THR F 65 -9.99 45.49 -12.62
CA THR F 65 -11.37 44.98 -12.70
C THR F 65 -12.35 46.17 -12.79
N PHE F 66 -13.63 45.90 -13.08
CA PHE F 66 -14.69 46.91 -13.15
C PHE F 66 -15.25 47.28 -11.76
N VAL F 67 -14.68 46.73 -10.69
CA VAL F 67 -15.03 47.02 -9.31
C VAL F 67 -14.13 48.19 -8.92
N CYS F 68 -14.71 49.25 -8.33
CA CYS F 68 -13.91 50.40 -7.95
C CYS F 68 -12.88 50.05 -6.81
N PRO F 69 -11.57 50.40 -6.95
CA PRO F 69 -10.60 50.03 -5.89
C PRO F 69 -10.52 51.04 -4.72
N SER F 70 -11.67 51.43 -4.19
CA SER F 70 -11.74 52.38 -3.10
C SER F 70 -11.08 51.87 -1.81
N GLU F 71 -11.08 50.55 -1.59
CA GLU F 71 -10.48 49.96 -0.38
C GLU F 71 -8.98 50.21 -0.34
N ILE F 72 -8.28 49.98 -1.47
CA ILE F 72 -6.83 50.18 -1.54
C ILE F 72 -6.49 51.64 -1.30
N ILE F 73 -7.28 52.52 -1.89
CA ILE F 73 -7.07 53.96 -1.81
C ILE F 73 -7.36 54.43 -0.39
N ALA F 74 -8.47 54.00 0.20
CA ALA F 74 -8.81 54.32 1.59
C ALA F 74 -7.71 53.82 2.54
N LEU F 75 -7.21 52.59 2.31
CA LEU F 75 -6.11 52.05 3.10
C LEU F 75 -4.82 52.86 2.96
N ASP F 76 -4.55 53.41 1.76
CA ASP F 76 -3.34 54.22 1.56
C ASP F 76 -3.53 55.60 2.16
N LYS F 77 -4.76 56.14 2.15
CA LYS F 77 -5.05 57.44 2.79
C LYS F 77 -4.70 57.38 4.29
N ALA F 78 -4.88 56.20 4.90
CA ALA F 78 -4.63 55.91 6.30
C ALA F 78 -3.26 55.30 6.59
N LEU F 79 -2.29 55.41 5.69
CA LEU F 79 -0.98 54.79 5.92
C LEU F 79 -0.26 55.32 7.17
N ASP F 80 -0.33 56.63 7.48
CA ASP F 80 0.34 57.15 8.68
C ASP F 80 -0.33 56.66 9.97
N ALA F 81 -1.65 56.39 9.95
CA ALA F 81 -2.32 55.79 11.12
C ALA F 81 -1.73 54.38 11.38
N PHE F 82 -1.41 53.65 10.28
CA PHE F 82 -0.82 52.34 10.36
C PHE F 82 0.60 52.46 10.89
N HIS F 83 1.37 53.40 10.41
CA HIS F 83 2.72 53.57 10.91
C HIS F 83 2.80 54.02 12.35
N GLU F 84 1.88 54.88 12.76
CA GLU F 84 1.79 55.29 14.17
C GLU F 84 1.62 54.07 15.08
N ARG F 85 0.88 53.04 14.62
CA ARG F 85 0.64 51.79 15.37
C ARG F 85 1.70 50.68 15.13
N ASN F 86 2.80 51.02 14.45
CA ASN F 86 3.90 50.13 14.07
C ASN F 86 3.41 48.99 13.18
N VAL F 87 2.49 49.27 12.23
CA VAL F 87 2.04 48.21 11.34
C VAL F 87 2.49 48.46 9.92
N GLU F 88 3.03 47.41 9.28
CA GLU F 88 3.41 47.40 7.87
C GLU F 88 2.16 46.94 7.14
N LEU F 89 1.64 47.75 6.24
CA LEU F 89 0.50 47.38 5.41
C LEU F 89 1.05 46.78 4.10
N LEU F 90 0.65 45.51 3.78
CA LEU F 90 1.02 44.83 2.56
C LEU F 90 -0.24 44.38 1.81
N GLY F 91 -0.39 44.81 0.56
CA GLY F 91 -1.46 44.40 -0.34
C GLY F 91 -0.99 43.21 -1.17
N CYS F 92 -1.92 42.33 -1.56
CA CYS F 92 -1.52 41.12 -2.28
C CYS F 92 -2.58 40.57 -3.20
N SER F 93 -2.15 40.22 -4.42
CA SER F 93 -2.97 39.55 -5.43
C SER F 93 -2.07 38.72 -6.29
N VAL F 94 -2.68 37.86 -7.08
CA VAL F 94 -1.99 36.95 -8.01
C VAL F 94 -1.44 37.63 -9.28
N ASP F 95 -1.64 38.94 -9.43
CA ASP F 95 -1.12 39.64 -10.58
C ASP F 95 0.39 39.82 -10.47
N SER F 96 1.05 40.04 -11.63
CA SER F 96 2.50 40.25 -11.66
C SER F 96 2.80 41.64 -11.11
N LYS F 97 4.07 41.86 -10.71
CA LYS F 97 4.51 43.15 -10.22
C LYS F 97 4.37 44.24 -11.31
N TYR F 98 4.51 43.85 -12.58
CA TYR F 98 4.40 44.75 -13.72
C TYR F 98 2.98 45.28 -13.87
N THR F 99 1.99 44.43 -13.66
CA THR F 99 0.58 44.80 -13.68
C THR F 99 0.30 45.74 -12.50
N HIS F 100 0.93 45.49 -11.30
CA HIS F 100 0.74 46.35 -10.12
C HIS F 100 1.23 47.74 -10.42
N LEU F 101 2.46 47.84 -10.98
CA LEU F 101 3.04 49.13 -11.36
C LEU F 101 2.16 49.85 -12.40
N ALA F 102 1.69 49.13 -13.41
CA ALA F 102 0.83 49.73 -14.43
C ALA F 102 -0.44 50.27 -13.82
N TRP F 103 -1.00 49.56 -12.83
CA TRP F 103 -2.26 49.96 -12.16
C TRP F 103 -2.06 51.25 -11.36
N LYS F 104 -0.85 51.45 -10.82
CA LYS F 104 -0.49 52.67 -10.10
C LYS F 104 -0.39 53.84 -11.05
N LYS F 105 0.15 53.58 -12.27
CA LYS F 105 0.32 54.60 -13.32
C LYS F 105 -0.98 54.95 -14.07
N THR F 106 -2.07 54.22 -13.82
CA THR F 106 -3.39 54.48 -14.42
C THR F 106 -4.13 55.51 -13.55
N PRO F 107 -4.83 56.48 -14.16
CA PRO F 107 -5.54 57.47 -13.34
C PRO F 107 -6.77 56.88 -12.68
N LEU F 108 -7.16 57.44 -11.54
CA LEU F 108 -8.35 57.01 -10.79
C LEU F 108 -9.63 57.04 -11.65
N ALA F 109 -9.74 58.01 -12.61
CA ALA F 109 -10.87 58.12 -13.55
C ALA F 109 -11.02 56.84 -14.36
N LYS F 110 -9.88 56.32 -14.88
CA LYS F 110 -9.79 55.06 -15.63
C LYS F 110 -9.71 53.82 -14.69
N GLY F 111 -10.26 53.88 -13.48
CA GLY F 111 -10.27 52.77 -12.53
C GLY F 111 -8.94 52.38 -11.90
N GLY F 112 -7.91 53.22 -12.05
CA GLY F 112 -6.60 53.01 -11.46
C GLY F 112 -6.57 53.25 -9.97
N ILE F 113 -5.40 52.98 -9.34
CA ILE F 113 -5.21 53.19 -7.90
C ILE F 113 -4.32 54.38 -7.57
N GLY F 114 -3.64 54.96 -8.55
CA GLY F 114 -2.76 56.07 -8.28
C GLY F 114 -1.45 55.65 -7.63
N ASN F 115 -0.58 56.62 -7.32
CA ASN F 115 0.75 56.38 -6.77
C ASN F 115 0.72 56.14 -5.28
N ILE F 116 0.14 55.00 -4.88
CA ILE F 116 0.04 54.61 -3.47
C ILE F 116 1.44 54.40 -2.86
N LYS F 117 1.61 54.83 -1.61
CA LYS F 117 2.89 54.75 -0.90
C LYS F 117 3.14 53.38 -0.27
N HIS F 118 2.09 52.55 -0.05
CA HIS F 118 2.28 51.22 0.52
C HIS F 118 2.66 50.18 -0.51
N THR F 119 3.22 49.07 -0.02
CA THR F 119 3.74 47.98 -0.83
C THR F 119 2.66 47.01 -1.31
N LEU F 120 2.75 46.60 -2.60
CA LEU F 120 1.86 45.61 -3.21
C LEU F 120 2.71 44.43 -3.54
N LEU F 121 2.32 43.25 -3.03
CA LEU F 121 3.01 42.00 -3.26
C LEU F 121 2.38 41.31 -4.46
N SER F 122 3.23 40.60 -5.22
CA SER F 122 2.82 39.81 -6.36
C SER F 122 2.89 38.36 -5.94
N ASP F 123 1.71 37.72 -5.84
CA ASP F 123 1.60 36.29 -5.59
C ASP F 123 1.52 35.55 -6.95
N ILE F 124 2.54 35.73 -7.80
CA ILE F 124 2.57 35.14 -9.15
C ILE F 124 2.44 33.59 -9.20
N THR F 125 2.97 32.87 -8.21
CA THR F 125 2.84 31.40 -8.16
C THR F 125 1.50 30.94 -7.56
N LYS F 126 0.76 31.83 -6.86
CA LYS F 126 -0.50 31.59 -6.13
C LYS F 126 -0.29 30.86 -4.78
N SER F 127 0.96 30.62 -4.38
CA SER F 127 1.27 29.89 -3.14
C SER F 127 0.95 30.64 -1.84
N ILE F 128 0.96 31.98 -1.83
CA ILE F 128 0.65 32.78 -0.63
C ILE F 128 -0.84 32.66 -0.40
N SER F 129 -1.63 32.87 -1.44
CA SER F 129 -3.07 32.66 -1.41
C SER F 129 -3.43 31.22 -0.97
N LYS F 130 -2.68 30.19 -1.39
CA LYS F 130 -2.93 28.81 -0.95
C LYS F 130 -2.61 28.64 0.53
N ASP F 131 -1.40 29.09 0.95
CA ASP F 131 -0.94 28.99 2.34
C ASP F 131 -1.84 29.70 3.36
N TYR F 132 -2.50 30.78 2.93
CA TYR F 132 -3.40 31.55 3.78
C TYR F 132 -4.86 31.10 3.62
N ASN F 133 -5.11 30.07 2.81
CA ASN F 133 -6.44 29.49 2.56
C ASN F 133 -7.48 30.49 2.07
N VAL F 134 -7.04 31.32 1.12
CA VAL F 134 -7.87 32.35 0.49
C VAL F 134 -7.93 32.22 -1.05
N LEU F 135 -7.22 31.23 -1.68
CA LEU F 135 -7.30 31.02 -3.13
C LEU F 135 -8.65 30.46 -3.50
N PHE F 136 -9.27 31.01 -4.52
CA PHE F 136 -10.56 30.56 -5.01
C PHE F 136 -10.39 29.96 -6.41
N ASP F 137 -10.94 28.76 -6.62
CA ASP F 137 -10.96 28.07 -7.92
C ASP F 137 -9.59 27.96 -8.61
N ASP F 138 -8.50 27.84 -7.80
CA ASP F 138 -7.11 27.76 -8.30
C ASP F 138 -6.73 28.91 -9.28
N SER F 139 -7.36 30.08 -9.10
CA SER F 139 -7.23 31.23 -9.99
C SER F 139 -6.81 32.48 -9.24
N VAL F 140 -7.67 33.03 -8.39
CA VAL F 140 -7.43 34.31 -7.73
C VAL F 140 -7.83 34.19 -6.29
N SER F 141 -7.36 35.13 -5.47
CA SER F 141 -7.72 35.14 -4.06
C SER F 141 -9.13 35.74 -3.82
N LEU F 142 -9.63 35.53 -2.60
CA LEU F 142 -10.84 36.15 -2.10
C LEU F 142 -10.34 37.39 -1.39
N ARG F 143 -11.21 38.37 -1.14
CA ARG F 143 -10.80 39.55 -0.38
C ARG F 143 -10.60 39.13 1.10
N ALA F 144 -9.45 39.48 1.68
CA ALA F 144 -9.14 39.07 3.03
C ALA F 144 -8.16 39.99 3.71
N PHE F 145 -8.20 40.01 5.05
CA PHE F 145 -7.31 40.80 5.91
C PHE F 145 -6.76 39.87 6.96
N VAL F 146 -5.43 39.86 7.14
CA VAL F 146 -4.76 39.05 8.16
C VAL F 146 -3.85 39.97 8.98
N LEU F 147 -3.99 39.94 10.31
CA LEU F 147 -3.19 40.76 11.20
C LEU F 147 -2.27 39.83 11.93
N ILE F 148 -0.98 40.03 11.73
CA ILE F 148 0.09 39.23 12.29
C ILE F 148 0.77 40.08 13.37
N ASP F 149 0.90 39.55 14.60
CA ASP F 149 1.51 40.33 15.67
C ASP F 149 3.06 40.32 15.56
N MET F 150 3.76 40.96 16.52
CA MET F 150 5.23 41.06 16.49
C MET F 150 6.01 39.76 16.75
N ASN F 151 5.31 38.68 17.20
CA ASN F 151 5.88 37.35 17.40
C ASN F 151 5.48 36.43 16.26
N GLY F 152 4.92 36.97 15.17
CA GLY F 152 4.50 36.17 14.02
C GLY F 152 3.22 35.38 14.22
N ILE F 153 2.40 35.74 15.23
CA ILE F 153 1.15 35.02 15.48
C ILE F 153 0.00 35.76 14.82
N VAL F 154 -0.90 35.02 14.15
CA VAL F 154 -2.09 35.58 13.55
C VAL F 154 -3.12 35.81 14.66
N GLN F 155 -3.53 37.08 14.86
CA GLN F 155 -4.50 37.45 15.88
C GLN F 155 -5.89 37.70 15.35
N HIS F 156 -6.02 37.92 14.05
CA HIS F 156 -7.30 38.26 13.41
C HIS F 156 -7.29 37.82 11.94
N LEU F 157 -8.42 37.24 11.48
CA LEU F 157 -8.64 36.88 10.08
C LEU F 157 -10.04 37.32 9.64
N LEU F 158 -10.13 37.97 8.50
CA LEU F 158 -11.41 38.34 7.90
C LEU F 158 -11.41 37.89 6.40
N VAL F 159 -12.42 37.12 5.98
CA VAL F 159 -12.52 36.66 4.59
C VAL F 159 -13.90 37.01 4.01
N ASN F 160 -13.89 37.76 2.89
CA ASN F 160 -15.11 38.20 2.20
C ASN F 160 -15.16 37.63 0.80
N ASN F 161 -16.33 37.07 0.44
CA ASN F 161 -16.57 36.50 -0.89
C ASN F 161 -17.16 37.52 -1.87
N LEU F 162 -17.48 38.72 -1.40
CA LEU F 162 -18.08 39.74 -2.23
C LEU F 162 -17.32 41.04 -2.13
N ALA F 163 -17.51 41.90 -3.14
CA ALA F 163 -16.89 43.22 -3.26
C ALA F 163 -17.68 44.17 -2.37
N ILE F 164 -17.45 44.11 -1.05
CA ILE F 164 -18.21 44.91 -0.09
C ILE F 164 -17.40 45.94 0.69
N GLY F 165 -16.08 45.77 0.71
CA GLY F 165 -15.22 46.71 1.41
C GLY F 165 -15.26 46.52 2.91
N ARG F 166 -14.30 47.15 3.58
CA ARG F 166 -14.18 47.09 5.03
C ARG F 166 -13.74 48.45 5.50
N SER F 167 -14.36 48.95 6.56
CA SER F 167 -13.99 50.26 7.05
C SER F 167 -12.56 50.21 7.55
N VAL F 168 -11.72 51.20 7.13
CA VAL F 168 -10.35 51.31 7.59
C VAL F 168 -10.36 51.73 9.06
N ASP F 169 -11.45 52.35 9.51
CA ASP F 169 -11.62 52.69 10.92
C ASP F 169 -11.78 51.43 11.75
N GLU F 170 -12.46 50.41 11.23
CA GLU F 170 -12.58 49.15 11.95
C GLU F 170 -11.28 48.41 12.04
N ILE F 171 -10.49 48.47 11.00
CA ILE F 171 -9.18 47.85 11.00
C ILE F 171 -8.33 48.46 12.13
N LEU F 172 -8.35 49.81 12.22
CA LEU F 172 -7.61 50.56 13.23
C LEU F 172 -8.09 50.25 14.64
N ARG F 173 -9.42 50.15 14.83
CA ARG F 173 -10.04 49.81 16.13
C ARG F 173 -9.55 48.42 16.56
N ILE F 174 -9.61 47.41 15.63
CA ILE F 174 -9.14 46.04 15.86
C ILE F 174 -7.67 46.08 16.29
N ILE F 175 -6.80 46.74 15.50
CA ILE F 175 -5.36 46.84 15.83
C ILE F 175 -5.16 47.41 17.24
N ASP F 176 -5.80 48.51 17.53
CA ASP F 176 -5.69 49.11 18.86
C ASP F 176 -6.18 48.17 19.96
N ALA F 177 -7.27 47.44 19.70
CA ALA F 177 -7.85 46.47 20.62
C ALA F 177 -6.90 45.29 20.87
N ILE F 178 -6.34 44.67 19.81
CA ILE F 178 -5.42 43.55 19.97
C ILE F 178 -4.14 44.02 20.71
N GLN F 179 -3.59 45.17 20.32
CA GLN F 179 -2.40 45.75 20.96
C GLN F 179 -2.62 46.08 22.44
N HIS F 180 -3.83 46.56 22.77
CA HIS F 180 -4.25 46.88 24.14
C HIS F 180 -4.39 45.61 24.99
N HIS F 181 -4.97 44.54 24.40
CA HIS F 181 -5.18 43.25 25.08
C HIS F 181 -3.85 42.53 25.26
N GLU F 182 -2.93 42.65 24.27
CA GLU F 182 -1.61 42.04 24.38
C GLU F 182 -0.81 42.60 25.51
N LYS F 183 -1.07 43.84 25.91
CA LYS F 183 -0.40 44.48 27.04
C LYS F 183 -1.13 44.30 28.37
N TYR F 184 -2.48 44.46 28.40
CA TYR F 184 -3.28 44.43 29.64
C TYR F 184 -4.24 43.26 29.86
N GLY F 185 -4.31 42.30 28.94
CA GLY F 185 -5.24 41.19 29.07
C GLY F 185 -6.66 41.61 28.72
N ASP F 186 -7.66 40.84 29.21
CA ASP F 186 -9.07 41.09 28.89
C ASP F 186 -9.99 41.22 30.10
N VAL F 187 -10.16 42.46 30.60
CA VAL F 187 -11.12 42.79 31.68
C VAL F 187 -11.71 44.16 31.30
N CYS F 188 -13.03 44.31 31.39
CA CYS F 188 -13.65 45.56 31.00
C CYS F 188 -13.62 46.58 32.13
N PRO G 20 9.52 -16.87 -16.70
CA PRO G 20 9.52 -18.22 -17.30
C PRO G 20 9.76 -18.18 -18.82
N THR G 21 10.52 -19.17 -19.34
CA THR G 21 10.80 -19.19 -20.78
C THR G 21 9.57 -19.50 -21.64
N TYR G 22 9.64 -19.12 -22.90
CA TYR G 22 8.60 -19.39 -23.89
C TYR G 22 8.93 -20.69 -24.65
N VAL G 23 10.09 -21.36 -24.37
CA VAL G 23 10.44 -22.58 -25.08
C VAL G 23 9.48 -23.67 -24.62
N GLY G 24 8.85 -24.30 -25.60
CA GLY G 24 7.84 -25.32 -25.37
C GLY G 24 6.47 -24.75 -25.19
N LYS G 25 6.36 -23.44 -25.36
CA LYS G 25 5.12 -22.69 -25.24
C LYS G 25 4.96 -21.81 -26.50
N GLU G 26 3.87 -21.07 -26.56
CA GLU G 26 3.57 -20.21 -27.69
C GLU G 26 4.58 -19.12 -27.87
N ALA G 27 4.99 -18.90 -29.09
CA ALA G 27 6.02 -17.90 -29.36
C ALA G 27 5.49 -16.49 -29.17
N PRO G 28 6.24 -15.60 -28.51
CA PRO G 28 5.75 -14.21 -28.40
C PRO G 28 5.31 -13.61 -29.75
N PHE G 29 4.10 -13.06 -29.81
CA PHE G 29 3.60 -12.39 -31.00
C PHE G 29 4.49 -11.18 -31.41
N PHE G 30 4.61 -10.95 -32.72
CA PHE G 30 5.35 -9.82 -33.28
C PHE G 30 4.72 -9.38 -34.60
N LYS G 31 4.71 -8.07 -34.84
CA LYS G 31 4.23 -7.40 -36.04
C LYS G 31 5.37 -6.44 -36.37
N ALA G 32 6.12 -6.68 -37.46
CA ALA G 32 7.26 -5.84 -37.79
C ALA G 32 7.20 -5.30 -39.22
N GLU G 33 7.86 -4.14 -39.46
CA GLU G 33 8.01 -3.60 -40.80
C GLU G 33 9.13 -4.41 -41.38
N ALA G 34 9.08 -4.69 -42.67
CA ALA G 34 10.02 -5.58 -43.31
C ALA G 34 10.48 -5.17 -44.69
N VAL G 35 11.70 -5.63 -45.05
CA VAL G 35 12.29 -5.49 -46.37
C VAL G 35 12.33 -6.91 -46.98
N PHE G 36 11.52 -7.11 -48.04
CA PHE G 36 11.44 -8.38 -48.77
C PHE G 36 12.55 -8.52 -49.81
N GLY G 37 12.69 -9.72 -50.34
CA GLY G 37 13.67 -10.07 -51.37
C GLY G 37 13.73 -9.13 -52.55
N ASP G 38 12.55 -8.64 -52.99
CA ASP G 38 12.43 -7.69 -54.11
C ASP G 38 12.75 -6.23 -53.71
N ASN G 39 13.32 -6.01 -52.51
CA ASN G 39 13.65 -4.69 -52.00
C ASN G 39 12.44 -3.76 -51.75
N SER G 40 11.21 -4.33 -51.66
CA SER G 40 9.99 -3.57 -51.33
C SER G 40 9.73 -3.66 -49.85
N PHE G 41 8.98 -2.69 -49.32
CA PHE G 41 8.64 -2.67 -47.91
C PHE G 41 7.30 -3.28 -47.65
N GLY G 42 7.14 -3.78 -46.45
CA GLY G 42 5.90 -4.38 -46.02
C GLY G 42 5.89 -4.65 -44.55
N GLU G 43 4.99 -5.54 -44.13
CA GLU G 43 4.78 -5.91 -42.75
C GLU G 43 4.67 -7.42 -42.66
N VAL G 44 5.31 -7.99 -41.64
CA VAL G 44 5.25 -9.40 -41.35
C VAL G 44 4.69 -9.52 -39.95
N ASN G 45 3.76 -10.44 -39.80
CA ASN G 45 3.03 -10.78 -38.58
C ASN G 45 3.33 -12.28 -38.28
N LEU G 46 3.44 -12.69 -37.02
CA LEU G 46 3.69 -14.09 -36.67
C LEU G 46 2.47 -15.00 -36.99
N THR G 47 1.27 -14.52 -36.67
CA THR G 47 -0.01 -15.21 -36.90
C THR G 47 -0.22 -15.60 -38.38
N GLN G 48 0.39 -14.86 -39.33
CA GLN G 48 0.26 -15.18 -40.75
C GLN G 48 0.85 -16.55 -41.15
N PHE G 49 1.79 -17.09 -40.33
CA PHE G 49 2.41 -18.40 -40.54
C PHE G 49 1.73 -19.55 -39.78
N ILE G 50 0.90 -19.28 -38.76
CA ILE G 50 0.29 -20.34 -37.97
C ILE G 50 -0.61 -21.29 -38.77
N GLY G 51 -0.31 -22.58 -38.66
CA GLY G 51 -0.98 -23.66 -39.39
C GLY G 51 -0.54 -23.76 -40.84
N LYS G 52 0.45 -22.93 -41.27
CA LYS G 52 0.90 -22.89 -42.67
C LYS G 52 2.39 -23.20 -42.86
N LYS G 53 3.27 -22.56 -42.09
CA LYS G 53 4.72 -22.76 -42.18
C LYS G 53 5.42 -22.91 -40.83
N TYR G 54 6.65 -23.40 -40.84
CA TYR G 54 7.53 -23.40 -39.67
C TYR G 54 8.30 -22.06 -39.83
N VAL G 55 8.79 -21.45 -38.74
CA VAL G 55 9.48 -20.13 -38.85
C VAL G 55 10.81 -20.19 -38.20
N LEU G 56 11.87 -19.85 -38.93
CA LEU G 56 13.22 -19.76 -38.35
C LEU G 56 13.49 -18.27 -38.24
N LEU G 57 13.28 -17.73 -37.03
CA LEU G 57 13.50 -16.33 -36.74
C LEU G 57 14.90 -16.20 -36.18
N TYR G 58 15.75 -15.37 -36.82
CA TYR G 58 17.11 -15.16 -36.30
C TYR G 58 17.35 -13.68 -35.97
N PHE G 59 18.15 -13.42 -34.93
CA PHE G 59 18.49 -12.07 -34.48
C PHE G 59 19.97 -11.84 -34.62
N TYR G 60 20.34 -10.60 -34.92
CA TYR G 60 21.73 -10.23 -35.06
C TYR G 60 21.86 -8.77 -34.63
N PRO G 61 23.02 -8.36 -34.09
CA PRO G 61 23.09 -7.02 -33.51
C PRO G 61 22.80 -5.86 -34.42
N LEU G 62 23.61 -5.67 -35.46
CA LEU G 62 23.53 -4.52 -36.33
C LEU G 62 24.02 -4.74 -37.74
N ASP G 63 23.55 -3.87 -38.64
CA ASP G 63 23.96 -3.78 -40.02
C ASP G 63 25.21 -2.88 -40.05
N PHE G 64 25.99 -2.99 -41.14
CA PHE G 64 27.18 -2.19 -41.43
C PHE G 64 28.31 -2.28 -40.38
N THR G 65 28.41 -3.42 -39.68
CA THR G 65 29.48 -3.62 -38.69
C THR G 65 30.76 -4.14 -39.34
N PHE G 66 31.86 -4.14 -38.56
CA PHE G 66 33.16 -4.61 -39.03
C PHE G 66 33.30 -6.16 -38.94
N VAL G 67 32.23 -6.89 -38.51
CA VAL G 67 32.15 -8.34 -38.50
C VAL G 67 31.51 -8.67 -39.85
N CYS G 68 32.17 -9.48 -40.69
CA CYS G 68 31.65 -9.80 -42.02
C CYS G 68 30.30 -10.56 -41.92
N PRO G 69 29.28 -10.27 -42.77
CA PRO G 69 27.97 -10.93 -42.62
C PRO G 69 27.84 -12.32 -43.23
N SER G 70 28.88 -13.15 -43.09
CA SER G 70 28.94 -14.52 -43.62
C SER G 70 27.72 -15.39 -43.25
N GLU G 71 27.12 -15.13 -42.07
CA GLU G 71 25.98 -15.89 -41.59
C GLU G 71 24.73 -15.59 -42.45
N ILE G 72 24.39 -14.31 -42.61
CA ILE G 72 23.25 -13.85 -43.43
C ILE G 72 23.38 -14.41 -44.85
N ILE G 73 24.62 -14.31 -45.41
CA ILE G 73 24.97 -14.78 -46.76
C ILE G 73 24.74 -16.28 -46.87
N ALA G 74 25.32 -17.07 -45.95
CA ALA G 74 25.18 -18.54 -45.95
C ALA G 74 23.74 -18.99 -45.84
N LEU G 75 22.95 -18.31 -45.01
CA LEU G 75 21.54 -18.63 -44.84
C LEU G 75 20.74 -18.39 -46.11
N ASP G 76 21.07 -17.35 -46.88
CA ASP G 76 20.36 -17.05 -48.12
C ASP G 76 20.80 -17.99 -49.26
N LYS G 77 22.09 -18.40 -49.25
CA LYS G 77 22.61 -19.33 -50.24
C LYS G 77 21.91 -20.69 -50.08
N ALA G 78 21.50 -21.01 -48.84
CA ALA G 78 20.77 -22.22 -48.47
C ALA G 78 19.24 -22.04 -48.43
N LEU G 79 18.68 -20.97 -49.03
CA LEU G 79 17.24 -20.70 -48.96
C LEU G 79 16.34 -21.81 -49.46
N ASP G 80 16.73 -22.50 -50.55
CA ASP G 80 15.91 -23.58 -51.09
C ASP G 80 15.84 -24.77 -50.16
N ALA G 81 16.85 -24.96 -49.29
CA ALA G 81 16.84 -26.01 -48.26
C ALA G 81 15.76 -25.70 -47.23
N PHE G 82 15.54 -24.43 -46.91
CA PHE G 82 14.49 -24.04 -45.97
C PHE G 82 13.08 -24.18 -46.60
N HIS G 83 12.96 -23.93 -47.92
CA HIS G 83 11.69 -24.07 -48.66
C HIS G 83 11.25 -25.51 -48.71
N GLU G 84 12.20 -26.46 -48.84
CA GLU G 84 11.91 -27.90 -48.86
C GLU G 84 11.27 -28.37 -47.55
N ARG G 85 11.77 -27.84 -46.41
CA ARG G 85 11.29 -28.15 -45.07
C ARG G 85 10.07 -27.29 -44.66
N ASN G 86 9.56 -26.42 -45.57
CA ASN G 86 8.45 -25.52 -45.29
C ASN G 86 8.76 -24.54 -44.11
N VAL G 87 10.00 -24.00 -44.07
CA VAL G 87 10.36 -23.03 -43.04
C VAL G 87 10.59 -21.64 -43.65
N GLU G 88 9.94 -20.60 -43.08
CA GLU G 88 10.11 -19.19 -43.51
C GLU G 88 11.32 -18.68 -42.75
N LEU G 89 12.36 -18.23 -43.45
CA LEU G 89 13.58 -17.67 -42.81
C LEU G 89 13.38 -16.17 -42.67
N LEU G 90 13.51 -15.65 -41.42
CA LEU G 90 13.36 -14.23 -41.08
C LEU G 90 14.57 -13.73 -40.29
N GLY G 91 15.21 -12.68 -40.77
CA GLY G 91 16.33 -12.01 -40.09
C GLY G 91 15.83 -10.77 -39.37
N CYS G 92 16.35 -10.48 -38.19
CA CYS G 92 15.90 -9.36 -37.38
C CYS G 92 17.03 -8.63 -36.69
N SER G 93 16.93 -7.30 -36.70
CA SER G 93 17.86 -6.38 -36.07
C SER G 93 17.02 -5.21 -35.51
N VAL G 94 17.64 -4.41 -34.65
CA VAL G 94 17.00 -3.21 -34.10
C VAL G 94 17.04 -2.04 -35.10
N ASP G 95 17.82 -2.18 -36.18
CA ASP G 95 17.90 -1.20 -37.28
C ASP G 95 16.55 -0.99 -37.96
N SER G 96 16.43 0.14 -38.65
CA SER G 96 15.23 0.50 -39.41
C SER G 96 15.23 -0.22 -40.72
N LYS G 97 14.05 -0.20 -41.37
CA LYS G 97 13.89 -0.77 -42.71
C LYS G 97 14.75 -0.07 -43.78
N TYR G 98 15.10 1.19 -43.57
CA TYR G 98 15.93 1.96 -44.50
C TYR G 98 17.40 1.55 -44.43
N THR G 99 17.88 1.22 -43.24
CA THR G 99 19.24 0.68 -43.05
C THR G 99 19.33 -0.73 -43.66
N HIS G 100 18.27 -1.55 -43.55
CA HIS G 100 18.27 -2.87 -44.16
C HIS G 100 18.42 -2.76 -45.69
N LEU G 101 17.56 -1.96 -46.32
CA LEU G 101 17.60 -1.72 -47.75
C LEU G 101 18.97 -1.17 -48.17
N ALA G 102 19.51 -0.16 -47.44
CA ALA G 102 20.82 0.39 -47.78
C ALA G 102 21.89 -0.69 -47.72
N TRP G 103 21.83 -1.59 -46.70
CA TRP G 103 22.78 -2.70 -46.55
C TRP G 103 22.66 -3.72 -47.68
N LYS G 104 21.43 -3.96 -48.17
CA LYS G 104 21.18 -4.84 -49.33
C LYS G 104 21.75 -4.22 -50.61
N LYS G 105 21.65 -2.90 -50.71
CA LYS G 105 22.14 -2.12 -51.85
C LYS G 105 23.66 -1.82 -51.80
N THR G 106 24.40 -2.41 -50.82
CA THR G 106 25.84 -2.23 -50.68
C THR G 106 26.47 -3.54 -51.14
N PRO G 107 27.55 -3.48 -51.96
CA PRO G 107 28.16 -4.72 -52.43
C PRO G 107 28.92 -5.42 -51.33
N LEU G 108 29.11 -6.72 -51.50
CA LEU G 108 29.80 -7.56 -50.51
C LEU G 108 31.23 -7.07 -50.26
N ALA G 109 31.92 -6.59 -51.30
CA ALA G 109 33.28 -6.07 -51.21
C ALA G 109 33.38 -4.83 -50.29
N LYS G 110 32.32 -4.00 -50.23
CA LYS G 110 32.27 -2.83 -49.35
C LYS G 110 31.55 -3.08 -48.00
N GLY G 111 31.45 -4.34 -47.57
CA GLY G 111 30.82 -4.71 -46.31
C GLY G 111 29.32 -4.97 -46.32
N GLY G 112 28.68 -4.97 -47.49
CA GLY G 112 27.25 -5.20 -47.62
C GLY G 112 26.83 -6.66 -47.65
N ILE G 113 25.51 -6.89 -47.70
CA ILE G 113 24.91 -8.22 -47.78
C ILE G 113 24.40 -8.59 -49.19
N GLY G 114 24.22 -7.60 -50.08
CA GLY G 114 23.72 -7.85 -51.42
C GLY G 114 22.24 -8.13 -51.44
N ASN G 115 21.67 -8.43 -52.63
CA ASN G 115 20.22 -8.69 -52.76
C ASN G 115 19.82 -10.08 -52.26
N ILE G 116 19.72 -10.21 -50.94
CA ILE G 116 19.28 -11.47 -50.34
C ILE G 116 17.79 -11.68 -50.67
N LYS G 117 17.36 -12.94 -50.81
CA LYS G 117 15.97 -13.27 -51.16
C LYS G 117 15.06 -13.36 -49.95
N HIS G 118 15.62 -13.60 -48.73
CA HIS G 118 14.81 -13.70 -47.52
C HIS G 118 14.51 -12.34 -46.91
N THR G 119 13.45 -12.33 -46.09
CA THR G 119 12.90 -11.13 -45.47
C THR G 119 13.68 -10.72 -44.25
N LEU G 120 13.96 -9.39 -44.13
CA LEU G 120 14.61 -8.77 -42.98
C LEU G 120 13.57 -7.95 -42.22
N LEU G 121 13.46 -8.13 -40.92
CA LEU G 121 12.49 -7.40 -40.10
C LEU G 121 13.19 -6.26 -39.34
N SER G 122 12.51 -5.14 -39.15
CA SER G 122 13.03 -4.01 -38.39
C SER G 122 12.37 -3.98 -36.99
N ASP G 123 13.17 -4.14 -35.93
CA ASP G 123 12.69 -4.06 -34.55
C ASP G 123 13.13 -2.69 -33.98
N ILE G 124 12.70 -1.63 -34.66
CA ILE G 124 13.01 -0.24 -34.34
C ILE G 124 12.61 0.16 -32.89
N THR G 125 11.55 -0.45 -32.33
CA THR G 125 11.10 -0.14 -30.96
C THR G 125 11.84 -0.99 -29.91
N LYS G 126 12.59 -2.02 -30.37
CA LYS G 126 13.33 -3.02 -29.61
C LYS G 126 12.41 -4.02 -28.90
N SER G 127 11.10 -3.96 -29.16
CA SER G 127 10.08 -4.78 -28.49
C SER G 127 10.15 -6.26 -28.78
N ILE G 128 10.52 -6.63 -30.02
CA ILE G 128 10.67 -8.04 -30.46
C ILE G 128 11.86 -8.67 -29.78
N SER G 129 12.98 -7.94 -29.64
CA SER G 129 14.17 -8.46 -28.97
C SER G 129 13.89 -8.60 -27.47
N LYS G 130 13.14 -7.64 -26.88
CA LYS G 130 12.75 -7.71 -25.48
C LYS G 130 11.81 -8.91 -25.23
N ASP G 131 10.80 -9.12 -26.13
CA ASP G 131 9.84 -10.23 -26.00
C ASP G 131 10.46 -11.62 -26.14
N TYR G 132 11.49 -11.74 -26.99
CA TYR G 132 12.24 -13.00 -27.17
C TYR G 132 13.44 -13.11 -26.18
N ASN G 133 13.66 -12.10 -25.30
CA ASN G 133 14.71 -12.09 -24.28
C ASN G 133 16.14 -12.20 -24.85
N VAL G 134 16.40 -11.43 -25.92
CA VAL G 134 17.70 -11.38 -26.60
C VAL G 134 18.24 -9.95 -26.72
N LEU G 135 17.66 -8.98 -26.01
CA LEU G 135 18.16 -7.61 -26.04
C LEU G 135 19.24 -7.52 -25.03
N PHE G 136 20.31 -6.83 -25.36
CA PHE G 136 21.47 -6.65 -24.52
C PHE G 136 21.62 -5.16 -24.18
N ASP G 137 21.62 -4.84 -22.88
CA ASP G 137 21.79 -3.48 -22.34
C ASP G 137 20.91 -2.41 -23.04
N ASP G 138 19.62 -2.75 -23.26
CA ASP G 138 18.63 -1.86 -23.87
C ASP G 138 19.08 -1.15 -25.19
N SER G 139 19.99 -1.79 -25.96
CA SER G 139 20.54 -1.26 -27.20
C SER G 139 20.33 -2.17 -28.39
N VAL G 140 21.00 -3.31 -28.42
CA VAL G 140 20.96 -4.21 -29.57
C VAL G 140 20.75 -5.65 -29.12
N SER G 141 20.35 -6.46 -30.09
CA SER G 141 20.08 -7.86 -29.86
C SER G 141 21.35 -8.66 -29.88
N LEU G 142 21.28 -9.84 -29.29
CA LEU G 142 22.38 -10.79 -29.30
C LEU G 142 22.17 -11.62 -30.56
N ARG G 143 23.15 -12.45 -30.92
CA ARG G 143 22.97 -13.34 -32.06
C ARG G 143 22.09 -14.51 -31.54
N ALA G 144 20.96 -14.77 -32.17
CA ALA G 144 20.05 -15.79 -31.69
C ALA G 144 19.25 -16.46 -32.79
N PHE G 145 18.86 -17.72 -32.59
CA PHE G 145 18.02 -18.47 -33.55
C PHE G 145 16.85 -19.07 -32.83
N VAL G 146 15.64 -18.92 -33.38
CA VAL G 146 14.41 -19.43 -32.77
C VAL G 146 13.64 -20.22 -33.81
N LEU G 147 13.30 -21.49 -33.51
CA LEU G 147 12.51 -22.28 -34.44
C LEU G 147 11.10 -22.40 -33.88
N ILE G 148 10.10 -21.90 -34.63
CA ILE G 148 8.68 -21.95 -34.25
C ILE G 148 7.97 -23.02 -35.11
N ASP G 149 7.15 -23.84 -34.45
CA ASP G 149 6.27 -24.89 -34.97
C ASP G 149 5.24 -24.42 -35.96
N MET G 150 4.57 -25.35 -36.63
CA MET G 150 3.40 -24.96 -37.42
C MET G 150 2.18 -24.61 -36.54
N ASN G 151 2.21 -25.01 -35.23
CA ASN G 151 1.21 -24.67 -34.21
C ASN G 151 1.64 -23.43 -33.36
N GLY G 152 2.72 -22.76 -33.77
CA GLY G 152 3.19 -21.58 -33.07
C GLY G 152 3.97 -21.80 -31.81
N ILE G 153 4.41 -23.04 -31.54
CA ILE G 153 5.17 -23.41 -30.35
C ILE G 153 6.68 -23.29 -30.61
N VAL G 154 7.44 -22.70 -29.67
CA VAL G 154 8.90 -22.59 -29.81
C VAL G 154 9.50 -23.92 -29.40
N GLN G 155 10.26 -24.56 -30.31
CA GLN G 155 10.88 -25.85 -30.07
C GLN G 155 12.38 -25.74 -29.79
N HIS G 156 13.03 -24.70 -30.34
CA HIS G 156 14.45 -24.51 -30.20
C HIS G 156 14.81 -23.04 -30.09
N LEU G 157 15.81 -22.75 -29.27
CA LEU G 157 16.34 -21.43 -29.04
C LEU G 157 17.84 -21.55 -28.87
N LEU G 158 18.60 -20.72 -29.56
CA LEU G 158 20.04 -20.66 -29.40
C LEU G 158 20.41 -19.20 -29.24
N VAL G 159 21.25 -18.88 -28.24
CA VAL G 159 21.71 -17.52 -27.99
C VAL G 159 23.24 -17.53 -27.85
N ASN G 160 23.90 -16.64 -28.60
CA ASN G 160 25.35 -16.50 -28.59
C ASN G 160 25.70 -15.05 -28.29
N ASN G 161 26.59 -14.84 -27.33
CA ASN G 161 27.10 -13.53 -26.95
C ASN G 161 28.18 -13.05 -27.92
N LEU G 162 28.87 -13.96 -28.59
CA LEU G 162 29.97 -13.62 -29.49
C LEU G 162 29.62 -13.93 -30.94
N ALA G 163 30.43 -13.36 -31.84
CA ALA G 163 30.34 -13.53 -33.30
C ALA G 163 31.08 -14.80 -33.65
N ILE G 164 30.51 -15.96 -33.32
CA ILE G 164 31.16 -17.24 -33.58
C ILE G 164 30.55 -17.98 -34.78
N GLY G 165 29.35 -17.57 -35.21
CA GLY G 165 28.70 -18.18 -36.36
C GLY G 165 28.09 -19.53 -36.05
N ARG G 166 27.38 -20.07 -37.03
CA ARG G 166 26.69 -21.36 -36.89
C ARG G 166 26.49 -21.93 -38.27
N SER G 167 27.04 -23.12 -38.57
CA SER G 167 26.87 -23.64 -39.92
C SER G 167 25.39 -23.89 -40.26
N VAL G 168 25.08 -23.69 -41.54
CA VAL G 168 23.75 -23.91 -42.05
C VAL G 168 23.40 -25.44 -42.01
N ASP G 169 24.44 -26.31 -41.97
CA ASP G 169 24.24 -27.75 -41.86
C ASP G 169 23.70 -28.15 -40.49
N GLU G 170 24.22 -27.52 -39.39
CA GLU G 170 23.69 -27.74 -38.04
C GLU G 170 22.22 -27.33 -37.97
N ILE G 171 21.92 -26.12 -38.51
CA ILE G 171 20.58 -25.51 -38.51
C ILE G 171 19.59 -26.43 -39.22
N LEU G 172 19.94 -26.95 -40.43
CA LEU G 172 19.07 -27.85 -41.16
C LEU G 172 18.92 -29.20 -40.48
N ARG G 173 19.99 -29.70 -39.85
CA ARG G 173 19.93 -30.97 -39.12
C ARG G 173 18.94 -30.89 -37.95
N ILE G 174 18.88 -29.74 -37.26
CA ILE G 174 17.96 -29.56 -36.13
C ILE G 174 16.52 -29.52 -36.60
N ILE G 175 16.25 -28.81 -37.69
CA ILE G 175 14.91 -28.69 -38.26
C ILE G 175 14.44 -30.10 -38.66
N ASP G 176 15.30 -30.85 -39.37
CA ASP G 176 15.04 -32.24 -39.76
C ASP G 176 14.71 -33.09 -38.53
N ALA G 177 15.53 -32.97 -37.49
CA ALA G 177 15.33 -33.68 -36.22
C ALA G 177 14.01 -33.33 -35.53
N ILE G 178 13.65 -32.07 -35.56
CA ILE G 178 12.39 -31.60 -34.96
C ILE G 178 11.20 -32.13 -35.75
N GLN G 179 11.31 -32.11 -37.08
CA GLN G 179 10.25 -32.60 -37.96
C GLN G 179 10.08 -34.14 -37.91
N HIS G 180 11.16 -34.87 -37.68
CA HIS G 180 11.11 -36.31 -37.54
C HIS G 180 10.50 -36.69 -36.21
N HIS G 181 10.86 -35.95 -35.14
CA HIS G 181 10.31 -36.19 -33.81
C HIS G 181 8.79 -36.02 -33.80
N GLU G 182 8.26 -35.07 -34.59
CA GLU G 182 6.82 -34.87 -34.65
C GLU G 182 6.11 -36.11 -35.21
N LYS G 183 6.71 -36.79 -36.22
CA LYS G 183 6.14 -38.01 -36.82
C LYS G 183 6.42 -39.27 -35.99
N TYR G 184 7.70 -39.51 -35.71
CA TYR G 184 8.22 -40.67 -34.95
C TYR G 184 8.60 -40.13 -33.63
N GLY G 185 8.96 -40.94 -32.67
CA GLY G 185 9.32 -40.30 -31.40
C GLY G 185 10.79 -39.98 -31.35
N ASP G 186 11.42 -40.31 -30.22
CA ASP G 186 12.87 -40.23 -30.10
C ASP G 186 13.41 -41.50 -30.79
N VAL G 187 14.65 -41.41 -31.31
CA VAL G 187 15.38 -42.52 -31.89
C VAL G 187 16.35 -43.00 -30.80
N CYS G 188 16.26 -44.24 -30.43
CA CYS G 188 17.13 -44.79 -29.39
C CYS G 188 18.65 -44.65 -29.68
N PRO G 189 19.21 -45.18 -30.79
CA PRO G 189 20.66 -45.03 -31.03
C PRO G 189 21.08 -43.64 -31.51
N ALA G 190 22.38 -43.31 -31.35
CA ALA G 190 22.96 -42.04 -31.83
C ALA G 190 24.44 -42.22 -32.22
N PRO H 20 15.13 -9.94 -18.22
CA PRO H 20 16.29 -9.81 -19.12
C PRO H 20 17.24 -11.00 -19.01
N THR H 21 17.70 -11.52 -20.16
CA THR H 21 18.60 -12.67 -20.17
C THR H 21 19.91 -12.42 -19.44
N TYR H 22 20.58 -13.52 -19.06
CA TYR H 22 21.88 -13.56 -18.41
C TYR H 22 23.01 -13.80 -19.44
N VAL H 23 22.68 -13.97 -20.75
CA VAL H 23 23.72 -14.20 -21.77
C VAL H 23 24.50 -12.86 -21.96
N GLY H 24 25.83 -12.97 -21.83
CA GLY H 24 26.75 -11.85 -21.89
C GLY H 24 26.92 -11.20 -20.52
N LYS H 25 26.33 -11.80 -19.48
CA LYS H 25 26.34 -11.30 -18.11
C LYS H 25 26.71 -12.42 -17.16
N GLU H 26 26.86 -12.08 -15.87
CA GLU H 26 27.21 -13.06 -14.83
C GLU H 26 26.17 -14.17 -14.81
N ALA H 27 26.69 -15.41 -14.82
CA ALA H 27 25.89 -16.61 -14.74
C ALA H 27 25.25 -16.68 -13.36
N PRO H 28 23.94 -16.97 -13.23
CA PRO H 28 23.35 -17.06 -11.88
C PRO H 28 24.08 -18.09 -10.99
N PHE H 29 24.26 -17.75 -9.71
CA PHE H 29 24.95 -18.66 -8.77
C PHE H 29 24.07 -19.86 -8.49
N PHE H 30 24.71 -21.00 -8.22
CA PHE H 30 24.03 -22.23 -7.87
C PHE H 30 24.87 -23.03 -6.95
N LYS H 31 24.22 -23.81 -6.09
CA LYS H 31 24.85 -24.79 -5.21
C LYS H 31 23.94 -26.03 -5.22
N ALA H 32 24.53 -27.21 -5.42
CA ALA H 32 23.73 -28.44 -5.42
C ALA H 32 24.47 -29.60 -4.85
N GLU H 33 23.71 -30.57 -4.33
CA GLU H 33 24.28 -31.85 -3.93
C GLU H 33 24.57 -32.53 -5.27
N ALA H 34 25.61 -33.34 -5.27
CA ALA H 34 26.08 -33.93 -6.49
C ALA H 34 26.52 -35.36 -6.30
N VAL H 35 26.47 -36.15 -7.40
CA VAL H 35 26.94 -37.52 -7.46
C VAL H 35 28.19 -37.46 -8.33
N PHE H 36 29.33 -37.72 -7.74
CA PHE H 36 30.63 -37.73 -8.45
C PHE H 36 30.87 -39.02 -9.22
N GLY H 37 31.92 -39.01 -10.05
CA GLY H 37 32.31 -40.16 -10.86
C GLY H 37 32.59 -41.45 -10.10
N ASP H 38 33.09 -41.31 -8.84
CA ASP H 38 33.38 -42.40 -7.91
C ASP H 38 32.13 -42.94 -7.20
N ASN H 39 30.95 -42.33 -7.45
CA ASN H 39 29.65 -42.67 -6.90
C ASN H 39 29.38 -42.19 -5.50
N SER H 40 30.21 -41.27 -5.00
CA SER H 40 30.02 -40.64 -3.70
C SER H 40 29.12 -39.43 -3.86
N PHE H 41 28.45 -39.06 -2.76
CA PHE H 41 27.62 -37.87 -2.75
C PHE H 41 28.46 -36.75 -2.19
N GLY H 42 28.37 -35.60 -2.82
CA GLY H 42 29.03 -34.41 -2.32
C GLY H 42 28.28 -33.16 -2.71
N GLU H 43 29.00 -32.04 -2.87
CA GLU H 43 28.41 -30.75 -3.15
C GLU H 43 29.25 -29.99 -4.14
N VAL H 44 28.60 -29.18 -4.98
CA VAL H 44 29.30 -28.29 -5.90
C VAL H 44 28.57 -26.96 -5.97
N ASN H 45 29.33 -25.88 -6.05
CA ASN H 45 28.77 -24.55 -6.24
C ASN H 45 29.54 -23.88 -7.38
N LEU H 46 28.93 -22.87 -7.99
CA LEU H 46 29.53 -22.18 -9.12
C LEU H 46 30.86 -21.48 -8.78
N THR H 47 30.89 -20.83 -7.61
CA THR H 47 32.03 -20.05 -7.13
C THR H 47 33.36 -20.82 -7.10
N GLN H 48 33.33 -22.15 -6.94
CA GLN H 48 34.57 -22.92 -6.94
C GLN H 48 35.30 -22.99 -8.31
N PHE H 49 34.61 -22.63 -9.42
CA PHE H 49 35.20 -22.65 -10.77
C PHE H 49 35.65 -21.28 -11.29
N ILE H 50 35.17 -20.17 -10.67
CA ILE H 50 35.43 -18.82 -11.15
C ILE H 50 36.91 -18.49 -11.00
N GLY H 51 37.52 -18.09 -12.11
CA GLY H 51 38.95 -17.79 -12.20
C GLY H 51 39.85 -18.99 -12.45
N LYS H 52 39.29 -20.23 -12.34
CA LYS H 52 39.97 -21.50 -12.47
C LYS H 52 39.52 -22.27 -13.73
N LYS H 53 38.20 -22.39 -13.98
CA LYS H 53 37.76 -23.07 -15.22
C LYS H 53 36.45 -22.64 -15.85
N TYR H 54 36.29 -23.06 -17.11
CA TYR H 54 35.08 -22.90 -17.91
C TYR H 54 34.15 -24.01 -17.39
N VAL H 55 32.85 -23.79 -17.48
CA VAL H 55 31.86 -24.76 -17.04
C VAL H 55 30.92 -24.97 -18.15
N LEU H 56 30.60 -26.23 -18.43
CA LEU H 56 29.55 -26.56 -19.39
C LEU H 56 28.49 -27.23 -18.54
N LEU H 57 27.47 -26.45 -18.15
CA LEU H 57 26.34 -26.91 -17.38
C LEU H 57 25.25 -27.31 -18.35
N TYR H 58 24.79 -28.54 -18.29
CA TYR H 58 23.73 -29.00 -19.18
C TYR H 58 22.56 -29.55 -18.38
N PHE H 59 21.35 -29.26 -18.84
CA PHE H 59 20.11 -29.66 -18.18
C PHE H 59 19.38 -30.71 -18.97
N TYR H 60 18.68 -31.56 -18.27
CA TYR H 60 17.83 -32.57 -18.87
C TYR H 60 16.64 -32.81 -17.92
N PRO H 61 15.45 -33.10 -18.45
CA PRO H 61 14.27 -33.15 -17.57
C PRO H 61 14.29 -34.18 -16.47
N LEU H 62 14.55 -35.45 -16.84
CA LEU H 62 14.45 -36.58 -15.91
C LEU H 62 15.33 -37.76 -16.20
N ASP H 63 15.64 -38.51 -15.13
CA ASP H 63 16.31 -39.82 -15.12
C ASP H 63 15.20 -40.85 -15.39
N PHE H 64 15.59 -42.02 -15.92
CA PHE H 64 14.69 -43.17 -16.08
C PHE H 64 13.51 -43.02 -17.06
N THR H 65 13.60 -42.11 -18.02
CA THR H 65 12.55 -41.98 -19.03
C THR H 65 12.78 -42.96 -20.18
N PHE H 66 11.83 -42.99 -21.13
CA PHE H 66 11.94 -43.83 -22.32
C PHE H 66 12.73 -43.20 -23.48
N VAL H 67 13.34 -42.04 -23.24
CA VAL H 67 14.26 -41.38 -24.12
C VAL H 67 15.65 -41.88 -23.73
N CYS H 68 16.32 -42.59 -24.63
CA CYS H 68 17.63 -43.17 -24.39
C CYS H 68 18.70 -42.11 -24.06
N PRO H 69 19.47 -42.28 -22.94
CA PRO H 69 20.40 -41.23 -22.53
C PRO H 69 21.73 -41.25 -23.27
N SER H 70 21.66 -41.29 -24.60
CA SER H 70 22.83 -41.30 -25.47
C SER H 70 23.60 -40.00 -25.44
N GLU H 71 22.96 -38.87 -25.11
CA GLU H 71 23.64 -37.56 -25.01
C GLU H 71 24.60 -37.50 -23.80
N ILE H 72 24.16 -38.03 -22.64
CA ILE H 72 24.97 -38.06 -21.41
C ILE H 72 26.16 -39.01 -21.64
N ILE H 73 25.92 -40.13 -22.29
CA ILE H 73 26.95 -41.14 -22.55
C ILE H 73 28.00 -40.66 -23.56
N ALA H 74 27.56 -39.97 -24.60
CA ALA H 74 28.43 -39.39 -25.62
C ALA H 74 29.29 -38.27 -25.01
N LEU H 75 28.70 -37.50 -24.10
CA LEU H 75 29.39 -36.41 -23.39
C LEU H 75 30.48 -36.98 -22.45
N ASP H 76 30.20 -38.14 -21.85
CA ASP H 76 31.18 -38.76 -20.95
C ASP H 76 32.38 -39.36 -21.70
N LYS H 77 32.17 -39.89 -22.93
CA LYS H 77 33.25 -40.47 -23.74
C LYS H 77 34.21 -39.38 -24.15
N ALA H 78 33.69 -38.14 -24.33
CA ALA H 78 34.47 -36.95 -24.68
C ALA H 78 35.06 -36.21 -23.45
N LEU H 79 35.00 -36.80 -22.23
CA LEU H 79 35.45 -36.08 -21.03
C LEU H 79 36.88 -35.59 -21.13
N ASP H 80 37.76 -36.33 -21.80
CA ASP H 80 39.14 -35.92 -22.01
C ASP H 80 39.20 -34.70 -22.95
N ALA H 81 38.32 -34.65 -23.99
CA ALA H 81 38.27 -33.48 -24.88
C ALA H 81 37.88 -32.20 -24.11
N PHE H 82 36.91 -32.31 -23.20
CA PHE H 82 36.50 -31.18 -22.35
C PHE H 82 37.64 -30.75 -21.40
N HIS H 83 38.31 -31.71 -20.76
CA HIS H 83 39.43 -31.42 -19.87
C HIS H 83 40.59 -30.74 -20.57
N GLU H 84 40.82 -31.04 -21.87
CA GLU H 84 41.88 -30.40 -22.68
C GLU H 84 41.63 -28.87 -22.74
N ARG H 85 40.35 -28.49 -22.95
CA ARG H 85 39.91 -27.11 -23.10
C ARG H 85 39.62 -26.42 -21.75
N ASN H 86 40.05 -27.02 -20.64
CA ASN H 86 39.84 -26.55 -19.30
C ASN H 86 38.35 -26.32 -19.01
N VAL H 87 37.48 -27.28 -19.39
CA VAL H 87 36.05 -27.16 -19.11
C VAL H 87 35.57 -28.28 -18.18
N GLU H 88 34.76 -27.89 -17.17
CA GLU H 88 34.16 -28.80 -16.20
C GLU H 88 32.76 -29.10 -16.71
N LEU H 89 32.50 -30.37 -17.03
CA LEU H 89 31.20 -30.79 -17.53
C LEU H 89 30.31 -31.10 -16.33
N LEU H 90 29.12 -30.51 -16.28
CA LEU H 90 28.17 -30.71 -15.19
C LEU H 90 26.78 -30.98 -15.74
N GLY H 91 26.21 -32.14 -15.43
CA GLY H 91 24.85 -32.48 -15.77
C GLY H 91 23.92 -32.09 -14.64
N CYS H 92 22.63 -31.82 -14.94
CA CYS H 92 21.66 -31.39 -13.94
C CYS H 92 20.24 -31.73 -14.27
N SER H 93 19.52 -32.32 -13.29
CA SER H 93 18.08 -32.55 -13.38
C SER H 93 17.47 -32.32 -12.02
N VAL H 94 16.14 -32.19 -11.97
CA VAL H 94 15.38 -32.01 -10.72
C VAL H 94 15.25 -33.28 -9.87
N ASP H 95 15.77 -34.42 -10.35
CA ASP H 95 15.78 -35.67 -9.60
C ASP H 95 16.75 -35.59 -8.44
N SER H 96 16.52 -36.40 -7.40
CA SER H 96 17.41 -36.50 -6.23
C SER H 96 18.74 -37.22 -6.55
N LYS H 97 19.74 -37.00 -5.72
CA LYS H 97 21.05 -37.67 -5.83
C LYS H 97 20.93 -39.22 -5.77
N TYR H 98 19.90 -39.72 -5.08
CA TYR H 98 19.59 -41.16 -5.03
C TYR H 98 19.12 -41.73 -6.37
N THR H 99 18.35 -40.94 -7.17
CA THR H 99 17.88 -41.34 -8.50
C THR H 99 19.08 -41.36 -9.43
N HIS H 100 19.91 -40.32 -9.39
CA HIS H 100 21.15 -40.25 -10.16
C HIS H 100 22.02 -41.47 -9.92
N LEU H 101 22.26 -41.81 -8.66
CA LEU H 101 23.07 -42.98 -8.32
C LEU H 101 22.43 -44.26 -8.80
N ALA H 102 21.12 -44.41 -8.60
CA ALA H 102 20.42 -45.60 -9.09
C ALA H 102 20.51 -45.75 -10.60
N TRP H 103 20.52 -44.62 -11.33
CA TRP H 103 20.61 -44.59 -12.78
C TRP H 103 22.03 -44.91 -13.25
N LYS H 104 23.03 -44.56 -12.46
CA LYS H 104 24.40 -44.92 -12.72
C LYS H 104 24.57 -46.42 -12.49
N LYS H 105 23.88 -46.94 -11.47
CA LYS H 105 23.89 -48.37 -11.13
C LYS H 105 23.04 -49.21 -12.08
N THR H 106 22.30 -48.58 -13.02
CA THR H 106 21.50 -49.26 -14.03
C THR H 106 22.38 -49.49 -15.29
N PRO H 107 22.43 -50.72 -15.82
CA PRO H 107 23.23 -50.94 -17.04
C PRO H 107 22.77 -50.13 -18.26
N LEU H 108 23.70 -49.85 -19.19
CA LEU H 108 23.37 -49.18 -20.45
C LEU H 108 22.24 -49.92 -21.20
N ALA H 109 22.28 -51.26 -21.17
CA ALA H 109 21.32 -52.12 -21.85
C ALA H 109 19.93 -52.20 -21.22
N LYS H 110 19.74 -51.61 -20.01
CA LYS H 110 18.47 -51.57 -19.30
C LYS H 110 17.94 -50.13 -19.29
N GLY H 111 18.53 -49.26 -20.11
CA GLY H 111 18.14 -47.85 -20.19
C GLY H 111 18.90 -46.91 -19.28
N GLY H 112 19.85 -47.42 -18.51
CA GLY H 112 20.66 -46.62 -17.61
C GLY H 112 21.78 -45.85 -18.28
N ILE H 113 22.57 -45.16 -17.45
CA ILE H 113 23.74 -44.39 -17.91
C ILE H 113 25.07 -44.98 -17.48
N GLY H 114 25.07 -46.00 -16.63
CA GLY H 114 26.32 -46.62 -16.19
C GLY H 114 27.23 -45.72 -15.34
N ASN H 115 28.49 -46.11 -15.21
CA ASN H 115 29.45 -45.38 -14.39
C ASN H 115 30.08 -44.21 -15.14
N ILE H 116 29.29 -43.13 -15.36
CA ILE H 116 29.83 -41.93 -15.97
C ILE H 116 30.79 -41.32 -14.98
N LYS H 117 31.83 -40.68 -15.49
CA LYS H 117 32.90 -40.08 -14.72
C LYS H 117 32.59 -38.65 -14.36
N HIS H 118 31.81 -37.93 -15.18
CA HIS H 118 31.49 -36.52 -14.88
C HIS H 118 30.40 -36.43 -13.81
N THR H 119 30.35 -35.26 -13.17
CA THR H 119 29.44 -34.98 -12.05
C THR H 119 28.01 -34.70 -12.50
N LEU H 120 27.03 -35.23 -11.72
CA LEU H 120 25.58 -34.97 -11.93
C LEU H 120 25.04 -34.24 -10.73
N LEU H 121 24.43 -33.08 -10.97
CA LEU H 121 23.86 -32.25 -9.92
C LEU H 121 22.40 -32.55 -9.76
N SER H 122 21.92 -32.46 -8.53
CA SER H 122 20.52 -32.70 -8.18
C SER H 122 19.89 -31.36 -7.89
N ASP H 123 18.93 -30.94 -8.74
CA ASP H 123 18.18 -29.70 -8.54
C ASP H 123 16.85 -30.04 -7.84
N ILE H 124 16.91 -30.73 -6.72
CA ILE H 124 15.71 -31.18 -6.00
C ILE H 124 14.69 -30.06 -5.63
N THR H 125 15.16 -28.85 -5.28
CA THR H 125 14.25 -27.73 -4.99
C THR H 125 13.75 -27.04 -6.28
N LYS H 126 14.42 -27.31 -7.42
CA LYS H 126 14.12 -26.77 -8.75
C LYS H 126 14.61 -25.30 -8.94
N SER H 127 15.36 -24.73 -7.99
CA SER H 127 15.82 -23.34 -8.06
C SER H 127 16.87 -23.07 -9.11
N ILE H 128 17.72 -24.04 -9.43
CA ILE H 128 18.74 -23.88 -10.47
C ILE H 128 18.00 -23.79 -11.81
N SER H 129 17.05 -24.67 -12.06
CA SER H 129 16.26 -24.61 -13.28
C SER H 129 15.51 -23.28 -13.43
N LYS H 130 14.97 -22.72 -12.31
CA LYS H 130 14.26 -21.45 -12.29
C LYS H 130 15.22 -20.30 -12.58
N ASP H 131 16.38 -20.28 -11.90
CA ASP H 131 17.40 -19.23 -12.06
C ASP H 131 17.99 -19.22 -13.46
N TYR H 132 18.13 -20.39 -14.10
CA TYR H 132 18.61 -20.47 -15.47
C TYR H 132 17.46 -20.33 -16.51
N ASN H 133 16.21 -20.19 -16.05
CA ASN H 133 15.04 -20.01 -16.89
C ASN H 133 14.81 -21.20 -17.79
N VAL H 134 15.08 -22.44 -17.29
CA VAL H 134 14.86 -23.70 -18.05
C VAL H 134 13.78 -24.58 -17.42
N LEU H 135 13.14 -24.16 -16.34
CA LEU H 135 12.07 -24.94 -15.72
C LEU H 135 10.77 -24.83 -16.52
N PHE H 136 10.12 -25.97 -16.74
CA PHE H 136 8.86 -26.06 -17.48
C PHE H 136 7.74 -26.50 -16.53
N ASP H 137 6.59 -25.77 -16.56
CA ASP H 137 5.39 -26.01 -15.74
C ASP H 137 5.69 -26.40 -14.28
N ASP H 138 6.62 -25.66 -13.65
CA ASP H 138 6.99 -25.88 -12.25
C ASP H 138 7.33 -27.35 -11.90
N SER H 139 7.71 -28.16 -12.91
CA SER H 139 7.97 -29.58 -12.75
C SER H 139 9.38 -29.97 -13.14
N VAL H 140 9.72 -29.95 -14.41
CA VAL H 140 11.03 -30.44 -14.88
C VAL H 140 11.73 -29.44 -15.77
N SER H 141 13.05 -29.56 -15.83
CA SER H 141 13.84 -28.68 -16.69
C SER H 141 13.66 -29.10 -18.15
N LEU H 142 13.90 -28.18 -19.08
CA LEU H 142 13.92 -28.50 -20.49
C LEU H 142 15.34 -29.03 -20.76
N ARG H 143 15.65 -29.42 -21.98
CA ARG H 143 17.01 -29.84 -22.32
C ARG H 143 17.80 -28.58 -22.67
N ALA H 144 18.84 -28.26 -21.91
CA ALA H 144 19.65 -27.06 -22.16
C ALA H 144 21.14 -27.26 -21.96
N PHE H 145 21.91 -26.32 -22.53
CA PHE H 145 23.37 -26.27 -22.44
C PHE H 145 23.76 -24.81 -22.21
N VAL H 146 24.57 -24.55 -21.18
CA VAL H 146 25.02 -23.21 -20.83
C VAL H 146 26.55 -23.22 -20.68
N LEU H 147 27.25 -22.37 -21.47
CA LEU H 147 28.71 -22.28 -21.36
C LEU H 147 29.07 -21.02 -20.60
N ILE H 148 29.83 -21.21 -19.49
CA ILE H 148 30.28 -20.17 -18.59
C ILE H 148 31.78 -20.09 -18.74
N ASP H 149 32.32 -18.87 -18.95
CA ASP H 149 33.77 -18.66 -19.10
C ASP H 149 34.46 -18.50 -17.74
N MET H 150 35.77 -18.37 -17.71
CA MET H 150 36.50 -18.24 -16.45
C MET H 150 36.20 -16.96 -15.61
N ASN H 151 35.52 -15.94 -16.21
CA ASN H 151 35.10 -14.74 -15.49
C ASN H 151 33.65 -14.87 -14.93
N GLY H 152 33.02 -16.05 -15.11
CA GLY H 152 31.66 -16.32 -14.69
C GLY H 152 30.60 -15.76 -15.63
N ILE H 153 30.99 -15.38 -16.87
CA ILE H 153 30.06 -14.81 -17.85
C ILE H 153 29.51 -15.92 -18.78
N VAL H 154 28.20 -15.84 -19.08
CA VAL H 154 27.54 -16.79 -19.97
C VAL H 154 27.78 -16.32 -21.41
N GLN H 155 28.39 -17.18 -22.24
CA GLN H 155 28.74 -16.89 -23.63
C GLN H 155 27.83 -17.60 -24.64
N HIS H 156 27.21 -18.71 -24.22
CA HIS H 156 26.39 -19.53 -25.10
C HIS H 156 25.28 -20.20 -24.31
N LEU H 157 24.08 -20.27 -24.90
CA LEU H 157 22.92 -20.90 -24.33
C LEU H 157 22.16 -21.59 -25.45
N LEU H 158 21.80 -22.86 -25.23
CA LEU H 158 20.98 -23.63 -26.18
C LEU H 158 19.84 -24.27 -25.41
N VAL H 159 18.60 -24.12 -25.86
CA VAL H 159 17.44 -24.69 -25.14
C VAL H 159 16.57 -25.44 -26.14
N ASN H 160 16.32 -26.74 -25.90
CA ASN H 160 15.49 -27.56 -26.79
C ASN H 160 14.34 -28.14 -26.01
N ASN H 161 13.15 -28.04 -26.58
CA ASN H 161 11.95 -28.61 -25.99
C ASN H 161 11.82 -30.12 -26.25
N LEU H 162 12.51 -30.66 -27.26
CA LEU H 162 12.38 -32.08 -27.63
C LEU H 162 13.67 -32.86 -27.44
N ALA H 163 13.52 -34.19 -27.32
CA ALA H 163 14.61 -35.17 -27.18
C ALA H 163 15.29 -35.26 -28.54
N ILE H 164 16.11 -34.25 -28.89
CA ILE H 164 16.70 -34.10 -30.23
C ILE H 164 18.17 -34.44 -30.30
N GLY H 165 18.90 -34.04 -29.27
CA GLY H 165 20.33 -34.31 -29.20
C GLY H 165 21.17 -33.19 -29.76
N ARG H 166 22.41 -33.16 -29.32
CA ARG H 166 23.40 -32.21 -29.75
C ARG H 166 24.73 -32.93 -29.91
N SER H 167 25.32 -32.92 -31.11
CA SER H 167 26.60 -33.59 -31.31
C SER H 167 27.67 -33.01 -30.38
N VAL H 168 28.55 -33.87 -29.87
CA VAL H 168 29.63 -33.43 -29.01
C VAL H 168 30.65 -32.58 -29.82
N ASP H 169 30.83 -32.87 -31.12
CA ASP H 169 31.72 -32.12 -32.00
C ASP H 169 31.25 -30.68 -32.22
N GLU H 170 29.91 -30.46 -32.34
CA GLU H 170 29.31 -29.11 -32.42
C GLU H 170 29.62 -28.33 -31.13
N ILE H 171 29.50 -28.98 -29.97
CA ILE H 171 29.78 -28.38 -28.64
C ILE H 171 31.29 -27.99 -28.51
N LEU H 172 32.19 -28.86 -28.98
CA LEU H 172 33.63 -28.59 -28.93
C LEU H 172 34.03 -27.49 -29.89
N ARG H 173 33.40 -27.42 -31.07
CA ARG H 173 33.65 -26.35 -32.04
C ARG H 173 33.24 -25.00 -31.41
N ILE H 174 32.09 -24.98 -30.70
CA ILE H 174 31.59 -23.77 -30.04
C ILE H 174 32.59 -23.31 -28.95
N ILE H 175 33.04 -24.24 -28.08
CA ILE H 175 33.99 -23.92 -27.00
C ILE H 175 35.30 -23.36 -27.59
N ASP H 176 35.80 -23.96 -28.68
CA ASP H 176 37.04 -23.49 -29.31
C ASP H 176 36.87 -22.13 -29.95
N ALA H 177 35.70 -21.89 -30.58
CA ALA H 177 35.42 -20.59 -31.20
C ALA H 177 35.34 -19.50 -30.13
N ILE H 178 34.70 -19.78 -28.98
CA ILE H 178 34.60 -18.83 -27.87
C ILE H 178 35.98 -18.56 -27.29
N GLN H 179 36.77 -19.61 -27.06
CA GLN H 179 38.15 -19.47 -26.58
C GLN H 179 39.09 -18.75 -27.55
N HIS H 180 38.84 -18.83 -28.87
CA HIS H 180 39.62 -18.15 -29.90
C HIS H 180 39.29 -16.65 -29.87
N HIS H 181 37.98 -16.34 -29.79
CA HIS H 181 37.49 -14.97 -29.68
C HIS H 181 38.06 -14.26 -28.43
N GLU H 182 38.18 -14.99 -27.32
CA GLU H 182 38.73 -14.45 -26.06
C GLU H 182 40.21 -14.11 -26.18
N LYS H 183 40.95 -14.86 -27.01
CA LYS H 183 42.39 -14.69 -27.20
C LYS H 183 42.70 -13.65 -28.29
N TYR H 184 41.90 -13.62 -29.38
CA TYR H 184 42.16 -12.73 -30.52
C TYR H 184 40.99 -11.78 -30.80
N GLY H 185 39.83 -12.33 -31.15
CA GLY H 185 38.64 -11.53 -31.44
C GLY H 185 37.84 -12.05 -32.62
N ASP H 186 37.08 -11.14 -33.29
CA ASP H 186 36.24 -11.47 -34.45
C ASP H 186 37.06 -11.47 -35.74
N SER I 19 3.72 12.03 -20.49
CA SER I 19 5.16 12.22 -20.42
C SER I 19 5.81 12.58 -21.78
N PRO I 20 5.54 11.86 -22.91
CA PRO I 20 6.21 12.24 -24.19
C PRO I 20 5.67 13.52 -24.85
N THR I 21 6.34 13.98 -25.92
CA THR I 21 5.88 15.18 -26.61
C THR I 21 4.52 15.05 -27.28
N TYR I 22 3.79 16.18 -27.39
CA TYR I 22 2.51 16.26 -28.10
C TYR I 22 2.75 16.66 -29.57
N VAL I 23 4.02 16.87 -29.99
CA VAL I 23 4.36 17.19 -31.38
C VAL I 23 4.10 15.95 -32.21
N GLY I 24 3.26 16.11 -33.23
CA GLY I 24 2.86 15.02 -34.11
C GLY I 24 1.68 14.22 -33.60
N LYS I 25 1.15 14.61 -32.42
CA LYS I 25 0.00 13.97 -31.79
C LYS I 25 -1.03 15.06 -31.63
N GLU I 26 -2.22 14.68 -31.16
CA GLU I 26 -3.33 15.61 -30.88
C GLU I 26 -2.93 16.65 -29.83
N ALA I 27 -3.24 17.90 -30.12
CA ALA I 27 -2.89 19.01 -29.25
C ALA I 27 -3.67 18.97 -27.91
N PRO I 28 -3.02 19.25 -26.77
CA PRO I 28 -3.76 19.29 -25.49
C PRO I 28 -4.98 20.21 -25.52
N PHE I 29 -6.11 19.71 -25.09
CA PHE I 29 -7.35 20.49 -25.06
C PHE I 29 -7.22 21.70 -24.13
N PHE I 30 -7.84 22.83 -24.51
CA PHE I 30 -7.94 24.01 -23.68
C PHE I 30 -9.32 24.69 -23.86
N LYS I 31 -9.81 25.28 -22.79
CA LYS I 31 -11.01 26.11 -22.72
C LYS I 31 -10.51 27.31 -21.94
N ALA I 32 -10.66 28.52 -22.48
CA ALA I 32 -10.11 29.69 -21.80
C ALA I 32 -10.91 30.94 -22.01
N GLU I 33 -10.96 31.79 -20.98
CA GLU I 33 -11.63 33.09 -21.06
C GLU I 33 -10.77 33.94 -21.96
N ALA I 34 -11.39 34.80 -22.76
CA ALA I 34 -10.65 35.58 -23.74
C ALA I 34 -11.19 37.00 -23.93
N VAL I 35 -10.33 37.87 -24.48
CA VAL I 35 -10.63 39.25 -24.86
C VAL I 35 -10.60 39.23 -26.38
N PHE I 36 -11.70 39.61 -27.02
CA PHE I 36 -11.75 39.61 -28.49
C PHE I 36 -11.36 40.97 -29.03
N GLY I 37 -11.20 41.05 -30.35
CA GLY I 37 -10.89 42.29 -31.05
C GLY I 37 -11.77 43.46 -30.65
N ASP I 38 -13.10 43.20 -30.50
CA ASP I 38 -14.09 44.24 -30.10
C ASP I 38 -14.03 44.62 -28.60
N ASN I 39 -13.04 44.06 -27.85
CA ASN I 39 -12.85 44.30 -26.43
C ASN I 39 -13.94 43.69 -25.56
N SER I 40 -14.70 42.71 -26.10
CA SER I 40 -15.70 41.99 -25.32
C SER I 40 -15.03 40.73 -24.74
N PHE I 41 -15.66 40.14 -23.73
CA PHE I 41 -15.16 38.94 -23.12
C PHE I 41 -15.93 37.75 -23.60
N GLY I 42 -15.25 36.63 -23.65
CA GLY I 42 -15.86 35.37 -24.04
C GLY I 42 -14.99 34.20 -23.67
N GLU I 43 -15.22 33.10 -24.37
CA GLU I 43 -14.51 31.86 -24.17
C GLU I 43 -14.05 31.34 -25.51
N VAL I 44 -12.92 30.63 -25.47
CA VAL I 44 -12.34 29.96 -26.64
C VAL I 44 -11.92 28.60 -26.20
N ASN I 45 -12.39 27.56 -26.91
CA ASN I 45 -11.93 26.19 -26.71
C ASN I 45 -11.33 25.67 -28.05
N LEU I 46 -10.29 24.86 -27.96
CA LEU I 46 -9.58 24.32 -29.13
C LEU I 46 -10.46 23.53 -30.10
N THR I 47 -11.44 22.83 -29.55
CA THR I 47 -12.36 22.00 -30.31
C THR I 47 -13.20 22.80 -31.32
N GLN I 48 -13.47 24.10 -31.04
CA GLN I 48 -14.25 24.93 -31.97
C GLN I 48 -13.55 25.16 -33.32
N PHE I 49 -12.21 24.98 -33.41
CA PHE I 49 -11.48 25.17 -34.66
C PHE I 49 -11.24 23.87 -35.45
N ILE I 50 -11.39 22.69 -34.83
CA ILE I 50 -11.15 21.41 -35.53
C ILE I 50 -12.07 21.22 -36.76
N GLY I 51 -11.46 20.92 -37.89
CA GLY I 51 -12.16 20.76 -39.16
C GLY I 51 -12.48 22.04 -39.90
N LYS I 52 -12.10 23.21 -39.32
CA LYS I 52 -12.44 24.54 -39.82
C LYS I 52 -11.23 25.44 -40.02
N LYS I 53 -10.42 25.61 -38.99
CA LYS I 53 -9.25 26.48 -39.06
C LYS I 53 -7.99 25.85 -38.49
N TYR I 54 -6.82 26.34 -38.95
CA TYR I 54 -5.51 26.01 -38.39
C TYR I 54 -5.36 26.96 -37.22
N VAL I 55 -4.59 26.58 -36.21
CA VAL I 55 -4.44 27.43 -35.03
C VAL I 55 -2.99 27.71 -34.77
N LEU I 56 -2.64 28.99 -34.69
CA LEU I 56 -1.32 29.44 -34.29
C LEU I 56 -1.52 30.02 -32.92
N LEU I 57 -1.21 29.19 -31.92
CA LEU I 57 -1.27 29.55 -30.53
C LEU I 57 0.11 30.02 -30.09
N TYR I 58 0.23 31.27 -29.68
CA TYR I 58 1.50 31.78 -29.17
C TYR I 58 1.35 32.20 -27.69
N PHE I 59 2.43 31.98 -26.96
CA PHE I 59 2.56 32.27 -25.54
C PHE I 59 3.57 33.38 -25.37
N TYR I 60 3.41 34.18 -24.35
CA TYR I 60 4.34 35.24 -24.01
C TYR I 60 4.26 35.39 -22.48
N PRO I 61 5.33 35.85 -21.81
CA PRO I 61 5.33 35.85 -20.34
C PRO I 61 4.30 36.71 -19.64
N LEU I 62 4.33 38.02 -19.87
CA LEU I 62 3.51 39.00 -19.14
C LEU I 62 3.14 40.24 -19.93
N ASP I 63 2.04 40.88 -19.50
CA ASP I 63 1.57 42.15 -20.00
C ASP I 63 2.25 43.23 -19.18
N PHE I 64 2.24 44.46 -19.70
CA PHE I 64 2.77 45.66 -19.03
C PHE I 64 4.26 45.59 -18.62
N THR I 65 5.06 44.85 -19.37
CA THR I 65 6.51 44.74 -19.12
C THR I 65 7.25 45.92 -19.72
N PHE I 66 8.53 46.11 -19.36
CA PHE I 66 9.34 47.22 -19.90
C PHE I 66 9.89 46.92 -21.30
N VAL I 67 9.74 45.68 -21.79
CA VAL I 67 10.18 45.28 -23.13
C VAL I 67 9.03 45.45 -24.13
N CYS I 68 9.29 46.08 -25.26
CA CYS I 68 8.25 46.40 -26.24
C CYS I 68 7.49 45.18 -26.73
N PRO I 69 6.17 45.25 -26.81
CA PRO I 69 5.42 44.09 -27.33
C PRO I 69 5.35 44.09 -28.87
N SER I 70 6.53 44.12 -29.51
CA SER I 70 6.71 44.17 -30.95
C SER I 70 6.18 42.94 -31.65
N GLU I 71 6.22 41.80 -30.99
CA GLU I 71 5.72 40.53 -31.51
C GLU I 71 4.19 40.61 -31.67
N ILE I 72 3.47 41.01 -30.58
CA ILE I 72 2.01 41.15 -30.60
C ILE I 72 1.53 42.16 -31.62
N ILE I 73 2.22 43.31 -31.70
CA ILE I 73 1.87 44.42 -32.60
C ILE I 73 2.10 44.05 -34.06
N ALA I 74 3.27 43.48 -34.38
CA ALA I 74 3.62 43.03 -35.74
C ALA I 74 2.68 41.91 -36.20
N LEU I 75 2.47 40.91 -35.36
CA LEU I 75 1.54 39.82 -35.67
C LEU I 75 0.14 40.34 -36.01
N ASP I 76 -0.39 41.33 -35.25
CA ASP I 76 -1.71 41.90 -35.51
C ASP I 76 -1.75 42.74 -36.80
N LYS I 77 -0.60 43.37 -37.17
CA LYS I 77 -0.49 44.10 -38.44
C LYS I 77 -0.63 43.10 -39.62
N ALA I 78 -0.16 41.87 -39.43
CA ALA I 78 -0.25 40.83 -40.44
C ALA I 78 -1.51 39.94 -40.34
N LEU I 79 -2.56 40.35 -39.60
CA LEU I 79 -3.76 39.50 -39.45
C LEU I 79 -4.42 39.02 -40.76
N ASP I 80 -4.40 39.83 -41.83
CA ASP I 80 -4.95 39.42 -43.13
C ASP I 80 -4.13 38.29 -43.77
N ALA I 81 -2.82 38.21 -43.48
CA ALA I 81 -1.95 37.12 -43.97
C ALA I 81 -2.36 35.80 -43.28
N PHE I 82 -2.71 35.86 -41.99
CA PHE I 82 -3.21 34.70 -41.27
C PHE I 82 -4.62 34.32 -41.76
N HIS I 83 -5.48 35.29 -42.02
CA HIS I 83 -6.81 34.99 -42.53
C HIS I 83 -6.72 34.27 -43.88
N GLU I 84 -5.83 34.75 -44.78
CA GLU I 84 -5.53 34.13 -46.12
C GLU I 84 -5.21 32.67 -46.00
N ARG I 85 -4.41 32.34 -45.00
CA ARG I 85 -3.93 30.99 -44.70
C ARG I 85 -4.89 30.17 -43.83
N ASN I 86 -6.09 30.70 -43.51
CA ASN I 86 -7.13 30.05 -42.71
C ASN I 86 -6.56 29.69 -41.33
N VAL I 87 -5.82 30.64 -40.73
CA VAL I 87 -5.17 30.49 -39.41
C VAL I 87 -5.85 31.37 -38.39
N GLU I 88 -6.25 30.79 -37.24
CA GLU I 88 -6.76 31.55 -36.09
C GLU I 88 -5.53 31.85 -35.25
N LEU I 89 -5.17 33.14 -35.13
CA LEU I 89 -4.04 33.60 -34.32
C LEU I 89 -4.59 33.83 -32.89
N LEU I 90 -4.02 33.14 -31.90
CA LEU I 90 -4.42 33.28 -30.50
C LEU I 90 -3.22 33.56 -29.66
N GLY I 91 -3.23 34.67 -28.97
CA GLY I 91 -2.19 35.04 -28.01
C GLY I 91 -2.58 34.53 -26.64
N CYS I 92 -1.58 34.25 -25.79
CA CYS I 92 -1.84 33.68 -24.47
C CYS I 92 -0.75 33.99 -23.45
N SER I 93 -1.18 34.44 -22.27
CA SER I 93 -0.33 34.69 -21.10
C SER I 93 -1.14 34.29 -19.86
N VAL I 94 -0.42 34.13 -18.73
CA VAL I 94 -1.01 33.79 -17.42
C VAL I 94 -1.79 34.95 -16.75
N ASP I 95 -1.75 36.15 -17.33
CA ASP I 95 -2.49 37.31 -16.83
C ASP I 95 -4.03 37.14 -16.98
N SER I 96 -4.82 37.91 -16.20
CA SER I 96 -6.27 37.87 -16.28
C SER I 96 -6.81 38.58 -17.53
N LYS I 97 -8.08 38.32 -17.86
CA LYS I 97 -8.74 38.97 -19.00
C LYS I 97 -8.85 40.47 -18.77
N TYR I 98 -8.97 40.91 -17.50
CA TYR I 98 -9.04 42.31 -17.11
C TYR I 98 -7.71 43.02 -17.33
N THR I 99 -6.57 42.34 -17.06
CA THR I 99 -5.24 42.90 -17.34
C THR I 99 -5.05 43.03 -18.86
N HIS I 100 -5.45 42.01 -19.67
CA HIS I 100 -5.33 42.06 -21.15
C HIS I 100 -6.15 43.21 -21.70
N LEU I 101 -7.42 43.34 -21.25
CA LEU I 101 -8.28 44.44 -21.68
C LEU I 101 -7.65 45.79 -21.36
N ALA I 102 -7.07 45.93 -20.18
CA ALA I 102 -6.44 47.18 -19.77
C ALA I 102 -5.19 47.44 -20.63
N TRP I 103 -4.41 46.40 -20.90
CA TRP I 103 -3.24 46.54 -21.78
C TRP I 103 -3.64 47.04 -23.17
N LYS I 104 -4.85 46.64 -23.67
CA LYS I 104 -5.41 47.12 -24.95
C LYS I 104 -5.89 48.57 -24.87
N LYS I 105 -6.55 48.96 -23.75
CA LYS I 105 -7.03 50.32 -23.53
C LYS I 105 -5.91 51.31 -23.19
N THR I 106 -4.66 50.83 -23.05
CA THR I 106 -3.50 51.67 -22.78
C THR I 106 -2.89 51.98 -24.14
N PRO I 107 -2.70 53.26 -24.51
CA PRO I 107 -2.08 53.55 -25.82
C PRO I 107 -0.62 53.08 -25.89
N LEU I 108 -0.07 52.95 -27.11
CA LEU I 108 1.31 52.50 -27.31
C LEU I 108 2.32 53.42 -26.62
N ALA I 109 2.13 54.75 -26.71
CA ALA I 109 3.00 55.74 -26.07
C ALA I 109 2.97 55.72 -24.53
N LYS I 110 1.97 55.05 -23.92
CA LYS I 110 1.86 54.88 -22.47
C LYS I 110 2.17 53.40 -22.10
N GLY I 111 2.91 52.68 -22.94
CA GLY I 111 3.29 51.29 -22.70
C GLY I 111 2.33 50.16 -23.05
N GLY I 112 1.25 50.45 -23.80
CA GLY I 112 0.26 49.45 -24.18
C GLY I 112 0.45 48.76 -25.52
N ILE I 113 -0.55 47.96 -25.93
CA ILE I 113 -0.58 47.25 -27.22
C ILE I 113 -1.67 47.82 -28.17
N GLY I 114 -2.60 48.63 -27.64
CA GLY I 114 -3.67 49.19 -28.44
C GLY I 114 -4.75 48.20 -28.79
N ASN I 115 -5.68 48.63 -29.66
CA ASN I 115 -6.81 47.81 -30.08
C ASN I 115 -6.49 46.78 -31.15
N ILE I 116 -5.75 45.73 -30.76
CA ILE I 116 -5.40 44.63 -31.65
C ILE I 116 -6.69 43.86 -31.97
N LYS I 117 -6.83 43.36 -33.21
CA LYS I 117 -8.04 42.66 -33.64
C LYS I 117 -8.09 41.16 -33.34
N HIS I 118 -6.92 40.49 -33.12
CA HIS I 118 -6.94 39.08 -32.75
C HIS I 118 -7.21 38.90 -31.27
N THR I 119 -7.62 37.68 -30.92
CA THR I 119 -8.02 37.30 -29.58
C THR I 119 -6.84 37.05 -28.61
N LEU I 120 -6.99 37.45 -27.31
CA LEU I 120 -5.96 37.18 -26.29
C LEU I 120 -6.60 36.28 -25.24
N LEU I 121 -5.96 35.14 -24.94
CA LEU I 121 -6.46 34.14 -23.98
C LEU I 121 -5.85 34.39 -22.63
N SER I 122 -6.65 34.20 -21.58
CA SER I 122 -6.21 34.35 -20.22
C SER I 122 -5.97 32.95 -19.66
N ASP I 123 -4.70 32.60 -19.39
CA ASP I 123 -4.33 31.34 -18.74
C ASP I 123 -4.19 31.62 -17.23
N ILE I 124 -5.27 32.07 -16.61
CA ILE I 124 -5.27 32.46 -15.19
C ILE I 124 -4.88 31.34 -14.22
N THR I 125 -5.23 30.08 -14.51
CA THR I 125 -4.87 28.95 -13.63
C THR I 125 -3.51 28.35 -13.97
N LYS I 126 -2.89 28.82 -15.07
CA LYS I 126 -1.60 28.35 -15.60
C LYS I 126 -1.69 26.95 -16.24
N SER I 127 -2.91 26.41 -16.36
CA SER I 127 -3.24 25.07 -16.83
C SER I 127 -2.84 24.86 -18.28
N ILE I 128 -3.05 25.87 -19.13
CA ILE I 128 -2.72 25.83 -20.56
C ILE I 128 -1.19 25.78 -20.76
N SER I 129 -0.46 26.62 -20.03
CA SER I 129 0.99 26.65 -20.11
C SER I 129 1.58 25.33 -19.59
N LYS I 130 0.95 24.73 -18.54
CA LYS I 130 1.40 23.42 -18.02
C LYS I 130 1.19 22.31 -19.07
N ASP I 131 -0.03 22.22 -19.61
CA ASP I 131 -0.40 21.22 -20.62
C ASP I 131 0.44 21.31 -21.92
N TYR I 132 0.90 22.53 -22.29
CA TYR I 132 1.72 22.76 -23.48
C TYR I 132 3.22 22.74 -23.16
N ASN I 133 3.60 22.55 -21.88
CA ASN I 133 5.01 22.44 -21.46
C ASN I 133 5.81 23.70 -21.70
N VAL I 134 5.21 24.83 -21.40
CA VAL I 134 5.81 26.16 -21.62
C VAL I 134 5.81 27.02 -20.36
N LEU I 135 5.37 26.48 -19.21
CA LEU I 135 5.39 27.22 -17.95
C LEU I 135 6.79 27.21 -17.32
N PHE I 136 7.29 28.38 -16.95
CA PHE I 136 8.59 28.57 -16.32
C PHE I 136 8.39 28.91 -14.84
N ASP I 137 9.03 28.12 -13.94
CA ASP I 137 8.99 28.30 -12.46
C ASP I 137 7.60 28.37 -11.85
N ASP I 138 6.61 27.63 -12.41
CA ASP I 138 5.23 27.68 -11.88
C ASP I 138 4.72 29.14 -11.81
N SER I 139 5.21 30.02 -12.70
CA SER I 139 4.96 31.47 -12.67
C SER I 139 4.38 32.00 -13.96
N VAL I 140 5.15 32.00 -15.02
CA VAL I 140 4.75 32.60 -16.28
C VAL I 140 5.19 31.71 -17.41
N SER I 141 4.52 31.82 -18.54
CA SER I 141 4.86 31.03 -19.72
C SER I 141 6.11 31.58 -20.37
N LEU I 142 6.78 30.75 -21.15
CA LEU I 142 7.95 31.15 -21.92
C LEU I 142 7.43 31.70 -23.25
N ARG I 143 8.31 32.29 -24.07
CA ARG I 143 7.87 32.78 -25.40
C ARG I 143 7.83 31.55 -26.29
N ALA I 144 6.62 31.18 -26.80
CA ALA I 144 6.41 29.96 -27.58
C ALA I 144 5.34 30.09 -28.65
N PHE I 145 5.50 29.31 -29.73
CA PHE I 145 4.56 29.24 -30.86
C PHE I 145 4.24 27.79 -31.08
N VAL I 146 2.95 27.46 -31.23
CA VAL I 146 2.44 26.12 -31.47
C VAL I 146 1.50 26.16 -32.70
N LEU I 147 1.86 25.45 -33.79
CA LEU I 147 0.97 25.35 -34.94
C LEU I 147 0.18 24.04 -34.85
N ILE I 148 -1.13 24.14 -34.83
CA ILE I 148 -2.08 23.03 -34.79
C ILE I 148 -2.78 22.99 -36.16
N ASP I 149 -2.81 21.83 -36.83
CA ASP I 149 -3.47 21.71 -38.14
C ASP I 149 -5.00 21.58 -38.01
N MET I 150 -5.74 21.43 -39.13
CA MET I 150 -7.22 21.32 -39.07
C MET I 150 -7.75 20.02 -38.48
N ASN I 151 -6.90 19.00 -38.32
CA ASN I 151 -7.28 17.74 -37.69
C ASN I 151 -6.93 17.78 -36.22
N GLY I 152 -6.44 18.92 -35.72
CA GLY I 152 -6.05 19.11 -34.32
C GLY I 152 -4.70 18.56 -33.90
N ILE I 153 -3.82 18.22 -34.88
CA ILE I 153 -2.50 17.69 -34.62
C ILE I 153 -1.49 18.86 -34.58
N VAL I 154 -0.53 18.79 -33.64
CA VAL I 154 0.56 19.75 -33.55
C VAL I 154 1.66 19.37 -34.54
N GLN I 155 1.97 20.32 -35.41
CA GLN I 155 2.99 20.15 -36.46
C GLN I 155 4.30 20.87 -36.19
N HIS I 156 4.27 21.89 -35.35
CA HIS I 156 5.45 22.73 -35.11
C HIS I 156 5.38 23.32 -33.70
N LEU I 157 6.51 23.29 -32.99
CA LEU I 157 6.64 23.87 -31.67
C LEU I 157 7.96 24.65 -31.58
N LEU I 158 7.89 25.91 -31.18
CA LEU I 158 9.09 26.69 -30.95
C LEU I 158 9.01 27.28 -29.54
N VAL I 159 10.05 27.08 -28.72
CA VAL I 159 10.09 27.60 -27.38
C VAL I 159 11.40 28.37 -27.18
N ASN I 160 11.30 29.64 -26.74
CA ASN I 160 12.43 30.54 -26.49
C ASN I 160 12.42 31.03 -25.08
N ASN I 161 13.60 31.26 -24.56
CA ASN I 161 13.75 31.73 -23.20
C ASN I 161 14.03 33.25 -23.01
N LEU I 162 14.81 33.87 -23.91
CA LEU I 162 15.33 35.23 -23.73
C LEU I 162 14.75 36.35 -24.60
N ALA I 163 13.48 36.70 -24.49
CA ALA I 163 13.00 37.83 -25.32
C ALA I 163 13.43 37.66 -26.80
N ILE I 164 13.46 36.38 -27.22
CA ILE I 164 13.67 35.94 -28.60
C ILE I 164 12.20 35.43 -28.85
N GLY I 165 11.40 36.07 -29.70
CA GLY I 165 11.77 37.04 -30.72
C GLY I 165 11.69 36.25 -32.00
N ARG I 166 10.81 36.65 -32.94
CA ARG I 166 10.59 35.87 -34.15
C ARG I 166 9.89 36.69 -35.19
N SER I 167 10.47 36.78 -36.39
CA SER I 167 9.86 37.58 -37.44
C SER I 167 8.55 36.99 -37.90
N VAL I 168 7.60 37.86 -38.22
CA VAL I 168 6.30 37.44 -38.73
C VAL I 168 6.53 36.77 -40.11
N ASP I 169 7.48 37.26 -40.92
CA ASP I 169 7.83 36.63 -42.21
C ASP I 169 8.23 35.16 -42.05
N GLU I 170 8.98 34.80 -40.99
CA GLU I 170 9.40 33.42 -40.73
C GLU I 170 8.19 32.57 -40.40
N ILE I 171 7.30 33.07 -39.57
CA ILE I 171 6.09 32.36 -39.17
C ILE I 171 5.21 32.04 -40.39
N LEU I 172 4.99 33.00 -41.28
CA LEU I 172 4.16 32.80 -42.46
C LEU I 172 4.79 31.78 -43.39
N ARG I 173 6.13 31.82 -43.53
CA ARG I 173 6.85 30.83 -44.33
C ARG I 173 6.71 29.39 -43.78
N ILE I 174 6.78 29.20 -42.44
CA ILE I 174 6.62 27.88 -41.80
C ILE I 174 5.23 27.33 -42.11
N ILE I 175 4.18 28.14 -41.92
CA ILE I 175 2.78 27.73 -42.18
C ILE I 175 2.62 27.31 -43.63
N ASP I 176 3.18 28.09 -44.52
CA ASP I 176 3.18 27.78 -45.95
C ASP I 176 3.84 26.46 -46.25
N ALA I 177 5.03 26.23 -45.64
CA ALA I 177 5.79 24.99 -45.83
C ALA I 177 5.01 23.80 -45.27
N ILE I 178 4.31 23.99 -44.13
CA ILE I 178 3.52 22.93 -43.52
C ILE I 178 2.25 22.63 -44.34
N GLN I 179 1.53 23.66 -44.74
CA GLN I 179 0.31 23.52 -45.57
C GLN I 179 0.58 22.87 -46.91
N HIS I 180 1.73 23.18 -47.50
CA HIS I 180 2.16 22.53 -48.74
C HIS I 180 2.60 21.10 -48.50
N HIS I 181 3.29 20.83 -47.36
CA HIS I 181 3.71 19.48 -47.02
C HIS I 181 2.53 18.54 -46.81
N GLU I 182 1.47 18.99 -46.13
CA GLU I 182 0.24 18.20 -45.99
C GLU I 182 -0.30 17.65 -47.32
N LYS I 183 -0.13 18.40 -48.44
CA LYS I 183 -0.64 17.97 -49.76
C LYS I 183 0.37 17.18 -50.58
N TYR I 184 1.57 17.68 -50.69
CA TYR I 184 2.61 17.16 -51.59
C TYR I 184 3.70 16.34 -50.98
N GLY I 185 3.73 16.28 -49.66
CA GLY I 185 4.76 15.56 -48.94
C GLY I 185 6.10 16.25 -48.98
N ASP I 186 7.15 15.45 -48.79
CA ASP I 186 8.52 15.93 -48.74
C ASP I 186 8.96 16.37 -50.13
N VAL I 187 9.60 17.53 -50.20
CA VAL I 187 10.09 18.13 -51.41
C VAL I 187 11.60 18.20 -51.32
N CYS I 188 12.31 17.50 -52.24
CA CYS I 188 13.77 17.52 -52.27
C CYS I 188 14.22 18.80 -52.96
N PRO I 189 14.92 19.72 -52.25
CA PRO I 189 15.28 20.99 -52.90
C PRO I 189 16.28 20.90 -54.05
N ALA I 190 16.09 21.78 -55.01
CA ALA I 190 16.98 21.86 -56.16
C ALA I 190 18.32 22.33 -55.65
N ASN I 191 19.40 21.74 -56.15
CA ASN I 191 20.77 22.09 -55.79
C ASN I 191 21.06 21.89 -54.29
N TRP I 192 20.32 20.96 -53.63
CA TRP I 192 20.52 20.68 -52.19
C TRP I 192 21.95 20.24 -51.87
N GLN I 193 22.65 19.66 -52.84
CA GLN I 193 24.03 19.22 -52.64
C GLN I 193 25.01 20.37 -52.39
N LYS I 194 24.67 21.62 -52.80
CA LYS I 194 25.53 22.79 -52.55
C LYS I 194 25.43 23.22 -51.07
N GLY I 195 24.22 23.41 -50.56
CA GLY I 195 24.00 23.82 -49.17
C GLY I 195 22.65 24.47 -48.92
N PRO J 20 7.91 20.76 -16.04
CA PRO J 20 8.94 19.87 -16.57
C PRO J 20 9.73 20.36 -17.79
N THR J 21 9.48 21.57 -18.37
CA THR J 21 10.30 21.95 -19.54
C THR J 21 11.68 22.28 -19.07
N TYR J 22 12.69 21.88 -19.85
CA TYR J 22 14.07 22.16 -19.57
C TYR J 22 14.49 23.48 -20.21
N VAL J 23 13.60 24.13 -21.02
CA VAL J 23 13.92 25.42 -21.63
C VAL J 23 13.98 26.47 -20.51
N GLY J 24 15.12 27.15 -20.42
CA GLY J 24 15.40 28.13 -19.38
C GLY J 24 16.04 27.51 -18.15
N LYS J 25 16.21 26.18 -18.14
CA LYS J 25 16.78 25.42 -17.05
C LYS J 25 17.99 24.70 -17.63
N GLU J 26 18.69 23.93 -16.81
CA GLU J 26 19.86 23.21 -17.28
C GLU J 26 19.46 22.10 -18.26
N ALA J 27 20.33 21.88 -19.24
CA ALA J 27 20.12 20.88 -20.28
C ALA J 27 20.27 19.44 -19.71
N PRO J 28 19.38 18.49 -20.09
CA PRO J 28 19.54 17.09 -19.63
C PRO J 28 20.87 16.51 -20.09
N PHE J 29 21.55 15.78 -19.19
CA PHE J 29 22.83 15.16 -19.46
C PHE J 29 22.70 14.12 -20.57
N PHE J 30 23.74 14.04 -21.40
CA PHE J 30 23.82 13.06 -22.50
C PHE J 30 25.26 12.58 -22.66
N LYS J 31 25.39 11.31 -22.98
CA LYS J 31 26.64 10.64 -23.26
C LYS J 31 26.34 9.74 -24.47
N ALA J 32 27.14 9.79 -25.52
CA ALA J 32 26.88 8.94 -26.67
C ALA J 32 28.12 8.58 -27.41
N GLU J 33 28.07 7.46 -28.11
CA GLU J 33 29.13 7.07 -29.02
C GLU J 33 28.88 7.92 -30.22
N ALA J 34 29.93 8.32 -30.90
CA ALA J 34 29.79 9.21 -32.02
C ALA J 34 30.77 8.89 -33.14
N VAL J 35 30.44 9.43 -34.33
CA VAL J 35 31.28 9.39 -35.53
C VAL J 35 31.76 10.83 -35.75
N PHE J 36 33.08 11.00 -35.72
CA PHE J 36 33.72 12.29 -35.89
C PHE J 36 34.01 12.53 -37.33
N GLY J 37 34.32 13.77 -37.66
CA GLY J 37 34.65 14.21 -39.03
C GLY J 37 35.69 13.36 -39.76
N ASP J 38 36.69 12.85 -38.99
CA ASP J 38 37.74 11.97 -39.50
C ASP J 38 37.28 10.49 -39.64
N ASN J 39 35.98 10.18 -39.40
CA ASN J 39 35.38 8.83 -39.47
C ASN J 39 35.77 7.85 -38.37
N SER J 40 36.49 8.34 -37.36
CA SER J 40 36.83 7.54 -36.20
C SER J 40 35.64 7.59 -35.21
N PHE J 41 35.58 6.60 -34.32
CA PHE J 41 34.57 6.52 -33.28
C PHE J 41 35.17 7.00 -31.99
N GLY J 42 34.32 7.56 -31.15
CA GLY J 42 34.70 8.04 -29.83
C GLY J 42 33.46 8.36 -29.02
N GLU J 43 33.63 9.02 -27.88
CA GLU J 43 32.50 9.37 -27.02
C GLU J 43 32.40 10.88 -26.81
N VAL J 44 31.16 11.37 -26.73
CA VAL J 44 30.84 12.79 -26.51
C VAL J 44 29.84 12.88 -25.38
N ASN J 45 30.09 13.73 -24.41
CA ASN J 45 29.12 13.97 -23.34
C ASN J 45 28.95 15.45 -23.10
N LEU J 46 27.80 15.85 -22.61
CA LEU J 46 27.47 17.26 -22.33
C LEU J 46 28.45 17.96 -21.40
N THR J 47 29.03 17.26 -20.42
CA THR J 47 29.91 17.94 -19.45
C THR J 47 31.19 18.49 -20.03
N GLN J 48 31.63 17.97 -21.18
CA GLN J 48 32.85 18.47 -21.81
C GLN J 48 32.71 19.91 -22.32
N PHE J 49 31.44 20.36 -22.55
CA PHE J 49 31.11 21.69 -23.04
C PHE J 49 30.77 22.68 -21.96
N ILE J 50 30.28 22.25 -20.81
CA ILE J 50 29.80 23.17 -19.78
C ILE J 50 30.87 24.11 -19.25
N GLY J 51 30.55 25.40 -19.25
CA GLY J 51 31.43 26.49 -18.84
C GLY J 51 32.46 26.87 -19.90
N LYS J 52 32.38 26.27 -21.10
CA LYS J 52 33.36 26.43 -22.18
C LYS J 52 32.73 26.82 -23.51
N LYS J 53 31.84 25.98 -24.07
CA LYS J 53 31.19 26.21 -25.37
C LYS J 53 29.68 26.20 -25.39
N TYR J 54 29.11 26.90 -26.40
CA TYR J 54 27.69 26.85 -26.73
C TYR J 54 27.54 25.53 -27.50
N VAL J 55 26.36 24.91 -27.47
CA VAL J 55 26.13 23.63 -28.17
C VAL J 55 24.83 23.71 -28.95
N LEU J 56 24.86 23.40 -30.24
CA LEU J 56 23.66 23.30 -31.06
C LEU J 56 23.46 21.81 -31.32
N LEU J 57 22.55 21.20 -30.60
CA LEU J 57 22.23 19.79 -30.75
C LEU J 57 21.00 19.68 -31.65
N TYR J 58 21.14 19.11 -32.85
CA TYR J 58 20.00 18.89 -33.72
C TYR J 58 19.63 17.37 -33.75
N PHE J 59 18.34 17.07 -33.94
CA PHE J 59 17.83 15.70 -34.02
C PHE J 59 17.16 15.48 -35.38
N TYR J 60 17.30 14.27 -35.93
CA TYR J 60 16.59 13.87 -37.18
C TYR J 60 16.20 12.38 -37.01
N PRO J 61 15.16 11.93 -37.70
CA PRO J 61 14.67 10.57 -37.47
C PRO J 61 15.62 9.42 -37.76
N LEU J 62 16.12 9.35 -38.99
CA LEU J 62 16.91 8.23 -39.44
C LEU J 62 17.83 8.56 -40.55
N ASP J 63 18.82 7.70 -40.71
CA ASP J 63 19.76 7.70 -41.82
C ASP J 63 19.15 6.88 -42.93
N PHE J 64 19.66 7.07 -44.13
CA PHE J 64 19.30 6.33 -45.34
C PHE J 64 17.80 6.36 -45.74
N THR J 65 17.03 7.40 -45.41
CA THR J 65 15.60 7.46 -45.88
C THR J 65 15.50 8.08 -47.26
N PHE J 66 14.27 8.15 -47.81
CA PHE J 66 14.07 8.79 -49.13
C PHE J 66 14.06 10.36 -49.05
N VAL J 67 14.05 10.91 -47.86
CA VAL J 67 14.16 12.34 -47.62
C VAL J 67 15.63 12.70 -47.77
N CYS J 68 15.95 13.39 -48.86
CA CYS J 68 17.29 13.98 -48.84
CA CYS J 68 17.34 13.91 -48.97
C CYS J 68 17.88 14.78 -47.57
N PRO J 69 19.14 14.45 -47.36
CA PRO J 69 19.67 15.12 -46.16
C PRO J 69 20.17 16.55 -46.41
N SER J 70 19.32 17.40 -46.94
CA SER J 70 19.67 18.77 -47.29
C SER J 70 20.03 19.62 -46.08
N GLU J 71 19.31 19.47 -44.98
CA GLU J 71 19.56 20.21 -43.75
C GLU J 71 20.94 19.93 -43.18
N ILE J 72 21.34 18.63 -43.10
CA ILE J 72 22.67 18.20 -42.61
C ILE J 72 23.82 18.84 -43.41
N ILE J 73 23.66 18.88 -44.76
CA ILE J 73 24.65 19.45 -45.68
C ILE J 73 24.69 20.99 -45.51
N ALA J 74 23.51 21.62 -45.37
CA ALA J 74 23.46 23.07 -45.14
C ALA J 74 24.14 23.41 -43.79
N LEU J 75 23.89 22.61 -42.78
CA LEU J 75 24.54 22.78 -41.47
C LEU J 75 26.02 22.56 -41.52
N ASP J 76 26.48 21.56 -42.27
CA ASP J 76 27.92 21.30 -42.43
C ASP J 76 28.65 22.43 -43.15
N LYS J 77 28.01 23.07 -44.14
CA LYS J 77 28.60 24.19 -44.90
C LYS J 77 28.81 25.42 -44.02
N ALA J 78 27.95 25.57 -43.01
CA ALA J 78 27.98 26.67 -42.05
C ALA J 78 28.83 26.33 -40.80
N LEU J 79 29.59 25.22 -40.80
CA LEU J 79 30.38 24.77 -39.65
C LEU J 79 31.39 25.81 -39.14
N ASP J 80 32.00 26.56 -40.06
CA ASP J 80 32.92 27.64 -39.67
C ASP J 80 32.17 28.78 -39.02
N ALA J 81 30.96 29.13 -39.52
CA ALA J 81 30.12 30.17 -38.93
C ALA J 81 29.79 29.83 -37.48
N PHE J 82 29.53 28.53 -37.20
CA PHE J 82 29.27 28.00 -35.88
C PHE J 82 30.51 28.07 -34.98
N HIS J 83 31.66 27.70 -35.52
CA HIS J 83 32.91 27.70 -34.77
C HIS J 83 33.35 29.13 -34.43
N GLU J 84 33.14 30.08 -35.37
CA GLU J 84 33.46 31.50 -35.18
C GLU J 84 32.67 32.05 -34.01
N ARG J 85 31.44 31.54 -33.80
CA ARG J 85 30.63 31.96 -32.68
C ARG J 85 30.62 30.99 -31.49
N ASN J 86 31.76 30.25 -31.33
CA ASN J 86 31.99 29.32 -30.21
C ASN J 86 30.88 28.27 -30.03
N VAL J 87 30.23 27.81 -31.11
CA VAL J 87 29.22 26.76 -30.95
C VAL J 87 29.70 25.44 -31.52
N GLU J 88 29.44 24.36 -30.76
CA GLU J 88 29.76 23.01 -31.19
C GLU J 88 28.47 22.46 -31.82
N LEU J 89 28.57 22.01 -33.09
CA LEU J 89 27.41 21.48 -33.82
C LEU J 89 27.40 19.95 -33.62
N LEU J 90 26.29 19.42 -33.09
CA LEU J 90 26.11 17.97 -32.87
C LEU J 90 24.82 17.50 -33.50
N GLY J 91 24.92 16.49 -34.37
CA GLY J 91 23.82 15.84 -35.03
C GLY J 91 23.44 14.56 -34.32
N CYS J 92 22.12 14.22 -34.30
CA CYS J 92 21.67 13.06 -33.54
C CYS J 92 20.49 12.29 -34.10
N SER J 93 20.65 10.98 -34.22
CA SER J 93 19.55 10.08 -34.53
C SER J 93 19.70 8.80 -33.71
N VAL J 94 18.65 8.05 -33.71
CA VAL J 94 18.44 6.79 -33.02
C VAL J 94 19.26 5.61 -33.67
N ASP J 95 19.92 5.85 -34.82
CA ASP J 95 20.77 4.87 -35.48
C ASP J 95 22.08 4.55 -34.74
N SER J 96 22.70 3.41 -35.09
CA SER J 96 24.00 3.03 -34.52
C SER J 96 25.11 3.90 -35.17
N LYS J 97 26.28 3.98 -34.51
CA LYS J 97 27.49 4.64 -35.06
C LYS J 97 27.96 3.96 -36.37
N TYR J 98 27.76 2.64 -36.50
CA TYR J 98 28.10 1.88 -37.72
C TYR J 98 27.25 2.33 -38.92
N THR J 99 25.96 2.61 -38.68
CA THR J 99 25.05 3.13 -39.72
C THR J 99 25.48 4.57 -40.11
N HIS J 100 25.80 5.41 -39.12
CA HIS J 100 26.28 6.78 -39.35
C HIS J 100 27.51 6.76 -40.23
N LEU J 101 28.49 5.90 -39.93
CA LEU J 101 29.72 5.78 -40.74
C LEU J 101 29.39 5.32 -42.17
N ALA J 102 28.54 4.31 -42.32
CA ALA J 102 28.10 3.84 -43.63
C ALA J 102 27.41 4.94 -44.45
N TRP J 103 26.66 5.84 -43.80
CA TRP J 103 25.97 6.95 -44.48
C TRP J 103 26.98 7.99 -44.98
N LYS J 104 28.05 8.22 -44.22
CA LYS J 104 29.15 9.10 -44.64
C LYS J 104 29.93 8.51 -45.81
N LYS J 105 30.00 7.17 -45.86
CA LYS J 105 30.74 6.47 -46.90
C LYS J 105 29.93 6.31 -48.18
N THR J 106 28.63 6.60 -48.12
CA THR J 106 27.76 6.64 -49.29
C THR J 106 27.83 8.06 -49.84
N PRO J 107 28.15 8.26 -51.13
CA PRO J 107 28.17 9.64 -51.65
C PRO J 107 26.77 10.25 -51.76
N LEU J 108 26.73 11.58 -51.89
CA LEU J 108 25.49 12.35 -52.03
C LEU J 108 24.67 11.82 -53.19
N ALA J 109 25.35 11.66 -54.35
CA ALA J 109 24.77 11.14 -55.59
C ALA J 109 23.93 9.85 -55.39
N LYS J 110 24.33 8.97 -54.43
CA LYS J 110 23.60 7.74 -54.11
C LYS J 110 22.74 7.84 -52.81
N GLY J 111 22.22 9.03 -52.51
CA GLY J 111 21.41 9.24 -51.31
C GLY J 111 22.13 9.14 -49.96
N GLY J 112 23.33 9.73 -49.89
CA GLY J 112 24.16 9.70 -48.70
C GLY J 112 24.50 11.09 -48.23
N ILE J 113 25.28 11.19 -47.14
CA ILE J 113 25.70 12.49 -46.57
C ILE J 113 27.14 12.87 -46.96
N GLY J 114 27.97 11.89 -47.30
CA GLY J 114 29.36 12.18 -47.63
C GLY J 114 30.18 12.47 -46.39
N ASN J 115 31.43 12.86 -46.58
CA ASN J 115 32.32 13.12 -45.47
C ASN J 115 32.11 14.46 -44.81
N ILE J 116 31.00 14.57 -44.08
CA ILE J 116 30.71 15.76 -43.28
C ILE J 116 31.75 15.88 -42.14
N LYS J 117 32.07 17.12 -41.78
CA LYS J 117 33.10 17.47 -40.79
C LYS J 117 32.59 17.51 -39.35
N HIS J 118 31.29 17.78 -39.14
CA HIS J 118 30.74 17.80 -37.80
C HIS J 118 30.42 16.38 -37.31
N THR J 119 30.24 16.26 -36.01
CA THR J 119 30.05 14.99 -35.31
C THR J 119 28.60 14.51 -35.26
N LEU J 120 28.36 13.20 -35.50
CA LEU J 120 27.03 12.61 -35.41
C LEU J 120 27.02 11.68 -34.22
N LEU J 121 26.03 11.87 -33.31
CA LEU J 121 25.84 11.04 -32.14
C LEU J 121 24.89 9.94 -32.46
N SER J 122 25.16 8.78 -31.87
CA SER J 122 24.32 7.60 -31.96
C SER J 122 23.52 7.48 -30.66
N ASP J 123 22.18 7.65 -30.77
CA ASP J 123 21.25 7.48 -29.66
C ASP J 123 20.64 6.07 -29.77
N ILE J 124 21.50 5.06 -29.62
CA ILE J 124 21.10 3.65 -29.78
C ILE J 124 20.09 3.14 -28.74
N THR J 125 20.13 3.65 -27.51
CA THR J 125 19.16 3.33 -26.46
C THR J 125 17.87 4.18 -26.54
N LYS J 126 17.89 5.33 -27.26
CA LYS J 126 16.82 6.30 -27.40
C LYS J 126 16.69 7.26 -26.16
N SER J 127 17.65 7.21 -25.24
CA SER J 127 17.70 8.01 -24.00
C SER J 127 17.81 9.50 -24.26
N ILE J 128 18.67 9.91 -25.19
CA ILE J 128 18.87 11.34 -25.50
C ILE J 128 17.55 11.87 -26.01
N SER J 129 16.96 11.19 -26.98
CA SER J 129 15.66 11.57 -27.55
C SER J 129 14.58 11.59 -26.50
N LYS J 130 14.56 10.61 -25.58
CA LYS J 130 13.58 10.56 -24.49
C LYS J 130 13.77 11.73 -23.53
N ASP J 131 15.02 12.00 -23.12
CA ASP J 131 15.36 13.09 -22.19
C ASP J 131 15.11 14.50 -22.73
N TYR J 132 15.30 14.68 -24.05
CA TYR J 132 15.05 15.97 -24.70
C TYR J 132 13.58 16.10 -25.16
N ASN J 133 12.73 15.07 -24.96
CA ASN J 133 11.31 15.10 -25.27
C ASN J 133 11.02 15.24 -26.79
N VAL J 134 11.81 14.56 -27.59
CA VAL J 134 11.68 14.60 -29.05
C VAL J 134 11.50 13.20 -29.64
N LEU J 135 11.29 12.17 -28.80
CA LEU J 135 11.11 10.83 -29.33
C LEU J 135 9.66 10.66 -29.69
N PHE J 136 9.40 10.13 -30.89
CA PHE J 136 8.06 9.87 -31.37
C PHE J 136 7.80 8.35 -31.44
N ASP J 137 6.62 7.91 -30.96
CA ASP J 137 6.18 6.50 -30.92
C ASP J 137 7.24 5.47 -30.46
N ASP J 138 8.05 5.82 -29.45
CA ASP J 138 9.11 4.95 -28.92
C ASP J 138 10.02 4.37 -30.02
N SER J 139 10.25 5.10 -31.11
CA SER J 139 11.00 4.60 -32.26
C SER J 139 12.07 5.58 -32.74
N VAL J 140 11.66 6.72 -33.33
CA VAL J 140 12.60 7.66 -33.90
C VAL J 140 12.38 9.03 -33.36
N SER J 141 13.41 9.85 -33.34
CA SER J 141 13.29 11.21 -32.91
C SER J 141 12.58 12.03 -34.02
N LEU J 142 12.13 13.22 -33.64
CA LEU J 142 11.51 14.18 -34.54
C LEU J 142 12.63 15.07 -35.00
N ARG J 143 12.36 15.98 -35.93
CA ARG J 143 13.36 16.97 -36.38
C ARG J 143 13.36 18.09 -35.34
N ALA J 144 14.46 18.28 -34.61
CA ALA J 144 14.54 19.28 -33.55
C ALA J 144 15.91 19.95 -33.44
N PHE J 145 15.94 21.14 -32.86
CA PHE J 145 17.13 21.95 -32.63
C PHE J 145 17.11 22.43 -31.22
N VAL J 146 18.21 22.27 -30.51
CA VAL J 146 18.33 22.70 -29.12
C VAL J 146 19.60 23.52 -28.98
N LEU J 147 19.50 24.78 -28.53
CA LEU J 147 20.66 25.63 -28.33
C LEU J 147 20.91 25.71 -26.86
N ILE J 148 22.06 25.18 -26.42
CA ILE J 148 22.53 25.16 -25.05
C ILE J 148 23.64 26.18 -24.94
N ASP J 149 23.55 27.07 -23.94
CA ASP J 149 24.56 28.10 -23.74
C ASP J 149 25.80 27.56 -23.04
N MET J 150 26.83 28.41 -22.82
CA MET J 150 28.05 27.94 -22.18
C MET J 150 27.92 27.67 -20.69
N ASN J 151 26.82 28.08 -20.04
CA ASN J 151 26.52 27.72 -18.65
C ASN J 151 25.66 26.42 -18.55
N GLY J 152 25.27 25.85 -19.69
CA GLY J 152 24.54 24.59 -19.75
C GLY J 152 23.04 24.76 -19.74
N ILE J 153 22.56 26.00 -19.94
CA ILE J 153 21.13 26.33 -19.91
C ILE J 153 20.59 26.36 -21.33
N VAL J 154 19.43 25.72 -21.53
CA VAL J 154 18.74 25.67 -22.83
C VAL J 154 18.03 27.01 -23.03
N GLN J 155 18.37 27.67 -24.15
CA GLN J 155 17.81 28.98 -24.51
C GLN J 155 16.78 28.94 -25.63
N HIS J 156 16.87 27.94 -26.51
CA HIS J 156 16.00 27.81 -27.67
C HIS J 156 15.74 26.34 -27.95
N LEU J 157 14.49 26.04 -28.34
CA LEU J 157 14.02 24.70 -28.71
C LEU J 157 13.09 24.80 -29.90
N LEU J 158 13.37 24.07 -31.00
CA LEU J 158 12.49 24.00 -32.16
C LEU J 158 12.20 22.54 -32.45
N VAL J 159 10.92 22.15 -32.57
CA VAL J 159 10.49 20.76 -32.87
C VAL J 159 9.54 20.80 -34.06
N ASN J 160 9.91 20.08 -35.12
CA ASN J 160 9.12 19.94 -36.34
C ASN J 160 8.72 18.50 -36.48
N ASN J 161 7.44 18.30 -36.80
CA ASN J 161 6.92 16.97 -37.11
C ASN J 161 7.21 16.58 -38.59
N LEU J 162 7.38 17.57 -39.48
CA LEU J 162 7.56 17.39 -40.91
C LEU J 162 8.97 17.78 -41.38
N ALA J 163 9.38 17.22 -42.53
CA ALA J 163 10.67 17.52 -43.15
C ALA J 163 10.50 18.78 -44.01
N ILE J 164 10.34 19.94 -43.35
CA ILE J 164 10.11 21.23 -44.00
C ILE J 164 11.35 22.13 -44.10
N GLY J 165 12.39 21.80 -43.38
CA GLY J 165 13.63 22.54 -43.42
C GLY J 165 13.67 23.75 -42.51
N ARG J 166 14.90 24.24 -42.30
CA ARG J 166 15.18 25.42 -41.49
C ARG J 166 16.38 26.17 -42.07
N SER J 167 16.23 27.47 -42.25
CA SER J 167 17.32 28.29 -42.74
C SER J 167 18.48 28.29 -41.73
N VAL J 168 19.70 28.12 -42.23
CA VAL J 168 20.91 28.20 -41.43
C VAL J 168 21.13 29.68 -41.05
N ASP J 169 20.71 30.64 -41.91
CA ASP J 169 20.84 32.06 -41.61
C ASP J 169 20.00 32.43 -40.43
N GLU J 170 18.80 31.82 -40.32
CA GLU J 170 17.89 32.05 -39.22
C GLU J 170 18.44 31.48 -37.93
N ILE J 171 19.13 30.32 -38.00
CA ILE J 171 19.74 29.69 -36.84
C ILE J 171 20.84 30.61 -36.32
N LEU J 172 21.69 31.07 -37.24
CA LEU J 172 22.78 31.98 -36.91
C LEU J 172 22.29 33.31 -36.42
N ARG J 173 21.10 33.75 -36.87
CA ARG J 173 20.50 35.00 -36.38
C ARG J 173 20.02 34.86 -34.90
N ILE J 174 19.46 33.70 -34.55
CA ILE J 174 19.02 33.38 -33.19
C ILE J 174 20.26 33.34 -32.27
N ILE J 175 21.29 32.62 -32.68
CA ILE J 175 22.53 32.51 -31.90
C ILE J 175 23.13 33.88 -31.60
N ASP J 176 23.19 34.72 -32.65
CA ASP J 176 23.70 36.09 -32.56
C ASP J 176 22.85 36.95 -31.64
N ALA J 177 21.54 36.75 -31.58
CA ALA J 177 20.67 37.50 -30.68
C ALA J 177 20.96 37.13 -29.20
N ILE J 178 21.04 35.86 -28.94
CA ILE J 178 21.37 35.32 -27.60
C ILE J 178 22.77 35.76 -27.14
N GLN J 179 23.77 35.70 -28.03
CA GLN J 179 25.14 36.10 -27.68
C GLN J 179 25.33 37.61 -27.56
N HIS J 180 24.41 38.42 -28.10
CA HIS J 180 24.49 39.87 -27.96
C HIS J 180 23.55 40.38 -26.85
N HIS J 181 22.66 39.55 -26.37
CA HIS J 181 21.63 39.96 -25.42
C HIS J 181 20.80 41.07 -26.03
N GLU J 182 20.54 40.91 -27.31
CA GLU J 182 19.76 41.83 -28.13
C GLU J 182 18.49 41.06 -28.53
N LYS J 183 17.43 41.80 -28.84
CA LYS J 183 16.12 41.23 -29.16
C LYS J 183 16.03 40.76 -30.59
N TYR J 184 15.21 39.72 -30.83
CA TYR J 184 14.97 39.16 -32.15
C TYR J 184 13.49 39.39 -32.57
N GLY J 185 13.25 39.46 -33.88
CA GLY J 185 11.92 39.63 -34.45
C GLY J 185 11.75 40.89 -35.27
N ASP J 186 10.52 41.46 -35.28
CA ASP J 186 10.23 42.68 -36.04
C ASP J 186 10.61 43.95 -35.26
N VAL J 187 10.76 45.05 -36.01
CA VAL J 187 11.11 46.37 -35.47
C VAL J 187 10.02 46.83 -34.48
N CYS J 188 10.43 47.49 -33.40
CA CYS J 188 9.49 47.99 -32.42
C CYS J 188 8.91 49.29 -32.93
N PRO J 189 7.60 49.44 -32.88
CA PRO J 189 7.03 50.71 -33.40
C PRO J 189 7.60 51.95 -32.69
N ALA J 190 7.85 53.02 -33.47
CA ALA J 190 8.45 54.27 -32.99
C ALA J 190 7.68 54.90 -31.85
N ASN J 191 6.35 54.94 -31.99
CA ASN J 191 5.44 55.50 -30.99
C ASN J 191 5.42 54.75 -29.64
N TRP J 192 5.83 53.45 -29.60
CA TRP J 192 5.82 52.70 -28.35
C TRP J 192 6.86 53.21 -27.34
N GLN J 193 6.37 53.61 -26.16
CA GLN J 193 7.18 54.12 -25.05
C GLN J 193 6.61 53.53 -23.76
N LYS J 194 7.50 53.04 -22.86
CA LYS J 194 7.08 52.48 -21.57
C LYS J 194 6.32 53.55 -20.74
N GLY J 195 5.27 53.13 -20.04
CA GLY J 195 4.43 54.03 -19.25
C GLY J 195 5.11 54.67 -18.07
N LYS J 196 4.57 55.81 -17.60
CA LYS J 196 5.11 56.54 -16.45
C LYS J 196 4.02 57.28 -15.64
N VAL J 197 4.36 57.67 -14.40
CA VAL J 197 3.43 58.39 -13.47
C VAL J 197 3.05 59.82 -13.92
N SER J 198 2.01 60.39 -13.27
CA SER J 198 1.53 61.76 -13.56
C SER J 198 2.30 62.79 -12.72
#